data_3IY6
# 
_entry.id   3IY6 
# 
_audit_conform.dict_name       mmcif_pdbx.dic 
_audit_conform.dict_version    5.399 
_audit_conform.dict_location   http://mmcif.pdb.org/dictionaries/ascii/mmcif_pdbx.dic 
# 
loop_
_database_2.database_id 
_database_2.database_code 
_database_2.pdbx_database_accession 
_database_2.pdbx_DOI 
PDB   3IY6         pdb_00003iy6 10.2210/pdb3iy6/pdb 
RCSB  RCSB160012   ?            ?                   
WWPDB D_1000160012 ?            ?                   
# 
loop_
_pdbx_audit_revision_history.ordinal 
_pdbx_audit_revision_history.data_content_type 
_pdbx_audit_revision_history.major_revision 
_pdbx_audit_revision_history.minor_revision 
_pdbx_audit_revision_history.revision_date 
1 'Structure model' 1 0 2009-05-12 
2 'Structure model' 1 1 2011-07-13 
3 'Structure model' 1 2 2018-07-18 
4 'Structure model' 1 3 2024-11-20 
# 
_pdbx_audit_revision_details.ordinal             1 
_pdbx_audit_revision_details.revision_ordinal    1 
_pdbx_audit_revision_details.data_content_type   'Structure model' 
_pdbx_audit_revision_details.provider            repository 
_pdbx_audit_revision_details.type                'Initial release' 
_pdbx_audit_revision_details.description         ? 
_pdbx_audit_revision_details.details             ? 
# 
loop_
_pdbx_audit_revision_group.ordinal 
_pdbx_audit_revision_group.revision_ordinal 
_pdbx_audit_revision_group.data_content_type 
_pdbx_audit_revision_group.group 
1 2 'Structure model' 'Version format compliance' 
2 3 'Structure model' 'Data collection'           
3 4 'Structure model' 'Data collection'           
4 4 'Structure model' 'Database references'       
5 4 'Structure model' 'Structure summary'         
# 
loop_
_pdbx_audit_revision_category.ordinal 
_pdbx_audit_revision_category.revision_ordinal 
_pdbx_audit_revision_category.data_content_type 
_pdbx_audit_revision_category.category 
1 3 'Structure model' em_software               
2 4 'Structure model' chem_comp_atom            
3 4 'Structure model' chem_comp_bond            
4 4 'Structure model' database_2                
5 4 'Structure model' pdbx_entry_details        
6 4 'Structure model' pdbx_modification_feature 
# 
loop_
_pdbx_audit_revision_item.ordinal 
_pdbx_audit_revision_item.revision_ordinal 
_pdbx_audit_revision_item.data_content_type 
_pdbx_audit_revision_item.item 
1 3 'Structure model' '_em_software.image_processing_id'    
2 4 'Structure model' '_database_2.pdbx_DOI'                
3 4 'Structure model' '_database_2.pdbx_database_accession' 
# 
_database_PDB_caveat.id     1 
_database_PDB_caveat.text   'Chirality error at CA center of VAL 113 of chain B' 
# 
_pdbx_database_status.status_code                     REL 
_pdbx_database_status.entry_id                        3IY6 
_pdbx_database_status.recvd_initial_deposition_date   2009-04-09 
_pdbx_database_status.deposit_site                    RCSB 
_pdbx_database_status.process_site                    RCSB 
_pdbx_database_status.status_code_sf                  ? 
_pdbx_database_status.status_code_mr                  ? 
_pdbx_database_status.SG_entry                        ? 
_pdbx_database_status.pdb_format_compatible           Y 
_pdbx_database_status.status_code_cs                  ? 
_pdbx_database_status.methods_development_category    ? 
_pdbx_database_status.status_code_nmr_data            ? 
# 
_pdbx_database_related.db_name        EMDB 
_pdbx_database_related.db_id          EMD-5111 
_pdbx_database_related.content_type   'associated EM volume' 
_pdbx_database_related.details        
;the cryoEM reconstruction  
of the virus-Fab E complex
;
# 
loop_
_audit_author.name 
_audit_author.pdbx_ordinal 
'Hafenstein, S.' 1 
'Bowman, V.D.'   2 
'Sun, T.'        3 
'Nelson, C.D.'   4 
'Palermo, L.M.'  5 
'Chipman, P.R.'  6 
'Battisti, A.J.' 7 
'Parrish, C.R.'  8 
'Rossmann, M.G.' 9 
# 
_citation.id                        primary 
_citation.title                     'Structural comparison of different antibodies interacting with parvovirus capsids' 
_citation.journal_abbrev            J.Virol. 
_citation.journal_volume            83 
_citation.page_first                5556 
_citation.page_last                 5566 
_citation.year                      2009 
_citation.journal_id_ASTM           JOVIAM 
_citation.country                   US 
_citation.journal_id_ISSN           0022-538X 
_citation.journal_id_CSD            0825 
_citation.book_publisher            ? 
_citation.pdbx_database_id_PubMed   19321620 
_citation.pdbx_database_id_DOI      10.1128/JVI.02532-08 
# 
loop_
_citation_author.citation_id 
_citation_author.name 
_citation_author.ordinal 
_citation_author.identifier_ORCID 
primary 'Hafenstein, S.' 1 ? 
primary 'Bowman, V.D.'   2 ? 
primary 'Sun, T.'        3 ? 
primary 'Nelson, C.D.'   4 ? 
primary 'Palermo, L.M.'  5 ? 
primary 'Chipman, P.R.'  6 ? 
primary 'Battisti, A.J.' 7 ? 
primary 'Parrish, C.R.'  8 ? 
primary 'Rossmann, M.G.' 9 ? 
# 
loop_
_entity.id 
_entity.type 
_entity.src_method 
_entity.pdbx_description 
_entity.formula_weight 
_entity.pdbx_number_of_molecules 
_entity.pdbx_ec 
_entity.pdbx_mutation 
_entity.pdbx_fragment 
_entity.details 
1 polymer nat 'fragment from neutralizing antibody E (light chain)' 11745.118 1 ? ? 'FAb E' ? 
2 polymer nat 'fragment from neutralizing antibody E (heavy chain)' 12739.242 1 ? ? ?       ? 
# 
loop_
_entity_poly.entity_id 
_entity_poly.type 
_entity_poly.nstd_linkage 
_entity_poly.nstd_monomer 
_entity_poly.pdbx_seq_one_letter_code 
_entity_poly.pdbx_seq_one_letter_code_can 
_entity_poly.pdbx_strand_id 
_entity_poly.pdbx_target_identifier 
1 'polypeptide(L)' no no 
;LMTQIPASMSISVGDRVTMNCKASQNVDSNVDWYQQKTGQSPNLLIYKASNRNTGVPDRFTGSGSGTDFTFTISNMQAED
LAVYYCMQSTSYPLTFGSGTKLEIKRA
;
;LMTQIPASMSISVGDRVTMNCKASQNVDSNVDWYQQKTGQSPNLLIYKASNRNTGVPDRFTGSGSGTDFTFTISNMQAED
LAVYYCMQSTSYPLTFGSGTKLEIKRA
;
A ? 
2 'polypeptide(L)' no no 
;SGPGLVQPSQTLSLTCTVSGFSLSSYHVHWVRQPPGKGLEWLGVMWNDGDTSYNLALNSRLSISRDTSKSQVFFKMSSLQ
TEDTATYYCARPELPGLTYGVWFPYWGQGTLVTVS
;
;SGPGLVQPSQTLSLTCTVSGFSLSSYHVHWVRQPPGKGLEWLGVMWNDGDTSYNLALNSRLSISRDTSKSQVFFKMSSLQ
TEDTATYYCARPELPGLTYGVWFPYWGQGTLVTVS
;
B ? 
# 
loop_
_entity_poly_seq.entity_id 
_entity_poly_seq.num 
_entity_poly_seq.mon_id 
_entity_poly_seq.hetero 
1 1   LEU n 
1 2   MET n 
1 3   THR n 
1 4   GLN n 
1 5   ILE n 
1 6   PRO n 
1 7   ALA n 
1 8   SER n 
1 9   MET n 
1 10  SER n 
1 11  ILE n 
1 12  SER n 
1 13  VAL n 
1 14  GLY n 
1 15  ASP n 
1 16  ARG n 
1 17  VAL n 
1 18  THR n 
1 19  MET n 
1 20  ASN n 
1 21  CYS n 
1 22  LYS n 
1 23  ALA n 
1 24  SER n 
1 25  GLN n 
1 26  ASN n 
1 27  VAL n 
1 28  ASP n 
1 29  SER n 
1 30  ASN n 
1 31  VAL n 
1 32  ASP n 
1 33  TRP n 
1 34  TYR n 
1 35  GLN n 
1 36  GLN n 
1 37  LYS n 
1 38  THR n 
1 39  GLY n 
1 40  GLN n 
1 41  SER n 
1 42  PRO n 
1 43  ASN n 
1 44  LEU n 
1 45  LEU n 
1 46  ILE n 
1 47  TYR n 
1 48  LYS n 
1 49  ALA n 
1 50  SER n 
1 51  ASN n 
1 52  ARG n 
1 53  ASN n 
1 54  THR n 
1 55  GLY n 
1 56  VAL n 
1 57  PRO n 
1 58  ASP n 
1 59  ARG n 
1 60  PHE n 
1 61  THR n 
1 62  GLY n 
1 63  SER n 
1 64  GLY n 
1 65  SER n 
1 66  GLY n 
1 67  THR n 
1 68  ASP n 
1 69  PHE n 
1 70  THR n 
1 71  PHE n 
1 72  THR n 
1 73  ILE n 
1 74  SER n 
1 75  ASN n 
1 76  MET n 
1 77  GLN n 
1 78  ALA n 
1 79  GLU n 
1 80  ASP n 
1 81  LEU n 
1 82  ALA n 
1 83  VAL n 
1 84  TYR n 
1 85  TYR n 
1 86  CYS n 
1 87  MET n 
1 88  GLN n 
1 89  SER n 
1 90  THR n 
1 91  SER n 
1 92  TYR n 
1 93  PRO n 
1 94  LEU n 
1 95  THR n 
1 96  PHE n 
1 97  GLY n 
1 98  SER n 
1 99  GLY n 
1 100 THR n 
1 101 LYS n 
1 102 LEU n 
1 103 GLU n 
1 104 ILE n 
1 105 LYS n 
1 106 ARG n 
1 107 ALA n 
2 1   SER n 
2 2   GLY n 
2 3   PRO n 
2 4   GLY n 
2 5   LEU n 
2 6   VAL n 
2 7   GLN n 
2 8   PRO n 
2 9   SER n 
2 10  GLN n 
2 11  THR n 
2 12  LEU n 
2 13  SER n 
2 14  LEU n 
2 15  THR n 
2 16  CYS n 
2 17  THR n 
2 18  VAL n 
2 19  SER n 
2 20  GLY n 
2 21  PHE n 
2 22  SER n 
2 23  LEU n 
2 24  SER n 
2 25  SER n 
2 26  TYR n 
2 27  HIS n 
2 28  VAL n 
2 29  HIS n 
2 30  TRP n 
2 31  VAL n 
2 32  ARG n 
2 33  GLN n 
2 34  PRO n 
2 35  PRO n 
2 36  GLY n 
2 37  LYS n 
2 38  GLY n 
2 39  LEU n 
2 40  GLU n 
2 41  TRP n 
2 42  LEU n 
2 43  GLY n 
2 44  VAL n 
2 45  MET n 
2 46  TRP n 
2 47  ASN n 
2 48  ASP n 
2 49  GLY n 
2 50  ASP n 
2 51  THR n 
2 52  SER n 
2 53  TYR n 
2 54  ASN n 
2 55  LEU n 
2 56  ALA n 
2 57  LEU n 
2 58  ASN n 
2 59  SER n 
2 60  ARG n 
2 61  LEU n 
2 62  SER n 
2 63  ILE n 
2 64  SER n 
2 65  ARG n 
2 66  ASP n 
2 67  THR n 
2 68  SER n 
2 69  LYS n 
2 70  SER n 
2 71  GLN n 
2 72  VAL n 
2 73  PHE n 
2 74  PHE n 
2 75  LYS n 
2 76  MET n 
2 77  SER n 
2 78  SER n 
2 79  LEU n 
2 80  GLN n 
2 81  THR n 
2 82  GLU n 
2 83  ASP n 
2 84  THR n 
2 85  ALA n 
2 86  THR n 
2 87  TYR n 
2 88  TYR n 
2 89  CYS n 
2 90  ALA n 
2 91  ARG n 
2 92  PRO n 
2 93  GLU n 
2 94  LEU n 
2 95  PRO n 
2 96  GLY n 
2 97  LEU n 
2 98  THR n 
2 99  TYR n 
2 100 GLY n 
2 101 VAL n 
2 102 TRP n 
2 103 PHE n 
2 104 PRO n 
2 105 TYR n 
2 106 TRP n 
2 107 GLY n 
2 108 GLN n 
2 109 GLY n 
2 110 THR n 
2 111 LEU n 
2 112 VAL n 
2 113 THR n 
2 114 VAL n 
2 115 SER n 
# 
loop_
_entity_src_nat.entity_id 
_entity_src_nat.pdbx_src_id 
_entity_src_nat.pdbx_alt_source_flag 
_entity_src_nat.pdbx_beg_seq_num 
_entity_src_nat.pdbx_end_seq_num 
_entity_src_nat.common_name 
_entity_src_nat.pdbx_organism_scientific 
_entity_src_nat.pdbx_ncbi_taxonomy_id 
_entity_src_nat.genus 
_entity_src_nat.species 
_entity_src_nat.strain 
_entity_src_nat.tissue 
_entity_src_nat.tissue_fraction 
_entity_src_nat.pdbx_secretion 
_entity_src_nat.pdbx_fragment 
_entity_src_nat.pdbx_variant 
_entity_src_nat.pdbx_cell_line 
_entity_src_nat.pdbx_atcc 
_entity_src_nat.pdbx_cellular_location 
_entity_src_nat.pdbx_organ 
_entity_src_nat.pdbx_organelle 
_entity_src_nat.pdbx_cell 
_entity_src_nat.pdbx_plasmid_name 
_entity_src_nat.pdbx_plasmid_details 
_entity_src_nat.details 
1 1 sample ? ? ? 'Rattus norvegicus' 10116 ? ? ? ? ? ? ? ? ? ? ? ? ? ? ? ? ? 
2 1 sample ? ? ? 'Rattus norvegicus' 10116 ? ? ? ? ? ? ? ? ? ? ? ? ? ? ? ? ? 
# 
loop_
_chem_comp.id 
_chem_comp.type 
_chem_comp.mon_nstd_flag 
_chem_comp.name 
_chem_comp.pdbx_synonyms 
_chem_comp.formula 
_chem_comp.formula_weight 
ALA 'L-peptide linking' y ALANINE         ? 'C3 H7 N O2'     89.093  
ARG 'L-peptide linking' y ARGININE        ? 'C6 H15 N4 O2 1' 175.209 
ASN 'L-peptide linking' y ASPARAGINE      ? 'C4 H8 N2 O3'    132.118 
ASP 'L-peptide linking' y 'ASPARTIC ACID' ? 'C4 H7 N O4'     133.103 
CYS 'L-peptide linking' y CYSTEINE        ? 'C3 H7 N O2 S'   121.158 
GLN 'L-peptide linking' y GLUTAMINE       ? 'C5 H10 N2 O3'   146.144 
GLU 'L-peptide linking' y 'GLUTAMIC ACID' ? 'C5 H9 N O4'     147.129 
GLY 'peptide linking'   y GLYCINE         ? 'C2 H5 N O2'     75.067  
HIS 'L-peptide linking' y HISTIDINE       ? 'C6 H10 N3 O2 1' 156.162 
ILE 'L-peptide linking' y ISOLEUCINE      ? 'C6 H13 N O2'    131.173 
LEU 'L-peptide linking' y LEUCINE         ? 'C6 H13 N O2'    131.173 
LYS 'L-peptide linking' y LYSINE          ? 'C6 H15 N2 O2 1' 147.195 
MET 'L-peptide linking' y METHIONINE      ? 'C5 H11 N O2 S'  149.211 
PHE 'L-peptide linking' y PHENYLALANINE   ? 'C9 H11 N O2'    165.189 
PRO 'L-peptide linking' y PROLINE         ? 'C5 H9 N O2'     115.130 
SER 'L-peptide linking' y SERINE          ? 'C3 H7 N O3'     105.093 
THR 'L-peptide linking' y THREONINE       ? 'C4 H9 N O3'     119.119 
TRP 'L-peptide linking' y TRYPTOPHAN      ? 'C11 H12 N2 O2'  204.225 
TYR 'L-peptide linking' y TYROSINE        ? 'C9 H11 N O3'    181.189 
VAL 'L-peptide linking' y VALINE          ? 'C5 H11 N O2'    117.146 
# 
loop_
_pdbx_poly_seq_scheme.asym_id 
_pdbx_poly_seq_scheme.entity_id 
_pdbx_poly_seq_scheme.seq_id 
_pdbx_poly_seq_scheme.mon_id 
_pdbx_poly_seq_scheme.ndb_seq_num 
_pdbx_poly_seq_scheme.pdb_seq_num 
_pdbx_poly_seq_scheme.auth_seq_num 
_pdbx_poly_seq_scheme.pdb_mon_id 
_pdbx_poly_seq_scheme.auth_mon_id 
_pdbx_poly_seq_scheme.pdb_strand_id 
_pdbx_poly_seq_scheme.pdb_ins_code 
_pdbx_poly_seq_scheme.hetero 
A 1 1   LEU 1   1   1   LEU LEU A . n 
A 1 2   MET 2   2   2   MET MET A . n 
A 1 3   THR 3   3   3   THR THR A . n 
A 1 4   GLN 4   4   4   GLN GLN A . n 
A 1 5   ILE 5   5   5   ILE ILE A . n 
A 1 6   PRO 6   6   6   PRO PRO A . n 
A 1 7   ALA 7   7   7   ALA ALA A . n 
A 1 8   SER 8   8   8   SER SER A . n 
A 1 9   MET 9   9   9   MET MET A . n 
A 1 10  SER 10  10  10  SER SER A . n 
A 1 11  ILE 11  11  11  ILE ILE A . n 
A 1 12  SER 12  12  12  SER SER A . n 
A 1 13  VAL 13  13  13  VAL VAL A . n 
A 1 14  GLY 14  14  14  GLY GLY A . n 
A 1 15  ASP 15  15  15  ASP ASP A . n 
A 1 16  ARG 16  16  16  ARG ARG A . n 
A 1 17  VAL 17  17  17  VAL VAL A . n 
A 1 18  THR 18  18  18  THR THR A . n 
A 1 19  MET 19  19  19  MET MET A . n 
A 1 20  ASN 20  20  20  ASN ASN A . n 
A 1 21  CYS 21  21  21  CYS CYS A . n 
A 1 22  LYS 22  22  22  LYS LYS A . n 
A 1 23  ALA 23  23  23  ALA ALA A . n 
A 1 24  SER 24  24  24  SER SER A . n 
A 1 25  GLN 25  25  25  GLN GLN A . n 
A 1 26  ASN 26  26  26  ASN ASN A . n 
A 1 27  VAL 27  27  27  VAL VAL A . n 
A 1 28  ASP 28  28  28  ASP ASP A . n 
A 1 29  SER 29  29  29  SER SER A . n 
A 1 30  ASN 30  30  30  ASN ASN A . n 
A 1 31  VAL 31  31  31  VAL VAL A . n 
A 1 32  ASP 32  32  32  ASP ASP A . n 
A 1 33  TRP 33  33  33  TRP TRP A . n 
A 1 34  TYR 34  34  34  TYR TYR A . n 
A 1 35  GLN 35  35  35  GLN GLN A . n 
A 1 36  GLN 36  36  36  GLN GLN A . n 
A 1 37  LYS 37  37  37  LYS LYS A . n 
A 1 38  THR 38  38  38  THR THR A . n 
A 1 39  GLY 39  39  39  GLY GLY A . n 
A 1 40  GLN 40  40  40  GLN GLN A . n 
A 1 41  SER 41  41  41  SER SER A . n 
A 1 42  PRO 42  42  42  PRO PRO A . n 
A 1 43  ASN 43  43  43  ASN ASN A . n 
A 1 44  LEU 44  44  44  LEU LEU A . n 
A 1 45  LEU 45  45  45  LEU LEU A . n 
A 1 46  ILE 46  46  46  ILE ILE A . n 
A 1 47  TYR 47  47  47  TYR TYR A . n 
A 1 48  LYS 48  48  48  LYS LYS A . n 
A 1 49  ALA 49  49  49  ALA ALA A . n 
A 1 50  SER 50  50  50  SER SER A . n 
A 1 51  ASN 51  51  51  ASN ASN A . n 
A 1 52  ARG 52  52  52  ARG ARG A . n 
A 1 53  ASN 53  53  53  ASN ASN A . n 
A 1 54  THR 54  54  54  THR THR A . n 
A 1 55  GLY 55  55  55  GLY GLY A . n 
A 1 56  VAL 56  56  56  VAL VAL A . n 
A 1 57  PRO 57  57  57  PRO PRO A . n 
A 1 58  ASP 58  58  58  ASP ASP A . n 
A 1 59  ARG 59  59  59  ARG ARG A . n 
A 1 60  PHE 60  60  60  PHE PHE A . n 
A 1 61  THR 61  61  61  THR THR A . n 
A 1 62  GLY 62  62  62  GLY GLY A . n 
A 1 63  SER 63  63  63  SER SER A . n 
A 1 64  GLY 64  64  64  GLY GLY A . n 
A 1 65  SER 65  65  65  SER SER A . n 
A 1 66  GLY 66  66  66  GLY GLY A . n 
A 1 67  THR 67  67  67  THR THR A . n 
A 1 68  ASP 68  68  68  ASP ASP A . n 
A 1 69  PHE 69  69  69  PHE PHE A . n 
A 1 70  THR 70  70  70  THR THR A . n 
A 1 71  PHE 71  71  71  PHE PHE A . n 
A 1 72  THR 72  72  72  THR THR A . n 
A 1 73  ILE 73  73  73  ILE ILE A . n 
A 1 74  SER 74  74  74  SER SER A . n 
A 1 75  ASN 75  75  75  ASN ASN A . n 
A 1 76  MET 76  76  76  MET MET A . n 
A 1 77  GLN 77  77  77  GLN GLN A . n 
A 1 78  ALA 78  78  78  ALA ALA A . n 
A 1 79  GLU 79  79  79  GLU GLU A . n 
A 1 80  ASP 80  80  80  ASP ASP A . n 
A 1 81  LEU 81  81  81  LEU LEU A . n 
A 1 82  ALA 82  82  82  ALA ALA A . n 
A 1 83  VAL 83  83  83  VAL VAL A . n 
A 1 84  TYR 84  84  84  TYR TYR A . n 
A 1 85  TYR 85  85  85  TYR TYR A . n 
A 1 86  CYS 86  86  86  CYS CYS A . n 
A 1 87  MET 87  87  87  MET MET A . n 
A 1 88  GLN 88  88  88  GLN GLN A . n 
A 1 89  SER 89  89  89  SER SER A . n 
A 1 90  THR 90  90  90  THR THR A . n 
A 1 91  SER 91  91  91  SER SER A . n 
A 1 92  TYR 92  92  92  TYR TYR A . n 
A 1 93  PRO 93  93  93  PRO PRO A . n 
A 1 94  LEU 94  94  94  LEU LEU A . n 
A 1 95  THR 95  95  95  THR THR A . n 
A 1 96  PHE 96  96  96  PHE PHE A . n 
A 1 97  GLY 97  97  97  GLY GLY A . n 
A 1 98  SER 98  98  98  SER SER A . n 
A 1 99  GLY 99  99  99  GLY GLY A . n 
A 1 100 THR 100 100 100 THR THR A . n 
A 1 101 LYS 101 101 101 LYS LYS A . n 
A 1 102 LEU 102 102 102 LEU LEU A . n 
A 1 103 GLU 103 103 103 GLU GLU A . n 
A 1 104 ILE 104 104 104 ILE ILE A . n 
A 1 105 LYS 105 105 105 LYS LYS A . n 
A 1 106 ARG 106 106 106 ARG ARG A . n 
A 1 107 ALA 107 107 107 ALA ALA A . n 
B 2 1   SER 1   108 108 SER SER B . n 
B 2 2   GLY 2   109 109 GLY GLY B . n 
B 2 3   PRO 3   110 110 PRO PRO B . n 
B 2 4   GLY 4   111 111 GLY GLY B . n 
B 2 5   LEU 5   112 112 LEU LEU B . n 
B 2 6   VAL 6   113 113 VAL VAL B . n 
B 2 7   GLN 7   114 114 GLN GLN B . n 
B 2 8   PRO 8   115 115 PRO PRO B . n 
B 2 9   SER 9   116 116 SER SER B . n 
B 2 10  GLN 10  117 117 GLN GLN B . n 
B 2 11  THR 11  118 118 THR THR B . n 
B 2 12  LEU 12  119 119 LEU LEU B . n 
B 2 13  SER 13  120 120 SER SER B . n 
B 2 14  LEU 14  121 121 LEU LEU B . n 
B 2 15  THR 15  122 122 THR THR B . n 
B 2 16  CYS 16  123 123 CYS CYS B . n 
B 2 17  THR 17  124 124 THR THR B . n 
B 2 18  VAL 18  125 125 VAL VAL B . n 
B 2 19  SER 19  126 126 SER SER B . n 
B 2 20  GLY 20  127 127 GLY GLY B . n 
B 2 21  PHE 21  128 128 PHE PHE B . n 
B 2 22  SER 22  129 129 SER SER B . n 
B 2 23  LEU 23  130 130 LEU LEU B . n 
B 2 24  SER 24  131 131 SER SER B . n 
B 2 25  SER 25  132 132 SER SER B . n 
B 2 26  TYR 26  133 133 TYR TYR B . n 
B 2 27  HIS 27  134 134 HIS HIS B . n 
B 2 28  VAL 28  135 135 VAL VAL B . n 
B 2 29  HIS 29  136 136 HIS HIS B . n 
B 2 30  TRP 30  137 137 TRP TRP B . n 
B 2 31  VAL 31  138 138 VAL VAL B . n 
B 2 32  ARG 32  139 139 ARG ARG B . n 
B 2 33  GLN 33  140 140 GLN GLN B . n 
B 2 34  PRO 34  141 141 PRO PRO B . n 
B 2 35  PRO 35  142 142 PRO PRO B . n 
B 2 36  GLY 36  143 143 GLY GLY B . n 
B 2 37  LYS 37  144 144 LYS LYS B . n 
B 2 38  GLY 38  145 145 GLY GLY B . n 
B 2 39  LEU 39  146 146 LEU LEU B . n 
B 2 40  GLU 40  147 147 GLU GLU B . n 
B 2 41  TRP 41  148 148 TRP TRP B . n 
B 2 42  LEU 42  149 149 LEU LEU B . n 
B 2 43  GLY 43  150 150 GLY GLY B . n 
B 2 44  VAL 44  151 151 VAL VAL B . n 
B 2 45  MET 45  152 152 MET MET B . n 
B 2 46  TRP 46  153 153 TRP TRP B . n 
B 2 47  ASN 47  154 154 ASN ASN B . n 
B 2 48  ASP 48  155 155 ASP ASP B . n 
B 2 49  GLY 49  156 156 GLY GLY B . n 
B 2 50  ASP 50  157 157 ASP ASP B . n 
B 2 51  THR 51  158 158 THR THR B . n 
B 2 52  SER 52  159 159 SER SER B . n 
B 2 53  TYR 53  160 160 TYR TYR B . n 
B 2 54  ASN 54  161 161 ASN ASN B . n 
B 2 55  LEU 55  162 162 LEU LEU B . n 
B 2 56  ALA 56  163 163 ALA ALA B . n 
B 2 57  LEU 57  164 164 LEU LEU B . n 
B 2 58  ASN 58  165 165 ASN ASN B . n 
B 2 59  SER 59  166 166 SER SER B . n 
B 2 60  ARG 60  167 167 ARG ARG B . n 
B 2 61  LEU 61  168 168 LEU LEU B . n 
B 2 62  SER 62  169 169 SER SER B . n 
B 2 63  ILE 63  170 170 ILE ILE B . n 
B 2 64  SER 64  171 171 SER SER B . n 
B 2 65  ARG 65  172 172 ARG ARG B . n 
B 2 66  ASP 66  173 173 ASP ASP B . n 
B 2 67  THR 67  174 174 THR THR B . n 
B 2 68  SER 68  175 175 SER SER B . n 
B 2 69  LYS 69  176 176 LYS LYS B . n 
B 2 70  SER 70  177 177 SER SER B . n 
B 2 71  GLN 71  178 178 GLN GLN B . n 
B 2 72  VAL 72  179 179 VAL VAL B . n 
B 2 73  PHE 73  180 180 PHE PHE B . n 
B 2 74  PHE 74  181 181 PHE PHE B . n 
B 2 75  LYS 75  182 182 LYS LYS B . n 
B 2 76  MET 76  183 183 MET MET B . n 
B 2 77  SER 77  184 184 SER SER B . n 
B 2 78  SER 78  185 185 SER SER B . n 
B 2 79  LEU 79  186 186 LEU LEU B . n 
B 2 80  GLN 80  187 187 GLN GLN B . n 
B 2 81  THR 81  188 188 THR THR B . n 
B 2 82  GLU 82  189 189 GLU GLU B . n 
B 2 83  ASP 83  190 190 ASP ASP B . n 
B 2 84  THR 84  191 191 THR THR B . n 
B 2 85  ALA 85  192 192 ALA ALA B . n 
B 2 86  THR 86  193 193 THR THR B . n 
B 2 87  TYR 87  194 194 TYR TYR B . n 
B 2 88  TYR 88  195 195 TYR TYR B . n 
B 2 89  CYS 89  196 196 CYS CYS B . n 
B 2 90  ALA 90  197 197 ALA ALA B . n 
B 2 91  ARG 91  198 198 ARG ARG B . n 
B 2 92  PRO 92  199 199 PRO PRO B . n 
B 2 93  GLU 93  200 200 GLU GLU B . n 
B 2 94  LEU 94  201 201 LEU LEU B . n 
B 2 95  PRO 95  202 202 PRO PRO B . n 
B 2 96  GLY 96  203 203 GLY GLY B . n 
B 2 97  LEU 97  204 204 LEU LEU B . n 
B 2 98  THR 98  205 205 THR THR B . n 
B 2 99  TYR 99  206 206 TYR TYR B . n 
B 2 100 GLY 100 207 207 GLY GLY B . n 
B 2 101 VAL 101 208 208 VAL VAL B . n 
B 2 102 TRP 102 209 209 TRP TRP B . n 
B 2 103 PHE 103 210 210 PHE PHE B . n 
B 2 104 PRO 104 211 211 PRO PRO B . n 
B 2 105 TYR 105 212 212 TYR TYR B . n 
B 2 106 TRP 106 213 213 TRP TRP B . n 
B 2 107 GLY 107 214 214 GLY GLY B . n 
B 2 108 GLN 108 215 215 GLN GLN B . n 
B 2 109 GLY 109 216 216 GLY GLY B . n 
B 2 110 THR 110 217 217 THR THR B . n 
B 2 111 LEU 111 218 218 LEU LEU B . n 
B 2 112 VAL 112 219 219 VAL VAL B . n 
B 2 113 THR 113 220 220 THR THR B . n 
B 2 114 VAL 114 221 221 VAL VAL B . n 
B 2 115 SER 115 222 222 SER SER B . n 
# 
_cell.entry_id           3IY6 
_cell.length_a           1.000 
_cell.length_b           1.000 
_cell.length_c           1.000 
_cell.angle_alpha        90.00 
_cell.angle_beta         90.00 
_cell.angle_gamma        90.00 
_cell.Z_PDB              1 
_cell.pdbx_unique_axis   ? 
_cell.length_a_esd       ? 
_cell.length_b_esd       ? 
_cell.length_c_esd       ? 
_cell.angle_alpha_esd    ? 
_cell.angle_beta_esd     ? 
_cell.angle_gamma_esd    ? 
# 
_symmetry.entry_id                         3IY6 
_symmetry.space_group_name_H-M             'P 1' 
_symmetry.pdbx_full_space_group_name_H-M   ? 
_symmetry.cell_setting                     ? 
_symmetry.Int_Tables_number                1 
_symmetry.space_group_name_Hall            ? 
# 
_exptl.entry_id          3IY6 
_exptl.method            'ELECTRON MICROSCOPY' 
_exptl.crystals_number   ? 
# 
_exptl_crystal.id                    1 
_exptl_crystal.density_meas          ? 
_exptl_crystal.density_Matthews      ? 
_exptl_crystal.density_percent_sol   ? 
_exptl_crystal.description           ? 
# 
_diffrn.id                     1 
_diffrn.ambient_temp           ? 
_diffrn.ambient_temp_details   ? 
_diffrn.crystal_id             1 
# 
_diffrn_radiation.diffrn_id                        1 
_diffrn_radiation.wavelength_id                    1 
_diffrn_radiation.pdbx_monochromatic_or_laue_m_l   M 
_diffrn_radiation.monochromator                    ? 
_diffrn_radiation.pdbx_diffrn_protocol             'SINGLE WAVELENGTH' 
_diffrn_radiation.pdbx_scattering_type             ? 
# 
_diffrn_radiation_wavelength.id           1 
_diffrn_radiation_wavelength.wavelength   . 
_diffrn_radiation_wavelength.wt           1.0 
# 
_refine_hist.pdbx_refine_id                   'ELECTRON MICROSCOPY' 
_refine_hist.cycle_id                         LAST 
_refine_hist.pdbx_number_atoms_protein        1719 
_refine_hist.pdbx_number_atoms_nucleic_acid   0 
_refine_hist.pdbx_number_atoms_ligand         0 
_refine_hist.number_atoms_solvent             0 
_refine_hist.number_atoms_total               1719 
_refine_hist.d_res_high                       . 
_refine_hist.d_res_low                        . 
# 
_struct.entry_id                  3IY6 
_struct.title                     
'Variable domains of the computer generated model (WAM) of Fab E fitted into the cryoEM reconstruction of the virus-Fab E complex' 
_struct.pdbx_model_details        ? 
_struct.pdbx_CASP_flag            ? 
_struct.pdbx_model_type_details   ? 
# 
_struct_keywords.entry_id        3IY6 
_struct_keywords.pdbx_keywords   'IMMUNE SYSTEM' 
_struct_keywords.text            'cryoEM, neutralizing antibody, parvovirus, canine, feline, fab footprint, IMMUNE SYSTEM' 
# 
loop_
_struct_asym.id 
_struct_asym.pdbx_blank_PDB_chainid_flag 
_struct_asym.pdbx_modified 
_struct_asym.entity_id 
_struct_asym.details 
A N N 1 ? 
B N N 2 ? 
# 
loop_
_struct_ref.id 
_struct_ref.db_name 
_struct_ref.db_code 
_struct_ref.pdbx_db_accession 
_struct_ref.entity_id 
_struct_ref.pdbx_align_begin 
_struct_ref.pdbx_seq_one_letter_code 
_struct_ref.pdbx_db_isoform 
1 PDB 3IY6 3IY6 1 1 
;LMTQIPASMSISVGDRVTMNCKASQNVDSNVDWYQQKTGQSPNLLIYKASNRNTGVPDRFTGSGSGTDFTFTISNMQAED
LAVYYCMQSTSYPLTFGSGTKLEIKRA
;
? 
2 PDB 3IY6 3IY6 2 1 
;SGPGLVQPSQTLSLTCTVSGFSLSSYHVHWVRQPPGKGLEWLGVMWNDGDTSYNLALNSRLSISRDTSKSQVFFKMSSLQ
TEDTATYYCARPELPGLTYGVWFPYWGQGTLVTVS
;
? 
# 
loop_
_struct_ref_seq.align_id 
_struct_ref_seq.ref_id 
_struct_ref_seq.pdbx_PDB_id_code 
_struct_ref_seq.pdbx_strand_id 
_struct_ref_seq.seq_align_beg 
_struct_ref_seq.pdbx_seq_align_beg_ins_code 
_struct_ref_seq.seq_align_end 
_struct_ref_seq.pdbx_seq_align_end_ins_code 
_struct_ref_seq.pdbx_db_accession 
_struct_ref_seq.db_align_beg 
_struct_ref_seq.pdbx_db_align_beg_ins_code 
_struct_ref_seq.db_align_end 
_struct_ref_seq.pdbx_db_align_end_ins_code 
_struct_ref_seq.pdbx_auth_seq_align_beg 
_struct_ref_seq.pdbx_auth_seq_align_end 
1 1 3IY6 A 1 ? 107 ? 3IY6 1   ? 107 ? 1   107 
2 2 3IY6 B 1 ? 115 ? 3IY6 108 ? 222 ? 108 222 
# 
_pdbx_struct_assembly.id                   1 
_pdbx_struct_assembly.details              author_defined_assembly 
_pdbx_struct_assembly.method_details       ? 
_pdbx_struct_assembly.oligomeric_details   dimeric 
_pdbx_struct_assembly.oligomeric_count     2 
# 
_pdbx_struct_assembly_gen.assembly_id       1 
_pdbx_struct_assembly_gen.oper_expression   1 
_pdbx_struct_assembly_gen.asym_id_list      A,B 
# 
_pdbx_struct_oper_list.id                   1 
_pdbx_struct_oper_list.type                 'identity operation' 
_pdbx_struct_oper_list.name                 1_555 
_pdbx_struct_oper_list.symmetry_operation   x,y,z 
_pdbx_struct_oper_list.matrix[1][1]         1.0000000000 
_pdbx_struct_oper_list.matrix[1][2]         0.0000000000 
_pdbx_struct_oper_list.matrix[1][3]         0.0000000000 
_pdbx_struct_oper_list.vector[1]            0.0000000000 
_pdbx_struct_oper_list.matrix[2][1]         0.0000000000 
_pdbx_struct_oper_list.matrix[2][2]         1.0000000000 
_pdbx_struct_oper_list.matrix[2][3]         0.0000000000 
_pdbx_struct_oper_list.vector[2]            0.0000000000 
_pdbx_struct_oper_list.matrix[3][1]         0.0000000000 
_pdbx_struct_oper_list.matrix[3][2]         0.0000000000 
_pdbx_struct_oper_list.matrix[3][3]         1.0000000000 
_pdbx_struct_oper_list.vector[3]            0.0000000000 
# 
_struct_biol.id        1 
_struct_biol.details   ? 
# 
loop_
_struct_conf.conf_type_id 
_struct_conf.id 
_struct_conf.pdbx_PDB_helix_id 
_struct_conf.beg_label_comp_id 
_struct_conf.beg_label_asym_id 
_struct_conf.beg_label_seq_id 
_struct_conf.pdbx_beg_PDB_ins_code 
_struct_conf.end_label_comp_id 
_struct_conf.end_label_asym_id 
_struct_conf.end_label_seq_id 
_struct_conf.pdbx_end_PDB_ins_code 
_struct_conf.beg_auth_comp_id 
_struct_conf.beg_auth_asym_id 
_struct_conf.beg_auth_seq_id 
_struct_conf.end_auth_comp_id 
_struct_conf.end_auth_asym_id 
_struct_conf.end_auth_seq_id 
_struct_conf.pdbx_PDB_helix_class 
_struct_conf.details 
_struct_conf.pdbx_PDB_helix_length 
HELX_P HELX_P1 1 GLN A 77 ? LEU A 81 ? GLN A 77  LEU A 81  5 ? 5 
HELX_P HELX_P2 2 LEU B 55 ? ASN B 58 ? LEU B 162 ASN B 165 5 ? 4 
HELX_P HELX_P3 3 GLN B 80 ? THR B 84 ? GLN B 187 THR B 191 5 ? 5 
HELX_P HELX_P4 4 PRO B 95 ? TYR B 99 ? PRO B 202 TYR B 206 5 ? 5 
# 
_struct_conf_type.id          HELX_P 
_struct_conf_type.criteria    ? 
_struct_conf_type.reference   ? 
# 
loop_
_struct_conn.id 
_struct_conn.conn_type_id 
_struct_conn.pdbx_leaving_atom_flag 
_struct_conn.pdbx_PDB_id 
_struct_conn.ptnr1_label_asym_id 
_struct_conn.ptnr1_label_comp_id 
_struct_conn.ptnr1_label_seq_id 
_struct_conn.ptnr1_label_atom_id 
_struct_conn.pdbx_ptnr1_label_alt_id 
_struct_conn.pdbx_ptnr1_PDB_ins_code 
_struct_conn.pdbx_ptnr1_standard_comp_id 
_struct_conn.ptnr1_symmetry 
_struct_conn.ptnr2_label_asym_id 
_struct_conn.ptnr2_label_comp_id 
_struct_conn.ptnr2_label_seq_id 
_struct_conn.ptnr2_label_atom_id 
_struct_conn.pdbx_ptnr2_label_alt_id 
_struct_conn.pdbx_ptnr2_PDB_ins_code 
_struct_conn.ptnr1_auth_asym_id 
_struct_conn.ptnr1_auth_comp_id 
_struct_conn.ptnr1_auth_seq_id 
_struct_conn.ptnr2_auth_asym_id 
_struct_conn.ptnr2_auth_comp_id 
_struct_conn.ptnr2_auth_seq_id 
_struct_conn.ptnr2_symmetry 
_struct_conn.pdbx_ptnr3_label_atom_id 
_struct_conn.pdbx_ptnr3_label_seq_id 
_struct_conn.pdbx_ptnr3_label_comp_id 
_struct_conn.pdbx_ptnr3_label_asym_id 
_struct_conn.pdbx_ptnr3_label_alt_id 
_struct_conn.pdbx_ptnr3_PDB_ins_code 
_struct_conn.details 
_struct_conn.pdbx_dist_value 
_struct_conn.pdbx_value_order 
_struct_conn.pdbx_role 
disulf1 disulf ? ? A CYS 21 SG ? ? ? 1_555 A CYS 86 SG ? ? A CYS 21  A CYS 86  1_555 ? ? ? ? ? ? ? 2.540 ? ? 
disulf2 disulf ? ? B CYS 16 SG ? ? ? 1_555 B CYS 89 SG ? ? B CYS 123 B CYS 196 1_555 ? ? ? ? ? ? ? 2.549 ? ? 
# 
_struct_conn_type.id          disulf 
_struct_conn_type.criteria    ? 
_struct_conn_type.reference   ? 
# 
loop_
_pdbx_modification_feature.ordinal 
_pdbx_modification_feature.label_comp_id 
_pdbx_modification_feature.label_asym_id 
_pdbx_modification_feature.label_seq_id 
_pdbx_modification_feature.label_alt_id 
_pdbx_modification_feature.modified_residue_label_comp_id 
_pdbx_modification_feature.modified_residue_label_asym_id 
_pdbx_modification_feature.modified_residue_label_seq_id 
_pdbx_modification_feature.modified_residue_label_alt_id 
_pdbx_modification_feature.auth_comp_id 
_pdbx_modification_feature.auth_asym_id 
_pdbx_modification_feature.auth_seq_id 
_pdbx_modification_feature.PDB_ins_code 
_pdbx_modification_feature.symmetry 
_pdbx_modification_feature.modified_residue_auth_comp_id 
_pdbx_modification_feature.modified_residue_auth_asym_id 
_pdbx_modification_feature.modified_residue_auth_seq_id 
_pdbx_modification_feature.modified_residue_PDB_ins_code 
_pdbx_modification_feature.modified_residue_symmetry 
_pdbx_modification_feature.comp_id_linking_atom 
_pdbx_modification_feature.modified_residue_id_linking_atom 
_pdbx_modification_feature.modified_residue_id 
_pdbx_modification_feature.ref_pcm_id 
_pdbx_modification_feature.ref_comp_id 
_pdbx_modification_feature.type 
_pdbx_modification_feature.category 
1 CYS A 21 ? CYS A 86 ? CYS A 21  ? 1_555 CYS A 86  ? 1_555 SG SG . . . None 'Disulfide bridge' 
2 CYS B 16 ? CYS B 89 ? CYS B 123 ? 1_555 CYS B 196 ? 1_555 SG SG . . . None 'Disulfide bridge' 
# 
loop_
_struct_mon_prot_cis.pdbx_id 
_struct_mon_prot_cis.label_comp_id 
_struct_mon_prot_cis.label_seq_id 
_struct_mon_prot_cis.label_asym_id 
_struct_mon_prot_cis.label_alt_id 
_struct_mon_prot_cis.pdbx_PDB_ins_code 
_struct_mon_prot_cis.auth_comp_id 
_struct_mon_prot_cis.auth_seq_id 
_struct_mon_prot_cis.auth_asym_id 
_struct_mon_prot_cis.pdbx_label_comp_id_2 
_struct_mon_prot_cis.pdbx_label_seq_id_2 
_struct_mon_prot_cis.pdbx_label_asym_id_2 
_struct_mon_prot_cis.pdbx_PDB_ins_code_2 
_struct_mon_prot_cis.pdbx_auth_comp_id_2 
_struct_mon_prot_cis.pdbx_auth_seq_id_2 
_struct_mon_prot_cis.pdbx_auth_asym_id_2 
_struct_mon_prot_cis.pdbx_PDB_model_num 
_struct_mon_prot_cis.pdbx_omega_angle 
1 ILE 5  A . ? ILE 5  A PRO 6  A ? PRO 6  A 1 3.02  
2 TYR 92 A . ? TYR 92 A PRO 93 A ? PRO 93 A 1 -0.46 
# 
loop_
_struct_sheet.id 
_struct_sheet.type 
_struct_sheet.number_strands 
_struct_sheet.details 
A ? 4 ? 
B ? 6 ? 
C ? 4 ? 
D ? 6 ? 
E ? 3 ? 
# 
loop_
_struct_sheet_order.sheet_id 
_struct_sheet_order.range_id_1 
_struct_sheet_order.range_id_2 
_struct_sheet_order.offset 
_struct_sheet_order.sense 
A 1 2 ? anti-parallel 
A 2 3 ? anti-parallel 
A 3 4 ? anti-parallel 
B 1 2 ? parallel      
B 2 3 ? anti-parallel 
B 3 4 ? anti-parallel 
B 4 5 ? anti-parallel 
B 5 6 ? anti-parallel 
C 1 2 ? parallel      
C 2 3 ? anti-parallel 
C 3 4 ? anti-parallel 
D 1 2 ? parallel      
D 2 3 ? anti-parallel 
D 3 4 ? anti-parallel 
D 4 5 ? anti-parallel 
D 5 6 ? anti-parallel 
E 1 2 ? anti-parallel 
E 2 3 ? anti-parallel 
# 
loop_
_struct_sheet_range.sheet_id 
_struct_sheet_range.id 
_struct_sheet_range.beg_label_comp_id 
_struct_sheet_range.beg_label_asym_id 
_struct_sheet_range.beg_label_seq_id 
_struct_sheet_range.pdbx_beg_PDB_ins_code 
_struct_sheet_range.end_label_comp_id 
_struct_sheet_range.end_label_asym_id 
_struct_sheet_range.end_label_seq_id 
_struct_sheet_range.pdbx_end_PDB_ins_code 
_struct_sheet_range.beg_auth_comp_id 
_struct_sheet_range.beg_auth_asym_id 
_struct_sheet_range.beg_auth_seq_id 
_struct_sheet_range.end_auth_comp_id 
_struct_sheet_range.end_auth_asym_id 
_struct_sheet_range.end_auth_seq_id 
A 1 MET A 2   ? ILE A 5   ? MET A 2   ILE A 5   
A 2 VAL A 17  ? ALA A 23  ? VAL A 17  ALA A 23  
A 3 ASP A 68  ? ILE A 73  ? ASP A 68  ILE A 73  
A 4 PHE A 60  ? SER A 65  ? PHE A 60  SER A 65  
B 1 SER A 8   ? SER A 12  ? SER A 8   SER A 12  
B 2 THR A 100 ? LYS A 105 ? THR A 100 LYS A 105 
B 3 ALA A 82  ? GLN A 88  ? ALA A 82  GLN A 88  
B 4 VAL A 31  ? GLN A 36  ? VAL A 31  GLN A 36  
B 5 ASN A 43  ? TYR A 47  ? ASN A 43  TYR A 47  
B 6 ASN A 51  ? ARG A 52  ? ASN A 51  ARG A 52  
C 1 SER A 8   ? SER A 12  ? SER A 8   SER A 12  
C 2 THR A 100 ? LYS A 105 ? THR A 100 LYS A 105 
C 3 ALA A 82  ? GLN A 88  ? ALA A 82  GLN A 88  
C 4 THR A 95  ? PHE A 96  ? THR A 95  PHE A 96  
D 1 GLY B 4   ? VAL B 6   ? GLY B 111 VAL B 113 
D 2 LEU B 111 ? VAL B 114 ? LEU B 218 VAL B 221 
D 3 ALA B 85  ? ALA B 90  ? ALA B 192 ALA B 197 
D 4 HIS B 29  ? GLN B 33  ? HIS B 136 GLN B 140 
D 5 GLU B 40  ? MET B 45  ? GLU B 147 MET B 152 
D 6 THR B 51  ? TYR B 53  ? THR B 158 TYR B 160 
E 1 LEU B 12  ? THR B 17  ? LEU B 119 THR B 124 
E 2 GLN B 71  ? MET B 76  ? GLN B 178 MET B 183 
E 3 LEU B 61  ? ASP B 66  ? LEU B 168 ASP B 173 
# 
loop_
_pdbx_struct_sheet_hbond.sheet_id 
_pdbx_struct_sheet_hbond.range_id_1 
_pdbx_struct_sheet_hbond.range_id_2 
_pdbx_struct_sheet_hbond.range_1_label_atom_id 
_pdbx_struct_sheet_hbond.range_1_label_comp_id 
_pdbx_struct_sheet_hbond.range_1_label_asym_id 
_pdbx_struct_sheet_hbond.range_1_label_seq_id 
_pdbx_struct_sheet_hbond.range_1_PDB_ins_code 
_pdbx_struct_sheet_hbond.range_1_auth_atom_id 
_pdbx_struct_sheet_hbond.range_1_auth_comp_id 
_pdbx_struct_sheet_hbond.range_1_auth_asym_id 
_pdbx_struct_sheet_hbond.range_1_auth_seq_id 
_pdbx_struct_sheet_hbond.range_2_label_atom_id 
_pdbx_struct_sheet_hbond.range_2_label_comp_id 
_pdbx_struct_sheet_hbond.range_2_label_asym_id 
_pdbx_struct_sheet_hbond.range_2_label_seq_id 
_pdbx_struct_sheet_hbond.range_2_PDB_ins_code 
_pdbx_struct_sheet_hbond.range_2_auth_atom_id 
_pdbx_struct_sheet_hbond.range_2_auth_comp_id 
_pdbx_struct_sheet_hbond.range_2_auth_asym_id 
_pdbx_struct_sheet_hbond.range_2_auth_seq_id 
A 1 2 N ILE A 5   ? N ILE A 5   O ASN A 20  ? O ASN A 20  
A 2 3 N MET A 19  ? N MET A 19  O PHE A 71  ? O PHE A 71  
A 3 4 O THR A 70  ? O THR A 70  N SER A 63  ? N SER A 63  
B 1 2 N ILE A 11  ? N ILE A 11  O LYS A 105 ? O LYS A 105 
B 2 3 O LEU A 102 ? O LEU A 102 N ALA A 82  ? N ALA A 82  
B 3 4 O TYR A 85  ? O TYR A 85  N TYR A 34  ? N TYR A 34  
B 4 5 N TRP A 33  ? N TRP A 33  O ILE A 46  ? O ILE A 46  
B 5 6 N TYR A 47  ? N TYR A 47  O ASN A 51  ? O ASN A 51  
C 1 2 N ILE A 11  ? N ILE A 11  O LYS A 105 ? O LYS A 105 
C 2 3 O LEU A 102 ? O LEU A 102 N ALA A 82  ? N ALA A 82  
C 3 4 N GLN A 88  ? N GLN A 88  O THR A 95  ? O THR A 95  
D 1 2 N VAL B 6   ? N VAL B 113 O THR B 113 ? O THR B 220 
D 2 3 O VAL B 112 ? O VAL B 219 N ALA B 85  ? N ALA B 192 
D 3 4 O THR B 86  ? O THR B 193 N GLN B 33  ? N GLN B 140 
D 4 5 N ARG B 32  ? N ARG B 139 O GLU B 40  ? O GLU B 147 
D 5 6 N VAL B 44  ? N VAL B 151 O SER B 52  ? O SER B 159 
E 1 2 N LEU B 14  ? N LEU B 121 O PHE B 74  ? O PHE B 181 
E 2 3 O PHE B 73  ? O PHE B 180 N SER B 64  ? N SER B 171 
# 
_pdbx_entry_details.entry_id                   3IY6 
_pdbx_entry_details.compound_details           ? 
_pdbx_entry_details.source_details             ? 
_pdbx_entry_details.nonpolymer_details         ? 
_pdbx_entry_details.sequence_details           ? 
_pdbx_entry_details.has_ligand_of_interest     ? 
_pdbx_entry_details.has_protein_modification   Y 
# 
loop_
_pdbx_validate_rmsd_bond.id 
_pdbx_validate_rmsd_bond.PDB_model_num 
_pdbx_validate_rmsd_bond.auth_atom_id_1 
_pdbx_validate_rmsd_bond.auth_asym_id_1 
_pdbx_validate_rmsd_bond.auth_comp_id_1 
_pdbx_validate_rmsd_bond.auth_seq_id_1 
_pdbx_validate_rmsd_bond.PDB_ins_code_1 
_pdbx_validate_rmsd_bond.label_alt_id_1 
_pdbx_validate_rmsd_bond.auth_atom_id_2 
_pdbx_validate_rmsd_bond.auth_asym_id_2 
_pdbx_validate_rmsd_bond.auth_comp_id_2 
_pdbx_validate_rmsd_bond.auth_seq_id_2 
_pdbx_validate_rmsd_bond.PDB_ins_code_2 
_pdbx_validate_rmsd_bond.label_alt_id_2 
_pdbx_validate_rmsd_bond.bond_value 
_pdbx_validate_rmsd_bond.bond_target_value 
_pdbx_validate_rmsd_bond.bond_deviation 
_pdbx_validate_rmsd_bond.bond_standard_deviation 
_pdbx_validate_rmsd_bond.linker_flag 
1 1 CG  A PHE 60  ? ? CD1 A PHE 60  ? ? 1.200 1.383 -0.183 0.015 N 
2 1 CE2 A PHE 60  ? ? CD2 A PHE 60  ? ? 1.256 1.388 -0.132 0.020 N 
3 1 CD1 A PHE 71  ? ? CE1 A PHE 71  ? ? 1.258 1.388 -0.130 0.020 N 
4 1 CE2 A PHE 71  ? ? CD2 A PHE 71  ? ? 1.219 1.388 -0.169 0.020 N 
5 1 C   B GLY 145 ? ? O   B GLY 145 ? ? 1.407 1.232 0.175  0.016 N 
6 1 CG  B PHE 181 ? ? CD2 B PHE 181 ? ? 1.290 1.383 -0.093 0.015 N 
7 1 CZ  B PHE 181 ? ? CE2 B PHE 181 ? ? 1.240 1.369 -0.129 0.019 N 
# 
loop_
_pdbx_validate_rmsd_angle.id 
_pdbx_validate_rmsd_angle.PDB_model_num 
_pdbx_validate_rmsd_angle.auth_atom_id_1 
_pdbx_validate_rmsd_angle.auth_asym_id_1 
_pdbx_validate_rmsd_angle.auth_comp_id_1 
_pdbx_validate_rmsd_angle.auth_seq_id_1 
_pdbx_validate_rmsd_angle.PDB_ins_code_1 
_pdbx_validate_rmsd_angle.label_alt_id_1 
_pdbx_validate_rmsd_angle.auth_atom_id_2 
_pdbx_validate_rmsd_angle.auth_asym_id_2 
_pdbx_validate_rmsd_angle.auth_comp_id_2 
_pdbx_validate_rmsd_angle.auth_seq_id_2 
_pdbx_validate_rmsd_angle.PDB_ins_code_2 
_pdbx_validate_rmsd_angle.label_alt_id_2 
_pdbx_validate_rmsd_angle.auth_atom_id_3 
_pdbx_validate_rmsd_angle.auth_asym_id_3 
_pdbx_validate_rmsd_angle.auth_comp_id_3 
_pdbx_validate_rmsd_angle.auth_seq_id_3 
_pdbx_validate_rmsd_angle.PDB_ins_code_3 
_pdbx_validate_rmsd_angle.label_alt_id_3 
_pdbx_validate_rmsd_angle.angle_value 
_pdbx_validate_rmsd_angle.angle_target_value 
_pdbx_validate_rmsd_angle.angle_deviation 
_pdbx_validate_rmsd_angle.angle_standard_deviation 
_pdbx_validate_rmsd_angle.linker_flag 
1  1 CA  A VAL 17  ? ? CB  A VAL 17  ? ? CG2 A VAL 17  ? ? 101.17 110.90 -9.73  1.50 N 
2  1 N   A MET 19  ? ? CA  A MET 19  ? ? CB  A MET 19  ? ? 123.38 110.60 12.78  1.80 N 
3  1 CB  A PHE 60  ? ? CG  A PHE 60  ? ? CD2 A PHE 60  ? ? 114.87 120.80 -5.93  0.70 N 
4  1 CB  A PHE 60  ? ? CG  A PHE 60  ? ? CD1 A PHE 60  ? ? 134.26 120.80 13.46  0.70 N 
5  1 CG  A PHE 60  ? ? CD2 A PHE 60  ? ? CE2 A PHE 60  ? ? 129.62 120.80 8.82   1.10 N 
6  1 CE1 A PHE 71  ? ? CZ  A PHE 71  ? ? CE2 A PHE 71  ? ? 130.92 120.00 10.92  1.80 N 
7  1 CZ  A PHE 71  ? ? CE2 A PHE 71  ? ? CD2 A PHE 71  ? ? 111.94 120.10 -8.16  1.20 N 
8  1 CG  A MET 76  ? ? SD  A MET 76  ? ? CE  A MET 76  ? ? 111.88 100.20 11.68  1.60 N 
9  1 CB  A TYR 84  ? ? CG  A TYR 84  ? ? CD2 A TYR 84  ? ? 117.03 121.00 -3.97  0.60 N 
10 1 CA  A THR 90  ? ? CB  A THR 90  ? ? CG2 A THR 90  ? ? 121.74 112.40 9.34   1.40 N 
11 1 CA  B LEU 112 ? ? C   B LEU 112 ? ? N   B VAL 113 ? ? 102.85 117.20 -14.35 2.20 Y 
12 1 C   B LEU 112 ? ? N   B VAL 113 ? ? CA  B VAL 113 ? ? 139.14 121.70 17.44  2.50 Y 
13 1 CG1 B VAL 113 ? ? CB  B VAL 113 ? ? CG2 B VAL 113 ? ? 92.23  110.90 -18.67 1.60 N 
14 1 CA  B VAL 113 ? ? CB  B VAL 113 ? ? CG1 B VAL 113 ? ? 125.27 110.90 14.37  1.50 N 
15 1 CA  B VAL 113 ? ? CB  B VAL 113 ? ? CG2 B VAL 113 ? ? 124.98 110.90 14.08  1.50 N 
16 1 CA  B VAL 113 ? ? C   B VAL 113 ? ? O   B VAL 113 ? ? 96.64  120.10 -23.46 2.10 N 
17 1 CA  B VAL 113 ? ? C   B VAL 113 ? ? N   B GLN 114 ? ? 141.94 117.20 24.74  2.20 Y 
18 1 OE1 B GLN 117 ? ? CD  B GLN 117 ? ? NE2 B GLN 117 ? ? 92.82  121.90 -29.08 2.30 N 
19 1 CB  B CYS 123 ? ? CA  B CYS 123 ? ? C   B CYS 123 ? ? 121.80 111.50 10.30  1.20 N 
20 1 CA  B VAL 125 ? ? CB  B VAL 125 ? ? CG1 B VAL 125 ? ? 120.17 110.90 9.27   1.50 N 
21 1 CA  B SER 126 ? ? C   B SER 126 ? ? N   B GLY 127 ? ? 101.58 116.20 -14.62 2.00 Y 
22 1 O   B SER 126 ? ? C   B SER 126 ? ? N   B GLY 127 ? ? 134.47 123.20 11.27  1.70 Y 
23 1 O   B LEU 130 ? ? C   B LEU 130 ? ? N   B SER 131 ? ? 107.57 122.70 -15.13 1.60 Y 
24 1 ND1 B HIS 134 ? ? CE1 B HIS 134 ? ? NE2 B HIS 134 ? ? 119.76 111.50 8.26   1.30 N 
25 1 ND1 B HIS 136 ? ? CE1 B HIS 136 ? ? NE2 B HIS 136 ? ? 120.19 111.50 8.69   1.30 N 
26 1 CA  B GLY 145 ? ? C   B GLY 145 ? ? N   B LEU 146 ? ? 135.98 117.20 18.78  2.20 Y 
27 1 O   B GLY 145 ? ? C   B GLY 145 ? ? N   B LEU 146 ? ? 106.65 122.70 -16.05 1.60 Y 
28 1 CB  B LEU 149 ? ? CG  B LEU 149 ? ? CD1 B LEU 149 ? ? 97.10  111.00 -13.90 1.70 N 
29 1 CB  B LEU 149 ? ? CG  B LEU 149 ? ? CD2 B LEU 149 ? ? 92.35  111.00 -18.65 1.70 N 
30 1 CB  B VAL 151 ? ? CA  B VAL 151 ? ? C   B VAL 151 ? ? 97.78  111.40 -13.62 1.90 N 
31 1 CB  B MET 152 ? ? CA  B MET 152 ? ? C   B MET 152 ? ? 89.68  110.40 -20.72 2.00 N 
32 1 CB  B LEU 164 ? ? CG  B LEU 164 ? ? CD1 B LEU 164 ? ? 126.73 111.00 15.73  1.70 N 
33 1 CD1 B LEU 168 ? ? CG  B LEU 168 ? ? CD2 B LEU 168 ? ? 65.78  110.50 -44.72 3.00 N 
34 1 CG1 B VAL 179 ? ? CB  B VAL 179 ? ? CG2 B VAL 179 ? ? 100.31 110.90 -10.59 1.60 N 
35 1 CB  B PHE 181 ? ? CG  B PHE 181 ? ? CD2 B PHE 181 ? ? 113.75 120.80 -7.05  0.70 N 
36 1 CD1 B PHE 181 ? ? CG  B PHE 181 ? ? CD2 B PHE 181 ? ? 127.65 118.30 9.35   1.30 N 
37 1 CG  B PHE 181 ? ? CD2 B PHE 181 ? ? CE2 B PHE 181 ? ? 110.26 120.80 -10.54 1.10 N 
38 1 CD1 B PHE 181 ? ? CE1 B PHE 181 ? ? CZ  B PHE 181 ? ? 109.14 120.10 -10.96 1.20 N 
39 1 CB  B LEU 201 ? ? CA  B LEU 201 ? ? C   B LEU 201 ? ? 98.67  110.20 -11.53 1.90 N 
40 1 CA  B LEU 201 ? ? CB  B LEU 201 ? ? CG  B LEU 201 ? ? 95.89  115.30 -19.41 2.30 N 
41 1 CB  B LEU 201 ? ? CG  B LEU 201 ? ? CD1 B LEU 201 ? ? 126.36 111.00 15.36  1.70 N 
# 
loop_
_pdbx_validate_torsion.id 
_pdbx_validate_torsion.PDB_model_num 
_pdbx_validate_torsion.auth_comp_id 
_pdbx_validate_torsion.auth_asym_id 
_pdbx_validate_torsion.auth_seq_id 
_pdbx_validate_torsion.PDB_ins_code 
_pdbx_validate_torsion.label_alt_id 
_pdbx_validate_torsion.phi 
_pdbx_validate_torsion.psi 
1  1 ASP A 28  ? ? 61.47   -106.96 
2  1 LEU A 45  ? ? -121.90 -59.76  
3  1 LYS A 48  ? ? 86.07   22.83   
4  1 ALA A 49  ? ? 76.89   -35.88  
5  1 ALA A 82  ? ? 147.09  -162.17 
6  1 SER A 89  ? ? -147.61 42.15   
7  1 PRO B 110 ? ? -85.83  -157.91 
8  1 SER B 116 ? ? 106.98  -13.78  
9  1 SER B 166 ? ? 85.61   -8.74   
10 1 ALA B 192 ? ? 169.80  172.52  
11 1 VAL B 208 ? ? -151.07 50.64   
12 1 TRP B 209 ? ? -34.12  141.69  
13 1 TRP B 213 ? ? 173.04  4.32    
14 1 THR B 217 ? ? 162.49  102.09  
# 
loop_
_pdbx_validate_chiral.id 
_pdbx_validate_chiral.PDB_model_num 
_pdbx_validate_chiral.auth_atom_id 
_pdbx_validate_chiral.label_alt_id 
_pdbx_validate_chiral.auth_asym_id 
_pdbx_validate_chiral.auth_comp_id 
_pdbx_validate_chiral.auth_seq_id 
_pdbx_validate_chiral.PDB_ins_code 
_pdbx_validate_chiral.details 
_pdbx_validate_chiral.omega 
1 1 CA ? A MET 19  ? PLANAR . 
2 1 CA ? B VAL 113 ? PLANAR . 
# 
loop_
_pdbx_validate_planes.id 
_pdbx_validate_planes.PDB_model_num 
_pdbx_validate_planes.auth_comp_id 
_pdbx_validate_planes.auth_asym_id 
_pdbx_validate_planes.auth_seq_id 
_pdbx_validate_planes.PDB_ins_code 
_pdbx_validate_planes.label_alt_id 
_pdbx_validate_planes.rmsd 
_pdbx_validate_planes.type 
1 1 GLN B 117 ? ? 0.211 'SIDE CHAIN' 
2 1 HIS B 136 ? ? 0.109 'SIDE CHAIN' 
# 
_pdbx_validate_main_chain_plane.id                       1 
_pdbx_validate_main_chain_plane.PDB_model_num            1 
_pdbx_validate_main_chain_plane.auth_comp_id             VAL 
_pdbx_validate_main_chain_plane.auth_asym_id             B 
_pdbx_validate_main_chain_plane.auth_seq_id              113 
_pdbx_validate_main_chain_plane.PDB_ins_code             ? 
_pdbx_validate_main_chain_plane.label_alt_id             ? 
_pdbx_validate_main_chain_plane.improper_torsion_angle   -11.08 
# 
_em_3d_fitting.id                1 
_em_3d_fitting.entry_id          3IY6 
_em_3d_fitting.ref_protocol      ? 
_em_3d_fitting.ref_space         REAL 
_em_3d_fitting.overall_b_value   ? 
_em_3d_fitting.target_criteria   ? 
_em_3d_fitting.details           ? 
_em_3d_fitting.method            ? 
# 
_em_3d_reconstruction.entry_id                    3IY6 
_em_3d_reconstruction.id                          1 
_em_3d_reconstruction.resolution_method           'FSC 0.5 CUT-OFF' 
_em_3d_reconstruction.symmetry_type               POINT 
_em_3d_reconstruction.image_processing_id         1 
_em_3d_reconstruction.method                      'common lines' 
_em_3d_reconstruction.resolution                  12 
_em_3d_reconstruction.num_particles               1684 
_em_3d_reconstruction.nominal_pixel_size          ? 
_em_3d_reconstruction.actual_pixel_size           ? 
_em_3d_reconstruction.magnification_calibration   ? 
_em_3d_reconstruction.details                     ? 
_em_3d_reconstruction.num_class_averages          ? 
_em_3d_reconstruction.algorithm                   ? 
# 
_em_buffer.id            1 
_em_buffer.specimen_id   1 
_em_buffer.name          ? 
_em_buffer.pH            7.5 
_em_buffer.details       '10mM Tris-HCL' 
# 
loop_
_em_entity_assembly.id 
_em_entity_assembly.name 
_em_entity_assembly.type 
_em_entity_assembly.parent_id 
_em_entity_assembly.synonym 
_em_entity_assembly.details 
_em_entity_assembly.oligomeric_details 
1 'Fab fragment from MAb E interacting with feline panleukopenia virus (FPV)' COMPLEX 0 ?   ? ? 
2 'feline panleukopenia virus'                                                VIRUS   1 FPV ? ? 
# 
_em_image_scans.entry_id                3IY6 
_em_image_scans.id                      1 
_em_image_scans.image_recording_id      1 
_em_image_scans.number_digital_images   83 
_em_image_scans.scanner_model           'ZEISS SCAI' 
_em_image_scans.sampling_size           7 
_em_image_scans.od_range                0.9 
_em_image_scans.quant_bit_size          ? 
_em_image_scans.details                 'scanned at 7 microns and bin averaged to 14' 
_em_image_scans.citation_id             ? 
# 
_em_imaging.entry_id                        3IY6 
_em_imaging.id                              1 
_em_imaging.microscope_model                'FEI/PHILIPS CM300FEG/T' 
_em_imaging.electron_source                 'TUNGSTEN HAIRPIN' 
_em_imaging.specimen_id                     1 
_em_imaging.specimen_holder_type            'side mounted nitrogen cooled' 
_em_imaging.specimen_holder_model           'GATAN LIQUID NITROGEN' 
_em_imaging.accelerating_voltage            300 
_em_imaging.illumination_mode               'FLOOD BEAM' 
_em_imaging.mode                            'BRIGHT FIELD' 
_em_imaging.nominal_defocus_min             0.5 
_em_imaging.nominal_defocus_max             5.6 
_em_imaging.tilt_angle_min                  0.0 
_em_imaging.tilt_angle_max                  0.0 
_em_imaging.nominal_magnification           45000 
_em_imaging.calibrated_magnification        47190 
_em_imaging.temperature                     93 
_em_imaging.recording_temperature_minimum   83 
_em_imaging.recording_temperature_maximum   83 
_em_imaging.detector_distance               0.0 
_em_imaging.date                            2004-09-22 
_em_imaging.electron_beam_tilt_params       ? 
_em_imaging.astigmatism                     'astigmatism was corrected at 100,000 times magnification' 
_em_imaging.details                         ? 
_em_imaging.nominal_cs                      ? 
_em_imaging.citation_id                     ? 
# 
_em_virus_entity.id                    1 
_em_virus_entity.virus_host_category   VERTEBRATES 
_em_virus_entity.entity_assembly_id    1 
_em_virus_entity.virus_type            VIRION 
_em_virus_entity.virus_isolate         STRAIN 
_em_virus_entity.empty                 YES 
_em_virus_entity.enveloped             NO 
_em_virus_entity.details               ? 
# 
_em_vitrification.entry_id              3IY6 
_em_vitrification.id                    1 
_em_vitrification.instrument            'HOMEMADE PLUNGER' 
_em_vitrification.cryogen_name          ETHANE 
_em_vitrification.humidity              ? 
_em_vitrification.temp                  120 
_em_vitrification.method                'blot before plunging' 
_em_vitrification.time_resolved_state   ? 
_em_vitrification.details               ? 
_em_vitrification.citation_id           ? 
_em_vitrification.specimen_id           1 
# 
_em_experiment.reconstruction_method   'SINGLE PARTICLE' 
_em_experiment.entry_id                3IY6 
_em_experiment.id                      1 
_em_experiment.aggregation_state       PARTICLE 
_em_experiment.entity_assembly_id      1 
# 
_em_single_particle_entity.entry_id              3IY6 
_em_single_particle_entity.id                    1 
_em_single_particle_entity.point_symmetry        I 
_em_single_particle_entity.image_processing_id   1 
# 
loop_
_chem_comp_atom.comp_id 
_chem_comp_atom.atom_id 
_chem_comp_atom.type_symbol 
_chem_comp_atom.pdbx_aromatic_flag 
_chem_comp_atom.pdbx_stereo_config 
_chem_comp_atom.pdbx_ordinal 
ALA N    N N N 1   
ALA CA   C N S 2   
ALA C    C N N 3   
ALA O    O N N 4   
ALA CB   C N N 5   
ALA OXT  O N N 6   
ALA H    H N N 7   
ALA H2   H N N 8   
ALA HA   H N N 9   
ALA HB1  H N N 10  
ALA HB2  H N N 11  
ALA HB3  H N N 12  
ALA HXT  H N N 13  
ARG N    N N N 14  
ARG CA   C N S 15  
ARG C    C N N 16  
ARG O    O N N 17  
ARG CB   C N N 18  
ARG CG   C N N 19  
ARG CD   C N N 20  
ARG NE   N N N 21  
ARG CZ   C N N 22  
ARG NH1  N N N 23  
ARG NH2  N N N 24  
ARG OXT  O N N 25  
ARG H    H N N 26  
ARG H2   H N N 27  
ARG HA   H N N 28  
ARG HB2  H N N 29  
ARG HB3  H N N 30  
ARG HG2  H N N 31  
ARG HG3  H N N 32  
ARG HD2  H N N 33  
ARG HD3  H N N 34  
ARG HE   H N N 35  
ARG HH11 H N N 36  
ARG HH12 H N N 37  
ARG HH21 H N N 38  
ARG HH22 H N N 39  
ARG HXT  H N N 40  
ASN N    N N N 41  
ASN CA   C N S 42  
ASN C    C N N 43  
ASN O    O N N 44  
ASN CB   C N N 45  
ASN CG   C N N 46  
ASN OD1  O N N 47  
ASN ND2  N N N 48  
ASN OXT  O N N 49  
ASN H    H N N 50  
ASN H2   H N N 51  
ASN HA   H N N 52  
ASN HB2  H N N 53  
ASN HB3  H N N 54  
ASN HD21 H N N 55  
ASN HD22 H N N 56  
ASN HXT  H N N 57  
ASP N    N N N 58  
ASP CA   C N S 59  
ASP C    C N N 60  
ASP O    O N N 61  
ASP CB   C N N 62  
ASP CG   C N N 63  
ASP OD1  O N N 64  
ASP OD2  O N N 65  
ASP OXT  O N N 66  
ASP H    H N N 67  
ASP H2   H N N 68  
ASP HA   H N N 69  
ASP HB2  H N N 70  
ASP HB3  H N N 71  
ASP HD2  H N N 72  
ASP HXT  H N N 73  
CYS N    N N N 74  
CYS CA   C N R 75  
CYS C    C N N 76  
CYS O    O N N 77  
CYS CB   C N N 78  
CYS SG   S N N 79  
CYS OXT  O N N 80  
CYS H    H N N 81  
CYS H2   H N N 82  
CYS HA   H N N 83  
CYS HB2  H N N 84  
CYS HB3  H N N 85  
CYS HG   H N N 86  
CYS HXT  H N N 87  
GLN N    N N N 88  
GLN CA   C N S 89  
GLN C    C N N 90  
GLN O    O N N 91  
GLN CB   C N N 92  
GLN CG   C N N 93  
GLN CD   C N N 94  
GLN OE1  O N N 95  
GLN NE2  N N N 96  
GLN OXT  O N N 97  
GLN H    H N N 98  
GLN H2   H N N 99  
GLN HA   H N N 100 
GLN HB2  H N N 101 
GLN HB3  H N N 102 
GLN HG2  H N N 103 
GLN HG3  H N N 104 
GLN HE21 H N N 105 
GLN HE22 H N N 106 
GLN HXT  H N N 107 
GLU N    N N N 108 
GLU CA   C N S 109 
GLU C    C N N 110 
GLU O    O N N 111 
GLU CB   C N N 112 
GLU CG   C N N 113 
GLU CD   C N N 114 
GLU OE1  O N N 115 
GLU OE2  O N N 116 
GLU OXT  O N N 117 
GLU H    H N N 118 
GLU H2   H N N 119 
GLU HA   H N N 120 
GLU HB2  H N N 121 
GLU HB3  H N N 122 
GLU HG2  H N N 123 
GLU HG3  H N N 124 
GLU HE2  H N N 125 
GLU HXT  H N N 126 
GLY N    N N N 127 
GLY CA   C N N 128 
GLY C    C N N 129 
GLY O    O N N 130 
GLY OXT  O N N 131 
GLY H    H N N 132 
GLY H2   H N N 133 
GLY HA2  H N N 134 
GLY HA3  H N N 135 
GLY HXT  H N N 136 
HIS N    N N N 137 
HIS CA   C N S 138 
HIS C    C N N 139 
HIS O    O N N 140 
HIS CB   C N N 141 
HIS CG   C Y N 142 
HIS ND1  N Y N 143 
HIS CD2  C Y N 144 
HIS CE1  C Y N 145 
HIS NE2  N Y N 146 
HIS OXT  O N N 147 
HIS H    H N N 148 
HIS H2   H N N 149 
HIS HA   H N N 150 
HIS HB2  H N N 151 
HIS HB3  H N N 152 
HIS HD1  H N N 153 
HIS HD2  H N N 154 
HIS HE1  H N N 155 
HIS HE2  H N N 156 
HIS HXT  H N N 157 
ILE N    N N N 158 
ILE CA   C N S 159 
ILE C    C N N 160 
ILE O    O N N 161 
ILE CB   C N S 162 
ILE CG1  C N N 163 
ILE CG2  C N N 164 
ILE CD1  C N N 165 
ILE OXT  O N N 166 
ILE H    H N N 167 
ILE H2   H N N 168 
ILE HA   H N N 169 
ILE HB   H N N 170 
ILE HG12 H N N 171 
ILE HG13 H N N 172 
ILE HG21 H N N 173 
ILE HG22 H N N 174 
ILE HG23 H N N 175 
ILE HD11 H N N 176 
ILE HD12 H N N 177 
ILE HD13 H N N 178 
ILE HXT  H N N 179 
LEU N    N N N 180 
LEU CA   C N S 181 
LEU C    C N N 182 
LEU O    O N N 183 
LEU CB   C N N 184 
LEU CG   C N N 185 
LEU CD1  C N N 186 
LEU CD2  C N N 187 
LEU OXT  O N N 188 
LEU H    H N N 189 
LEU H2   H N N 190 
LEU HA   H N N 191 
LEU HB2  H N N 192 
LEU HB3  H N N 193 
LEU HG   H N N 194 
LEU HD11 H N N 195 
LEU HD12 H N N 196 
LEU HD13 H N N 197 
LEU HD21 H N N 198 
LEU HD22 H N N 199 
LEU HD23 H N N 200 
LEU HXT  H N N 201 
LYS N    N N N 202 
LYS CA   C N S 203 
LYS C    C N N 204 
LYS O    O N N 205 
LYS CB   C N N 206 
LYS CG   C N N 207 
LYS CD   C N N 208 
LYS CE   C N N 209 
LYS NZ   N N N 210 
LYS OXT  O N N 211 
LYS H    H N N 212 
LYS H2   H N N 213 
LYS HA   H N N 214 
LYS HB2  H N N 215 
LYS HB3  H N N 216 
LYS HG2  H N N 217 
LYS HG3  H N N 218 
LYS HD2  H N N 219 
LYS HD3  H N N 220 
LYS HE2  H N N 221 
LYS HE3  H N N 222 
LYS HZ1  H N N 223 
LYS HZ2  H N N 224 
LYS HZ3  H N N 225 
LYS HXT  H N N 226 
MET N    N N N 227 
MET CA   C N S 228 
MET C    C N N 229 
MET O    O N N 230 
MET CB   C N N 231 
MET CG   C N N 232 
MET SD   S N N 233 
MET CE   C N N 234 
MET OXT  O N N 235 
MET H    H N N 236 
MET H2   H N N 237 
MET HA   H N N 238 
MET HB2  H N N 239 
MET HB3  H N N 240 
MET HG2  H N N 241 
MET HG3  H N N 242 
MET HE1  H N N 243 
MET HE2  H N N 244 
MET HE3  H N N 245 
MET HXT  H N N 246 
PHE N    N N N 247 
PHE CA   C N S 248 
PHE C    C N N 249 
PHE O    O N N 250 
PHE CB   C N N 251 
PHE CG   C Y N 252 
PHE CD1  C Y N 253 
PHE CD2  C Y N 254 
PHE CE1  C Y N 255 
PHE CE2  C Y N 256 
PHE CZ   C Y N 257 
PHE OXT  O N N 258 
PHE H    H N N 259 
PHE H2   H N N 260 
PHE HA   H N N 261 
PHE HB2  H N N 262 
PHE HB3  H N N 263 
PHE HD1  H N N 264 
PHE HD2  H N N 265 
PHE HE1  H N N 266 
PHE HE2  H N N 267 
PHE HZ   H N N 268 
PHE HXT  H N N 269 
PRO N    N N N 270 
PRO CA   C N S 271 
PRO C    C N N 272 
PRO O    O N N 273 
PRO CB   C N N 274 
PRO CG   C N N 275 
PRO CD   C N N 276 
PRO OXT  O N N 277 
PRO H    H N N 278 
PRO HA   H N N 279 
PRO HB2  H N N 280 
PRO HB3  H N N 281 
PRO HG2  H N N 282 
PRO HG3  H N N 283 
PRO HD2  H N N 284 
PRO HD3  H N N 285 
PRO HXT  H N N 286 
SER N    N N N 287 
SER CA   C N S 288 
SER C    C N N 289 
SER O    O N N 290 
SER CB   C N N 291 
SER OG   O N N 292 
SER OXT  O N N 293 
SER H    H N N 294 
SER H2   H N N 295 
SER HA   H N N 296 
SER HB2  H N N 297 
SER HB3  H N N 298 
SER HG   H N N 299 
SER HXT  H N N 300 
THR N    N N N 301 
THR CA   C N S 302 
THR C    C N N 303 
THR O    O N N 304 
THR CB   C N R 305 
THR OG1  O N N 306 
THR CG2  C N N 307 
THR OXT  O N N 308 
THR H    H N N 309 
THR H2   H N N 310 
THR HA   H N N 311 
THR HB   H N N 312 
THR HG1  H N N 313 
THR HG21 H N N 314 
THR HG22 H N N 315 
THR HG23 H N N 316 
THR HXT  H N N 317 
TRP N    N N N 318 
TRP CA   C N S 319 
TRP C    C N N 320 
TRP O    O N N 321 
TRP CB   C N N 322 
TRP CG   C Y N 323 
TRP CD1  C Y N 324 
TRP CD2  C Y N 325 
TRP NE1  N Y N 326 
TRP CE2  C Y N 327 
TRP CE3  C Y N 328 
TRP CZ2  C Y N 329 
TRP CZ3  C Y N 330 
TRP CH2  C Y N 331 
TRP OXT  O N N 332 
TRP H    H N N 333 
TRP H2   H N N 334 
TRP HA   H N N 335 
TRP HB2  H N N 336 
TRP HB3  H N N 337 
TRP HD1  H N N 338 
TRP HE1  H N N 339 
TRP HE3  H N N 340 
TRP HZ2  H N N 341 
TRP HZ3  H N N 342 
TRP HH2  H N N 343 
TRP HXT  H N N 344 
TYR N    N N N 345 
TYR CA   C N S 346 
TYR C    C N N 347 
TYR O    O N N 348 
TYR CB   C N N 349 
TYR CG   C Y N 350 
TYR CD1  C Y N 351 
TYR CD2  C Y N 352 
TYR CE1  C Y N 353 
TYR CE2  C Y N 354 
TYR CZ   C Y N 355 
TYR OH   O N N 356 
TYR OXT  O N N 357 
TYR H    H N N 358 
TYR H2   H N N 359 
TYR HA   H N N 360 
TYR HB2  H N N 361 
TYR HB3  H N N 362 
TYR HD1  H N N 363 
TYR HD2  H N N 364 
TYR HE1  H N N 365 
TYR HE2  H N N 366 
TYR HH   H N N 367 
TYR HXT  H N N 368 
VAL N    N N N 369 
VAL CA   C N S 370 
VAL C    C N N 371 
VAL O    O N N 372 
VAL CB   C N N 373 
VAL CG1  C N N 374 
VAL CG2  C N N 375 
VAL OXT  O N N 376 
VAL H    H N N 377 
VAL H2   H N N 378 
VAL HA   H N N 379 
VAL HB   H N N 380 
VAL HG11 H N N 381 
VAL HG12 H N N 382 
VAL HG13 H N N 383 
VAL HG21 H N N 384 
VAL HG22 H N N 385 
VAL HG23 H N N 386 
VAL HXT  H N N 387 
# 
loop_
_chem_comp_bond.comp_id 
_chem_comp_bond.atom_id_1 
_chem_comp_bond.atom_id_2 
_chem_comp_bond.value_order 
_chem_comp_bond.pdbx_aromatic_flag 
_chem_comp_bond.pdbx_stereo_config 
_chem_comp_bond.pdbx_ordinal 
ALA N   CA   sing N N 1   
ALA N   H    sing N N 2   
ALA N   H2   sing N N 3   
ALA CA  C    sing N N 4   
ALA CA  CB   sing N N 5   
ALA CA  HA   sing N N 6   
ALA C   O    doub N N 7   
ALA C   OXT  sing N N 8   
ALA CB  HB1  sing N N 9   
ALA CB  HB2  sing N N 10  
ALA CB  HB3  sing N N 11  
ALA OXT HXT  sing N N 12  
ARG N   CA   sing N N 13  
ARG N   H    sing N N 14  
ARG N   H2   sing N N 15  
ARG CA  C    sing N N 16  
ARG CA  CB   sing N N 17  
ARG CA  HA   sing N N 18  
ARG C   O    doub N N 19  
ARG C   OXT  sing N N 20  
ARG CB  CG   sing N N 21  
ARG CB  HB2  sing N N 22  
ARG CB  HB3  sing N N 23  
ARG CG  CD   sing N N 24  
ARG CG  HG2  sing N N 25  
ARG CG  HG3  sing N N 26  
ARG CD  NE   sing N N 27  
ARG CD  HD2  sing N N 28  
ARG CD  HD3  sing N N 29  
ARG NE  CZ   sing N N 30  
ARG NE  HE   sing N N 31  
ARG CZ  NH1  sing N N 32  
ARG CZ  NH2  doub N N 33  
ARG NH1 HH11 sing N N 34  
ARG NH1 HH12 sing N N 35  
ARG NH2 HH21 sing N N 36  
ARG NH2 HH22 sing N N 37  
ARG OXT HXT  sing N N 38  
ASN N   CA   sing N N 39  
ASN N   H    sing N N 40  
ASN N   H2   sing N N 41  
ASN CA  C    sing N N 42  
ASN CA  CB   sing N N 43  
ASN CA  HA   sing N N 44  
ASN C   O    doub N N 45  
ASN C   OXT  sing N N 46  
ASN CB  CG   sing N N 47  
ASN CB  HB2  sing N N 48  
ASN CB  HB3  sing N N 49  
ASN CG  OD1  doub N N 50  
ASN CG  ND2  sing N N 51  
ASN ND2 HD21 sing N N 52  
ASN ND2 HD22 sing N N 53  
ASN OXT HXT  sing N N 54  
ASP N   CA   sing N N 55  
ASP N   H    sing N N 56  
ASP N   H2   sing N N 57  
ASP CA  C    sing N N 58  
ASP CA  CB   sing N N 59  
ASP CA  HA   sing N N 60  
ASP C   O    doub N N 61  
ASP C   OXT  sing N N 62  
ASP CB  CG   sing N N 63  
ASP CB  HB2  sing N N 64  
ASP CB  HB3  sing N N 65  
ASP CG  OD1  doub N N 66  
ASP CG  OD2  sing N N 67  
ASP OD2 HD2  sing N N 68  
ASP OXT HXT  sing N N 69  
CYS N   CA   sing N N 70  
CYS N   H    sing N N 71  
CYS N   H2   sing N N 72  
CYS CA  C    sing N N 73  
CYS CA  CB   sing N N 74  
CYS CA  HA   sing N N 75  
CYS C   O    doub N N 76  
CYS C   OXT  sing N N 77  
CYS CB  SG   sing N N 78  
CYS CB  HB2  sing N N 79  
CYS CB  HB3  sing N N 80  
CYS SG  HG   sing N N 81  
CYS OXT HXT  sing N N 82  
GLN N   CA   sing N N 83  
GLN N   H    sing N N 84  
GLN N   H2   sing N N 85  
GLN CA  C    sing N N 86  
GLN CA  CB   sing N N 87  
GLN CA  HA   sing N N 88  
GLN C   O    doub N N 89  
GLN C   OXT  sing N N 90  
GLN CB  CG   sing N N 91  
GLN CB  HB2  sing N N 92  
GLN CB  HB3  sing N N 93  
GLN CG  CD   sing N N 94  
GLN CG  HG2  sing N N 95  
GLN CG  HG3  sing N N 96  
GLN CD  OE1  doub N N 97  
GLN CD  NE2  sing N N 98  
GLN NE2 HE21 sing N N 99  
GLN NE2 HE22 sing N N 100 
GLN OXT HXT  sing N N 101 
GLU N   CA   sing N N 102 
GLU N   H    sing N N 103 
GLU N   H2   sing N N 104 
GLU CA  C    sing N N 105 
GLU CA  CB   sing N N 106 
GLU CA  HA   sing N N 107 
GLU C   O    doub N N 108 
GLU C   OXT  sing N N 109 
GLU CB  CG   sing N N 110 
GLU CB  HB2  sing N N 111 
GLU CB  HB3  sing N N 112 
GLU CG  CD   sing N N 113 
GLU CG  HG2  sing N N 114 
GLU CG  HG3  sing N N 115 
GLU CD  OE1  doub N N 116 
GLU CD  OE2  sing N N 117 
GLU OE2 HE2  sing N N 118 
GLU OXT HXT  sing N N 119 
GLY N   CA   sing N N 120 
GLY N   H    sing N N 121 
GLY N   H2   sing N N 122 
GLY CA  C    sing N N 123 
GLY CA  HA2  sing N N 124 
GLY CA  HA3  sing N N 125 
GLY C   O    doub N N 126 
GLY C   OXT  sing N N 127 
GLY OXT HXT  sing N N 128 
HIS N   CA   sing N N 129 
HIS N   H    sing N N 130 
HIS N   H2   sing N N 131 
HIS CA  C    sing N N 132 
HIS CA  CB   sing N N 133 
HIS CA  HA   sing N N 134 
HIS C   O    doub N N 135 
HIS C   OXT  sing N N 136 
HIS CB  CG   sing N N 137 
HIS CB  HB2  sing N N 138 
HIS CB  HB3  sing N N 139 
HIS CG  ND1  sing Y N 140 
HIS CG  CD2  doub Y N 141 
HIS ND1 CE1  doub Y N 142 
HIS ND1 HD1  sing N N 143 
HIS CD2 NE2  sing Y N 144 
HIS CD2 HD2  sing N N 145 
HIS CE1 NE2  sing Y N 146 
HIS CE1 HE1  sing N N 147 
HIS NE2 HE2  sing N N 148 
HIS OXT HXT  sing N N 149 
ILE N   CA   sing N N 150 
ILE N   H    sing N N 151 
ILE N   H2   sing N N 152 
ILE CA  C    sing N N 153 
ILE CA  CB   sing N N 154 
ILE CA  HA   sing N N 155 
ILE C   O    doub N N 156 
ILE C   OXT  sing N N 157 
ILE CB  CG1  sing N N 158 
ILE CB  CG2  sing N N 159 
ILE CB  HB   sing N N 160 
ILE CG1 CD1  sing N N 161 
ILE CG1 HG12 sing N N 162 
ILE CG1 HG13 sing N N 163 
ILE CG2 HG21 sing N N 164 
ILE CG2 HG22 sing N N 165 
ILE CG2 HG23 sing N N 166 
ILE CD1 HD11 sing N N 167 
ILE CD1 HD12 sing N N 168 
ILE CD1 HD13 sing N N 169 
ILE OXT HXT  sing N N 170 
LEU N   CA   sing N N 171 
LEU N   H    sing N N 172 
LEU N   H2   sing N N 173 
LEU CA  C    sing N N 174 
LEU CA  CB   sing N N 175 
LEU CA  HA   sing N N 176 
LEU C   O    doub N N 177 
LEU C   OXT  sing N N 178 
LEU CB  CG   sing N N 179 
LEU CB  HB2  sing N N 180 
LEU CB  HB3  sing N N 181 
LEU CG  CD1  sing N N 182 
LEU CG  CD2  sing N N 183 
LEU CG  HG   sing N N 184 
LEU CD1 HD11 sing N N 185 
LEU CD1 HD12 sing N N 186 
LEU CD1 HD13 sing N N 187 
LEU CD2 HD21 sing N N 188 
LEU CD2 HD22 sing N N 189 
LEU CD2 HD23 sing N N 190 
LEU OXT HXT  sing N N 191 
LYS N   CA   sing N N 192 
LYS N   H    sing N N 193 
LYS N   H2   sing N N 194 
LYS CA  C    sing N N 195 
LYS CA  CB   sing N N 196 
LYS CA  HA   sing N N 197 
LYS C   O    doub N N 198 
LYS C   OXT  sing N N 199 
LYS CB  CG   sing N N 200 
LYS CB  HB2  sing N N 201 
LYS CB  HB3  sing N N 202 
LYS CG  CD   sing N N 203 
LYS CG  HG2  sing N N 204 
LYS CG  HG3  sing N N 205 
LYS CD  CE   sing N N 206 
LYS CD  HD2  sing N N 207 
LYS CD  HD3  sing N N 208 
LYS CE  NZ   sing N N 209 
LYS CE  HE2  sing N N 210 
LYS CE  HE3  sing N N 211 
LYS NZ  HZ1  sing N N 212 
LYS NZ  HZ2  sing N N 213 
LYS NZ  HZ3  sing N N 214 
LYS OXT HXT  sing N N 215 
MET N   CA   sing N N 216 
MET N   H    sing N N 217 
MET N   H2   sing N N 218 
MET CA  C    sing N N 219 
MET CA  CB   sing N N 220 
MET CA  HA   sing N N 221 
MET C   O    doub N N 222 
MET C   OXT  sing N N 223 
MET CB  CG   sing N N 224 
MET CB  HB2  sing N N 225 
MET CB  HB3  sing N N 226 
MET CG  SD   sing N N 227 
MET CG  HG2  sing N N 228 
MET CG  HG3  sing N N 229 
MET SD  CE   sing N N 230 
MET CE  HE1  sing N N 231 
MET CE  HE2  sing N N 232 
MET CE  HE3  sing N N 233 
MET OXT HXT  sing N N 234 
PHE N   CA   sing N N 235 
PHE N   H    sing N N 236 
PHE N   H2   sing N N 237 
PHE CA  C    sing N N 238 
PHE CA  CB   sing N N 239 
PHE CA  HA   sing N N 240 
PHE C   O    doub N N 241 
PHE C   OXT  sing N N 242 
PHE CB  CG   sing N N 243 
PHE CB  HB2  sing N N 244 
PHE CB  HB3  sing N N 245 
PHE CG  CD1  doub Y N 246 
PHE CG  CD2  sing Y N 247 
PHE CD1 CE1  sing Y N 248 
PHE CD1 HD1  sing N N 249 
PHE CD2 CE2  doub Y N 250 
PHE CD2 HD2  sing N N 251 
PHE CE1 CZ   doub Y N 252 
PHE CE1 HE1  sing N N 253 
PHE CE2 CZ   sing Y N 254 
PHE CE2 HE2  sing N N 255 
PHE CZ  HZ   sing N N 256 
PHE OXT HXT  sing N N 257 
PRO N   CA   sing N N 258 
PRO N   CD   sing N N 259 
PRO N   H    sing N N 260 
PRO CA  C    sing N N 261 
PRO CA  CB   sing N N 262 
PRO CA  HA   sing N N 263 
PRO C   O    doub N N 264 
PRO C   OXT  sing N N 265 
PRO CB  CG   sing N N 266 
PRO CB  HB2  sing N N 267 
PRO CB  HB3  sing N N 268 
PRO CG  CD   sing N N 269 
PRO CG  HG2  sing N N 270 
PRO CG  HG3  sing N N 271 
PRO CD  HD2  sing N N 272 
PRO CD  HD3  sing N N 273 
PRO OXT HXT  sing N N 274 
SER N   CA   sing N N 275 
SER N   H    sing N N 276 
SER N   H2   sing N N 277 
SER CA  C    sing N N 278 
SER CA  CB   sing N N 279 
SER CA  HA   sing N N 280 
SER C   O    doub N N 281 
SER C   OXT  sing N N 282 
SER CB  OG   sing N N 283 
SER CB  HB2  sing N N 284 
SER CB  HB3  sing N N 285 
SER OG  HG   sing N N 286 
SER OXT HXT  sing N N 287 
THR N   CA   sing N N 288 
THR N   H    sing N N 289 
THR N   H2   sing N N 290 
THR CA  C    sing N N 291 
THR CA  CB   sing N N 292 
THR CA  HA   sing N N 293 
THR C   O    doub N N 294 
THR C   OXT  sing N N 295 
THR CB  OG1  sing N N 296 
THR CB  CG2  sing N N 297 
THR CB  HB   sing N N 298 
THR OG1 HG1  sing N N 299 
THR CG2 HG21 sing N N 300 
THR CG2 HG22 sing N N 301 
THR CG2 HG23 sing N N 302 
THR OXT HXT  sing N N 303 
TRP N   CA   sing N N 304 
TRP N   H    sing N N 305 
TRP N   H2   sing N N 306 
TRP CA  C    sing N N 307 
TRP CA  CB   sing N N 308 
TRP CA  HA   sing N N 309 
TRP C   O    doub N N 310 
TRP C   OXT  sing N N 311 
TRP CB  CG   sing N N 312 
TRP CB  HB2  sing N N 313 
TRP CB  HB3  sing N N 314 
TRP CG  CD1  doub Y N 315 
TRP CG  CD2  sing Y N 316 
TRP CD1 NE1  sing Y N 317 
TRP CD1 HD1  sing N N 318 
TRP CD2 CE2  doub Y N 319 
TRP CD2 CE3  sing Y N 320 
TRP NE1 CE2  sing Y N 321 
TRP NE1 HE1  sing N N 322 
TRP CE2 CZ2  sing Y N 323 
TRP CE3 CZ3  doub Y N 324 
TRP CE3 HE3  sing N N 325 
TRP CZ2 CH2  doub Y N 326 
TRP CZ2 HZ2  sing N N 327 
TRP CZ3 CH2  sing Y N 328 
TRP CZ3 HZ3  sing N N 329 
TRP CH2 HH2  sing N N 330 
TRP OXT HXT  sing N N 331 
TYR N   CA   sing N N 332 
TYR N   H    sing N N 333 
TYR N   H2   sing N N 334 
TYR CA  C    sing N N 335 
TYR CA  CB   sing N N 336 
TYR CA  HA   sing N N 337 
TYR C   O    doub N N 338 
TYR C   OXT  sing N N 339 
TYR CB  CG   sing N N 340 
TYR CB  HB2  sing N N 341 
TYR CB  HB3  sing N N 342 
TYR CG  CD1  doub Y N 343 
TYR CG  CD2  sing Y N 344 
TYR CD1 CE1  sing Y N 345 
TYR CD1 HD1  sing N N 346 
TYR CD2 CE2  doub Y N 347 
TYR CD2 HD2  sing N N 348 
TYR CE1 CZ   doub Y N 349 
TYR CE1 HE1  sing N N 350 
TYR CE2 CZ   sing Y N 351 
TYR CE2 HE2  sing N N 352 
TYR CZ  OH   sing N N 353 
TYR OH  HH   sing N N 354 
TYR OXT HXT  sing N N 355 
VAL N   CA   sing N N 356 
VAL N   H    sing N N 357 
VAL N   H2   sing N N 358 
VAL CA  C    sing N N 359 
VAL CA  CB   sing N N 360 
VAL CA  HA   sing N N 361 
VAL C   O    doub N N 362 
VAL C   OXT  sing N N 363 
VAL CB  CG1  sing N N 364 
VAL CB  CG2  sing N N 365 
VAL CB  HB   sing N N 366 
VAL CG1 HG11 sing N N 367 
VAL CG1 HG12 sing N N 368 
VAL CG1 HG13 sing N N 369 
VAL CG2 HG21 sing N N 370 
VAL CG2 HG22 sing N N 371 
VAL CG2 HG23 sing N N 372 
VAL OXT HXT  sing N N 373 
# 
_em_ctf_correction.id        1 
_em_ctf_correction.details   robem 
_em_ctf_correction.type      . 
# 
_em_image_processing.id                   1 
_em_image_processing.image_recording_id   1 
_em_image_processing.details              ? 
# 
_em_image_recording.avg_electron_dose_per_image   23.8 
_em_image_recording.details                       ? 
_em_image_recording.id                            1 
_em_image_recording.film_or_detector_model        'KODAK SO-163 FILM' 
_em_image_recording.imaging_id                    1 
_em_image_recording.detector_mode                 ? 
_em_image_recording.average_exposure_time         ? 
_em_image_recording.num_diffraction_images        ? 
_em_image_recording.num_grids_imaged              ? 
_em_image_recording.num_real_images               ? 
# 
loop_
_em_software.id 
_em_software.name 
_em_software.version 
_em_software.category 
_em_software.details 
_em_software.image_processing_id 
1 EM3DR ? RECONSTRUCTION ? 1 
2 EMPFT ? RECONSTRUCTION ? 1 
# 
_em_specimen.experiment_id           1 
_em_specimen.id                      1 
_em_specimen.concentration           1 
_em_specimen.vitrification_applied   YES 
_em_specimen.staining_applied        NO 
_em_specimen.embedding_applied       NO 
_em_specimen.shadowing_applied       NO 
_em_specimen.details                 '10mM Tris-HCL' 
# 
_em_virus_natural_host.entity_assembly_id   1 
_em_virus_natural_host.id                   1 
_em_virus_natural_host.ncbi_tax_id          9685 
_em_virus_natural_host.organism             'Felis catus' 
_em_virus_natural_host.strain               ? 
# 
_em_virus_shell.entity_assembly_id   1 
_em_virus_shell.id                   1 
_em_virus_shell.name                 ? 
_em_virus_shell.diameter             ? 
_em_virus_shell.triangulation        1 
# 
_atom_sites.entry_id                    3IY6 
_atom_sites.fract_transf_matrix[1][1]   1.000000 
_atom_sites.fract_transf_matrix[1][2]   0.000000 
_atom_sites.fract_transf_matrix[1][3]   0.000000 
_atom_sites.fract_transf_matrix[2][1]   0.000000 
_atom_sites.fract_transf_matrix[2][2]   1.000000 
_atom_sites.fract_transf_matrix[2][3]   0.000000 
_atom_sites.fract_transf_matrix[3][1]   0.000000 
_atom_sites.fract_transf_matrix[3][2]   0.000000 
_atom_sites.fract_transf_matrix[3][3]   1.000000 
_atom_sites.fract_transf_vector[1]      0.00000 
_atom_sites.fract_transf_vector[2]      0.00000 
_atom_sites.fract_transf_vector[3]      0.00000 
# 
loop_
_atom_type.symbol 
C 
N 
O 
S 
# 
loop_
_atom_site.group_PDB 
_atom_site.id 
_atom_site.type_symbol 
_atom_site.label_atom_id 
_atom_site.label_alt_id 
_atom_site.label_comp_id 
_atom_site.label_asym_id 
_atom_site.label_entity_id 
_atom_site.label_seq_id 
_atom_site.pdbx_PDB_ins_code 
_atom_site.Cartn_x 
_atom_site.Cartn_y 
_atom_site.Cartn_z 
_atom_site.occupancy 
_atom_site.B_iso_or_equiv 
_atom_site.pdbx_formal_charge 
_atom_site.auth_seq_id 
_atom_site.auth_comp_id 
_atom_site.auth_asym_id 
_atom_site.auth_atom_id 
_atom_site.pdbx_PDB_model_num 
ATOM 1    N N   . LEU A 1 1   ? 10.066  -4.342  9.127   1.00 27.88  ? 1   LEU A N   1 
ATOM 2    C CA  . LEU A 1 1   ? 9.492   -3.005  8.903   1.00 26.40  ? 1   LEU A CA  1 
ATOM 3    C C   . LEU A 1 1   ? 10.312  -2.300  7.821   1.00 26.72  ? 1   LEU A C   1 
ATOM 4    O O   . LEU A 1 1   ? 11.111  -2.964  7.167   1.00 27.54  ? 1   LEU A O   1 
ATOM 5    C CB  . LEU A 1 1   ? 9.583   -2.185  10.186  1.00 22.97  ? 1   LEU A CB  1 
ATOM 6    C CG  . LEU A 1 1   ? 8.827   -2.587  11.457  1.00 21.50  ? 1   LEU A CG  1 
ATOM 7    C CD1 . LEU A 1 1   ? 9.402   -1.845  12.667  1.00 17.16  ? 1   LEU A CD1 1 
ATOM 8    C CD2 . LEU A 1 1   ? 7.326   -2.325  11.323  1.00 21.74  ? 1   LEU A CD2 1 
ATOM 9    N N   . MET A 1 2   ? 10.133  -0.968  7.695   1.00 25.93  ? 2   MET A N   1 
ATOM 10   C CA  . MET A 1 2   ? 10.838  -0.215  6.636   1.00 25.10  ? 2   MET A CA  1 
ATOM 11   C C   . MET A 1 2   ? 11.231  1.235   6.995   1.00 21.73  ? 2   MET A C   1 
ATOM 12   O O   . MET A 1 2   ? 10.530  1.898   7.755   1.00 20.57  ? 2   MET A O   1 
ATOM 13   C CB  . MET A 1 2   ? 9.926   -0.102  5.422   1.00 29.02  ? 2   MET A CB  1 
ATOM 14   C CG  . MET A 1 2   ? 10.665  -0.424  4.133   1.00 29.10  ? 2   MET A CG  1 
ATOM 15   S SD  . MET A 1 2   ? 10.653  -2.212  4.006   1.00 28.52  ? 2   MET A SD  1 
ATOM 16   C CE  . MET A 1 2   ? 11.967  -2.428  2.806   1.00 24.02  ? 2   MET A CE  1 
ATOM 17   N N   . THR A 1 3   ? 12.337  1.691   6.374   1.00 17.85  ? 3   THR A N   1 
ATOM 18   C CA  . THR A 1 3   ? 12.859  3.060   6.547   1.00 13.82  ? 3   THR A CA  1 
ATOM 19   C C   . THR A 1 3   ? 13.101  3.589   5.121   1.00 12.60  ? 3   THR A C   1 
ATOM 20   O O   . THR A 1 3   ? 13.746  2.929   4.312   1.00 11.41  ? 3   THR A O   1 
ATOM 21   C CB  . THR A 1 3   ? 14.189  3.076   7.348   1.00 9.54   ? 3   THR A CB  1 
ATOM 22   O OG1 . THR A 1 3   ? 14.007  2.934   8.766   1.00 9.57   ? 3   THR A OG1 1 
ATOM 23   C CG2 . THR A 1 3   ? 15.010  4.338   7.075   1.00 6.96   ? 3   THR A CG2 1 
ATOM 24   N N   . GLN A 1 4   ? 12.550  4.769   4.822   1.00 12.13  ? 4   GLN A N   1 
ATOM 25   C CA  . GLN A 1 4   ? 12.700  5.313   3.474   1.00 9.60   ? 4   GLN A CA  1 
ATOM 26   C C   . GLN A 1 4   ? 13.419  6.646   3.573   1.00 6.24   ? 4   GLN A C   1 
ATOM 27   O O   . GLN A 1 4   ? 13.058  7.503   4.374   1.00 8.59   ? 4   GLN A O   1 
ATOM 28   C CB  . GLN A 1 4   ? 11.302  5.514   2.889   1.00 12.62  ? 4   GLN A CB  1 
ATOM 29   C CG  . GLN A 1 4   ? 11.291  5.705   1.377   1.00 10.69  ? 4   GLN A CG  1 
ATOM 30   C CD  . GLN A 1 4   ? 9.880   5.576   0.850   1.00 16.55  ? 4   GLN A CD  1 
ATOM 31   O OE1 . GLN A 1 4   ? 8.991   5.004   1.469   1.00 21.24  ? 4   GLN A OE1 1 
ATOM 32   N NE2 . GLN A 1 4   ? 9.671   6.098   -0.324  1.00 17.59  ? 4   GLN A NE2 1 
ATOM 33   N N   . ILE A 1 5   ? 14.472  6.790   2.784   1.00 5.59   ? 5   ILE A N   1 
ATOM 34   C CA  . ILE A 1 5   ? 15.209  8.049   2.811   1.00 5.53   ? 5   ILE A CA  1 
ATOM 35   C C   . ILE A 1 5   ? 15.485  8.321   1.346   1.00 6.32   ? 5   ILE A C   1 
ATOM 36   O O   . ILE A 1 5   ? 15.733  7.369   0.587   1.00 5.43   ? 5   ILE A O   1 
ATOM 37   C CB  . ILE A 1 5   ? 16.473  7.889   3.670   1.00 6.26   ? 5   ILE A CB  1 
ATOM 38   C CG1 . ILE A 1 5   ? 17.696  8.570   3.059   1.00 8.07   ? 5   ILE A CG1 1 
ATOM 39   C CG2 . ILE A 1 5   ? 16.813  6.435   3.980   1.00 5.02   ? 5   ILE A CG2 1 
ATOM 40   C CD1 . ILE A 1 5   ? 17.766  10.066  3.348   1.00 13.39  ? 5   ILE A CD1 1 
ATOM 41   N N   . PRO A 1 6   ? 15.392  9.559   0.852   1.00 8.77   ? 6   PRO A N   1 
ATOM 42   C CA  . PRO A 1 6   ? 15.088  10.776  1.637   1.00 12.47  ? 6   PRO A CA  1 
ATOM 43   C C   . PRO A 1 6   ? 13.592  11.078  1.756   1.00 12.47  ? 6   PRO A C   1 
ATOM 44   O O   . PRO A 1 6   ? 12.758  10.459  1.111   1.00 10.10  ? 6   PRO A O   1 
ATOM 45   C CB  . PRO A 1 6   ? 15.691  11.848  0.717   1.00 15.55  ? 6   PRO A CB  1 
ATOM 46   C CG  . PRO A 1 6   ? 15.337  11.308  -0.670  1.00 14.21  ? 6   PRO A CG  1 
ATOM 47   C CD  . PRO A 1 6   ? 15.621  9.811   -0.552  1.00 10.62  ? 6   PRO A CD  1 
ATOM 48   N N   . ALA A 1 7   ? 13.280  12.071  2.597   1.00 15.95  ? 7   ALA A N   1 
ATOM 49   C CA  . ALA A 1 7   ? 11.881  12.442  2.798   1.00 16.79  ? 7   ALA A CA  1 
ATOM 50   C C   . ALA A 1 7   ? 11.402  13.295  1.625   1.00 20.90  ? 7   ALA A C   1 
ATOM 51   O O   . ALA A 1 7   ? 10.337  13.038  1.075   1.00 22.74  ? 7   ALA A O   1 
ATOM 52   C CB  . ALA A 1 7   ? 11.764  13.215  4.115   1.00 23.26  ? 7   ALA A CB  1 
ATOM 53   N N   . SER A 1 8   ? 12.189  14.316  1.259   1.00 23.53  ? 8   SER A N   1 
ATOM 54   C CA  . SER A 1 8   ? 11.804  15.188  0.142   1.00 26.94  ? 8   SER A CA  1 
ATOM 55   C C   . SER A 1 8   ? 12.872  15.004  -0.938  1.00 24.87  ? 8   SER A C   1 
ATOM 56   O O   . SER A 1 8   ? 14.017  14.690  -0.620  1.00 22.30  ? 8   SER A O   1 
ATOM 57   C CB  . SER A 1 8   ? 11.801  16.653  0.625   1.00 30.07  ? 8   SER A CB  1 
ATOM 58   O OG  . SER A 1 8   ? 11.357  17.598  -0.360  1.00 36.59  ? 8   SER A OG  1 
ATOM 59   N N   . MET A 1 9   ? 12.499  15.212  -2.202  1.00 26.59  ? 9   MET A N   1 
ATOM 60   C CA  . MET A 1 9   ? 13.450  14.975  -3.289  1.00 26.30  ? 9   MET A CA  1 
ATOM 61   C C   . MET A 1 9   ? 13.193  15.997  -4.406  1.00 32.62  ? 9   MET A C   1 
ATOM 62   O O   . MET A 1 9   ? 12.352  15.764  -5.266  1.00 42.54  ? 9   MET A O   1 
ATOM 63   C CB  . MET A 1 9   ? 13.311  13.517  -3.765  1.00 25.59  ? 9   MET A CB  1 
ATOM 64   C CG  . MET A 1 9   ? 14.189  13.142  -4.957  1.00 26.70  ? 9   MET A CG  1 
ATOM 65   S SD  . MET A 1 9   ? 15.828  13.814  -4.631  1.00 24.97  ? 9   MET A SD  1 
ATOM 66   C CE  . MET A 1 9   ? 16.749  13.418  -6.110  1.00 28.48  ? 9   MET A CE  1 
ATOM 67   N N   . SER A 1 10  ? 13.888  17.143  -4.370  1.00 27.36  ? 10  SER A N   1 
ATOM 68   C CA  . SER A 1 10  ? 13.718  18.125  -5.436  1.00 29.40  ? 10  SER A CA  1 
ATOM 69   C C   . SER A 1 10  ? 14.546  17.680  -6.626  1.00 32.22  ? 10  SER A C   1 
ATOM 70   O O   . SER A 1 10  ? 15.714  17.326  -6.475  1.00 29.73  ? 10  SER A O   1 
ATOM 71   C CB  . SER A 1 10  ? 13.929  19.561  -4.917  1.00 33.92  ? 10  SER A CB  1 
ATOM 72   O OG  . SER A 1 10  ? 15.201  19.952  -4.384  1.00 25.67  ? 10  SER A OG  1 
ATOM 73   N N   . ILE A 1 11  ? 13.909  17.589  -7.791  1.00 38.12  ? 11  ILE A N   1 
ATOM 74   C CA  . ILE A 1 11  ? 14.641  17.065  -8.935  1.00 42.84  ? 11  ILE A CA  1 
ATOM 75   C C   . ILE A 1 11  ? 14.254  17.873  -10.163 1.00 51.67  ? 11  ILE A C   1 
ATOM 76   O O   . ILE A 1 11  ? 13.144  18.383  -10.220 1.00 53.70  ? 11  ILE A O   1 
ATOM 77   C CB  . ILE A 1 11  ? 14.411  15.575  -9.071  1.00 44.99  ? 11  ILE A CB  1 
ATOM 78   C CG1 . ILE A 1 11  ? 13.340  15.199  -9.991  1.00 52.96  ? 11  ILE A CG1 1 
ATOM 79   C CG2 . ILE A 1 11  ? 14.155  14.801  -7.796  1.00 38.45  ? 11  ILE A CG2 1 
ATOM 80   C CD1 . ILE A 1 11  ? 13.390  13.677  -10.110 1.00 53.14  ? 11  ILE A CD1 1 
ATOM 81   N N   . SER A 1 12  ? 15.170  18.051  -11.113 1.00 58.38  ? 12  SER A N   1 
ATOM 82   C CA  . SER A 1 12  ? 14.845  18.832  -12.313 1.00 68.25  ? 12  SER A CA  1 
ATOM 83   C C   . SER A 1 12  ? 14.397  17.857  -13.379 1.00 76.91  ? 12  SER A C   1 
ATOM 84   O O   . SER A 1 12  ? 14.773  16.691  -13.334 1.00 75.97  ? 12  SER A O   1 
ATOM 85   C CB  . SER A 1 12  ? 16.098  19.545  -12.837 1.00 72.75  ? 12  SER A CB  1 
ATOM 86   O OG  . SER A 1 12  ? 16.454  20.678  -12.064 1.00 68.44  ? 12  SER A OG  1 
ATOM 87   N N   . VAL A 1 13  ? 13.603  18.336  -14.332 1.00 84.18  ? 13  VAL A N   1 
ATOM 88   C CA  . VAL A 1 13  ? 13.138  17.434  -15.385 1.00 90.95  ? 13  VAL A CA  1 
ATOM 89   C C   . VAL A 1 13  ? 14.349  16.920  -16.136 1.00 94.42  ? 13  VAL A C   1 
ATOM 90   O O   . VAL A 1 13  ? 15.318  17.652  -16.330 1.00 95.21  ? 13  VAL A O   1 
ATOM 91   C CB  . VAL A 1 13  ? 12.190  18.190  -16.316 1.00 95.90  ? 13  VAL A CB  1 
ATOM 92   C CG1 . VAL A 1 13  ? 11.831  17.402  -17.574 1.00 101.28 ? 13  VAL A CG1 1 
ATOM 93   C CG2 . VAL A 1 13  ? 10.928  18.642  -15.587 1.00 92.37  ? 13  VAL A CG2 1 
ATOM 94   N N   . GLY A 1 14  ? 14.354  15.634  -16.461 1.00 96.67  ? 14  GLY A N   1 
ATOM 95   C CA  . GLY A 1 14  ? 15.495  15.092  -17.179 1.00 98.90  ? 14  GLY A CA  1 
ATOM 96   C C   . GLY A 1 14  ? 16.455  14.448  -16.189 1.00 93.32  ? 14  GLY A C   1 
ATOM 97   O O   . GLY A 1 14  ? 17.152  13.509  -16.560 1.00 95.28  ? 14  GLY A O   1 
ATOM 98   N N   . ASP A 1 15  ? 16.478  14.945  -14.950 1.00 86.08  ? 15  ASP A N   1 
ATOM 99   C CA  . ASP A 1 15  ? 17.392  14.416  -13.929 1.00 78.77  ? 15  ASP A CA  1 
ATOM 100  C C   . ASP A 1 15  ? 17.087  12.970  -13.595 1.00 75.26  ? 15  ASP A C   1 
ATOM 101  O O   . ASP A 1 15  ? 16.052  12.434  -13.971 1.00 77.29  ? 15  ASP A O   1 
ATOM 102  C CB  . ASP A 1 15  ? 17.181  15.175  -12.614 1.00 68.84  ? 15  ASP A CB  1 
ATOM 103  C CG  . ASP A 1 15  ? 18.179  16.293  -12.369 1.00 67.67  ? 15  ASP A CG  1 
ATOM 104  O OD1 . ASP A 1 15  ? 18.970  16.618  -13.282 1.00 75.42  ? 15  ASP A OD1 1 
ATOM 105  O OD2 . ASP A 1 15  ? 18.187  16.846  -11.247 1.00 58.91  ? 15  ASP A OD2 1 
ATOM 106  N N   . ARG A 1 16  ? 17.996  12.368  -12.831 1.00 69.60  ? 16  ARG A N   1 
ATOM 107  C CA  . ARG A 1 16  ? 17.765  10.997  -12.394 1.00 64.89  ? 16  ARG A CA  1 
ATOM 108  C C   . ARG A 1 16  ? 17.501  11.132  -10.922 1.00 53.45  ? 16  ARG A C   1 
ATOM 109  O O   . ARG A 1 16  ? 17.952  12.100  -10.308 1.00 50.03  ? 16  ARG A O   1 
ATOM 110  C CB  . ARG A 1 16  ? 19.032  10.159  -12.579 1.00 67.57  ? 16  ARG A CB  1 
ATOM 111  C CG  . ARG A 1 16  ? 18.948  8.772   -11.936 1.00 60.78  ? 16  ARG A CG  1 
ATOM 112  C CD  . ARG A 1 16  ? 20.239  7.984   -12.124 1.00 64.42  ? 16  ARG A CD  1 
ATOM 113  N NE  . ARG A 1 16  ? 20.728  7.531   -10.821 1.00 53.70  ? 16  ARG A NE  1 
ATOM 114  C CZ  . ARG A 1 16  ? 21.642  6.566   -10.761 1.00 55.00  ? 16  ARG A CZ  1 
ATOM 115  N NH1 . ARG A 1 16  ? 22.008  5.881   -11.807 1.00 65.57  ? 16  ARG A NH1 1 
ATOM 116  N NH2 . ARG A 1 16  ? 22.182  6.280   -9.608  1.00 45.86  ? 16  ARG A NH2 1 
ATOM 117  N N   . VAL A 1 17  ? 16.761  10.186  -10.368 1.00 47.95  ? 17  VAL A N   1 
ATOM 118  C CA  . VAL A 1 17  ? 16.571  10.214  -8.948  1.00 38.18  ? 17  VAL A CA  1 
ATOM 119  C C   . VAL A 1 17  ? 16.608  8.805   -8.385  1.00 33.10  ? 17  VAL A C   1 
ATOM 120  O O   . VAL A 1 17  ? 16.484  7.861   -9.167  1.00 36.80  ? 17  VAL A O   1 
ATOM 121  C CB  . VAL A 1 17  ? 15.410  11.107  -8.592  1.00 37.91  ? 17  VAL A CB  1 
ATOM 122  C CG1 . VAL A 1 17  ? 14.022  10.638  -8.989  1.00 43.16  ? 17  VAL A CG1 1 
ATOM 123  C CG2 . VAL A 1 17  ? 15.512  11.133  -7.100  1.00 30.67  ? 17  VAL A CG2 1 
ATOM 124  N N   . THR A 1 18  ? 16.906  8.674   -7.087  1.00 24.73  ? 18  THR A N   1 
ATOM 125  C CA  . THR A 1 18  ? 17.032  7.369   -6.459  1.00 19.44  ? 18  THR A CA  1 
ATOM 126  C C   . THR A 1 18  ? 16.370  7.488   -5.108  1.00 14.83  ? 18  THR A C   1 
ATOM 127  O O   . THR A 1 18  ? 16.671  8.405   -4.340  1.00 14.66  ? 18  THR A O   1 
ATOM 128  C CB  . THR A 1 18  ? 18.516  7.031   -6.269  1.00 18.23  ? 18  THR A CB  1 
ATOM 129  O OG1 . THR A 1 18  ? 19.248  7.092   -7.496  1.00 25.19  ? 18  THR A OG1 1 
ATOM 130  C CG2 . THR A 1 18  ? 18.743  5.716   -5.570  1.00 13.63  ? 18  THR A CG2 1 
ATOM 131  N N   . MET A 1 19  ? 15.456  6.562   -4.844  1.00 12.38  ? 19  MET A N   1 
ATOM 132  C CA  . MET A 1 19  ? 14.941  6.394   -3.530  1.00 9.83   ? 19  MET A CA  1 
ATOM 133  C C   . MET A 1 19  ? 15.087  5.085   -2.918  1.00 8.09   ? 19  MET A C   1 
ATOM 134  O O   . MET A 1 19  ? 14.963  4.120   -3.662  1.00 9.73   ? 19  MET A O   1 
ATOM 135  C CB  . MET A 1 19  ? 14.156  7.426   -2.828  1.00 9.66   ? 19  MET A CB  1 
ATOM 136  C CG  . MET A 1 19  ? 12.929  7.623   -3.669  1.00 15.46  ? 19  MET A CG  1 
ATOM 137  S SD  . MET A 1 19  ? 11.667  6.740   -2.787  1.00 14.49  ? 19  MET A SD  1 
ATOM 138  C CE  . MET A 1 19  ? 10.432  7.433   -3.781  1.00 23.60  ? 19  MET A CE  1 
ATOM 139  N N   . ASN A 1 20  ? 15.483  5.028   -1.655  1.00 6.00   ? 20  ASN A N   1 
ATOM 140  C CA  . ASN A 1 20  ? 15.902  3.728   -1.145  1.00 5.91   ? 20  ASN A CA  1 
ATOM 141  C C   . ASN A 1 20  ? 15.158  3.349   0.123   1.00 7.25   ? 20  ASN A C   1 
ATOM 142  O O   . ASN A 1 20  ? 14.657  4.201   0.852   1.00 6.63   ? 20  ASN A O   1 
ATOM 143  C CB  . ASN A 1 20  ? 17.387  3.713   -0.807  1.00 5.88   ? 20  ASN A CB  1 
ATOM 144  C CG  . ASN A 1 20  ? 18.242  4.157   -1.970  1.00 6.91   ? 20  ASN A CG  1 
ATOM 145  O OD1 . ASN A 1 20  ? 17.804  4.531   -3.045  1.00 7.34   ? 20  ASN A OD1 1 
ATOM 146  N ND2 . ASN A 1 20  ? 19.528  4.085   -1.795  1.00 7.35   ? 20  ASN A ND2 1 
ATOM 147  N N   . CYS A 1 21  ? 15.131  2.048   0.394   1.00 8.75   ? 21  CYS A N   1 
ATOM 148  C CA  . CYS A 1 21  ? 14.486  1.585   1.611   1.00 11.43  ? 21  CYS A CA  1 
ATOM 149  C C   . CYS A 1 21  ? 15.330  0.507   2.243   1.00 10.98  ? 21  CYS A C   1 
ATOM 150  O O   . CYS A 1 21  ? 16.085  -0.186  1.565   1.00 9.90   ? 21  CYS A O   1 
ATOM 151  C CB  . CYS A 1 21  ? 13.103  1.039   1.295   1.00 16.55  ? 21  CYS A CB  1 
ATOM 152  S SG  . CYS A 1 21  ? 12.031  2.471   1.260   1.00 16.71  ? 21  CYS A SG  1 
ATOM 153  N N   . LYS A 1 22  ? 15.193  0.390   3.553   1.00 11.25  ? 22  LYS A N   1 
ATOM 154  C CA  . LYS A 1 22  ? 15.985  -0.571  4.308   1.00 9.98   ? 22  LYS A CA  1 
ATOM 155  C C   . LYS A 1 22  ? 15.056  -1.389  5.197   1.00 14.28  ? 22  LYS A C   1 
ATOM 156  O O   . LYS A 1 22  ? 14.090  -0.877  5.761   1.00 16.18  ? 22  LYS A O   1 
ATOM 157  C CB  . LYS A 1 22  ? 17.006  0.141   5.192   1.00 5.84   ? 22  LYS A CB  1 
ATOM 158  C CG  . LYS A 1 22  ? 18.045  0.949   4.421   1.00 4.23   ? 22  LYS A CG  1 
ATOM 159  C CD  . LYS A 1 22  ? 19.120  1.527   5.335   1.00 3.40   ? 22  LYS A CD  1 
ATOM 160  C CE  . LYS A 1 22  ? 20.181  2.301   4.558   1.00 4.21   ? 22  LYS A CE  1 
ATOM 161  N NZ  . LYS A 1 22  ? 21.137  2.888   5.506   1.00 4.05   ? 22  LYS A NZ  1 
ATOM 162  N N   . ALA A 1 23  ? 15.346  -2.668  5.308   1.00 14.85  ? 23  ALA A N   1 
ATOM 163  C CA  . ALA A 1 23  ? 14.453  -3.572  5.996   1.00 19.24  ? 23  ALA A CA  1 
ATOM 164  C C   . ALA A 1 23  ? 15.192  -3.980  7.239   1.00 20.02  ? 23  ALA A C   1 
ATOM 165  O O   . ALA A 1 23  ? 16.418  -4.024  7.275   1.00 19.10  ? 23  ALA A O   1 
ATOM 166  C CB  . ALA A 1 23  ? 14.212  -4.806  5.125   1.00 20.66  ? 23  ALA A CB  1 
ATOM 167  N N   . SER A 1 24  ? 14.399  -4.292  8.247   1.00 23.85  ? 24  SER A N   1 
ATOM 168  C CA  . SER A 1 24  ? 14.974  -4.608  9.546   1.00 25.56  ? 24  SER A CA  1 
ATOM 169  C C   . SER A 1 24  ? 15.656  -5.956  9.428   1.00 29.33  ? 24  SER A C   1 
ATOM 170  O O   . SER A 1 24  ? 16.642  -6.214  10.109  1.00 32.22  ? 24  SER A O   1 
ATOM 171  C CB  . SER A 1 24  ? 13.877  -4.654  10.620  1.00 25.14  ? 24  SER A CB  1 
ATOM 172  O OG  . SER A 1 24  ? 13.235  -3.404  10.876  1.00 20.83  ? 24  SER A OG  1 
ATOM 173  N N   . GLN A 1 25  ? 15.125  -6.834  8.589   1.00 31.45  ? 25  GLN A N   1 
ATOM 174  C CA  . GLN A 1 25  ? 15.818  -8.101  8.374   1.00 35.36  ? 25  GLN A CA  1 
ATOM 175  C C   . GLN A 1 25  ? 15.719  -8.455  6.902   1.00 32.44  ? 25  GLN A C   1 
ATOM 176  O O   . GLN A 1 25  ? 15.254  -7.653  6.098   1.00 27.89  ? 25  GLN A O   1 
ATOM 177  C CB  . GLN A 1 25  ? 15.186  -9.196  9.229   1.00 40.73  ? 25  GLN A CB  1 
ATOM 178  C CG  . GLN A 1 25  ? 15.413  -8.953  10.719  1.00 40.13  ? 25  GLN A CG  1 
ATOM 179  C CD  . GLN A 1 25  ? 14.784  -10.028 11.576  1.00 39.73  ? 25  GLN A CD  1 
ATOM 180  O OE1 . GLN A 1 25  ? 14.172  -10.976 11.085  1.00 42.79  ? 25  GLN A OE1 1 
ATOM 181  N NE2 . GLN A 1 25  ? 14.942  -9.882  12.877  1.00 35.92  ? 25  GLN A NE2 1 
ATOM 182  N N   . ASN A 1 26  ? 16.178  -9.656  6.582   1.00 35.07  ? 26  ASN A N   1 
ATOM 183  C CA  . ASN A 1 26  ? 16.282  -10.063 5.185   1.00 33.19  ? 26  ASN A CA  1 
ATOM 184  C C   . ASN A 1 26  ? 14.913  -10.431 4.679   1.00 40.62  ? 26  ASN A C   1 
ATOM 185  O O   . ASN A 1 26  ? 14.139  -11.135 5.325   1.00 55.19  ? 26  ASN A O   1 
ATOM 186  C CB  . ASN A 1 26  ? 17.207  -11.279 5.053   1.00 36.72  ? 26  ASN A CB  1 
ATOM 187  C CG  . ASN A 1 26  ? 18.662  -10.886 5.257   1.00 35.43  ? 26  ASN A CG  1 
ATOM 188  O OD1 . ASN A 1 26  ? 19.096  -9.813  4.844   1.00 32.45  ? 26  ASN A OD1 1 
ATOM 189  N ND2 . ASN A 1 26  ? 19.439  -11.754 5.883   1.00 38.10  ? 26  ASN A ND2 1 
ATOM 190  N N   . VAL A 1 27  ? 14.628  -9.941  3.491   1.00 30.47  ? 27  VAL A N   1 
ATOM 191  C CA  . VAL A 1 27  ? 13.307  -10.149 2.947   1.00 32.53  ? 27  VAL A CA  1 
ATOM 192  C C   . VAL A 1 27  ? 13.617  -10.505 1.521   1.00 30.74  ? 27  VAL A C   1 
ATOM 193  O O   . VAL A 1 27  ? 12.758  -10.505 0.666   1.00 33.97  ? 27  VAL A O   1 
ATOM 194  C CB  . VAL A 1 27  ? 12.474  -8.864  3.025   1.00 25.25  ? 27  VAL A CB  1 
ATOM 195  C CG1 . VAL A 1 27  ? 12.277  -8.324  4.441   1.00 26.29  ? 27  VAL A CG1 1 
ATOM 196  C CG2 . VAL A 1 27  ? 12.917  -7.745  2.083   1.00 21.98  ? 27  VAL A CG2 1 
ATOM 197  N N   . ASP A 1 28  ? 14.856  -10.816 1.229   1.00 34.03  ? 28  ASP A N   1 
ATOM 198  C CA  . ASP A 1 28  ? 15.178  -11.306 -0.120  1.00 40.65  ? 28  ASP A CA  1 
ATOM 199  C C   . ASP A 1 28  ? 14.866  -10.288 -1.211  1.00 37.13  ? 28  ASP A C   1 
ATOM 200  O O   . ASP A 1 28  ? 15.586  -9.308  -1.349  1.00 30.85  ? 28  ASP A O   1 
ATOM 201  C CB  . ASP A 1 28  ? 14.599  -12.689 -0.436  1.00 50.83  ? 28  ASP A CB  1 
ATOM 202  C CG  . ASP A 1 28  ? 15.203  -13.767 0.448   1.00 54.43  ? 28  ASP A CG  1 
ATOM 203  O OD1 . ASP A 1 28  ? 16.354  -13.598 0.909   1.00 52.27  ? 28  ASP A OD1 1 
ATOM 204  O OD2 . ASP A 1 28  ? 14.531  -14.796 0.680   1.00 57.89  ? 28  ASP A OD2 1 
ATOM 205  N N   . SER A 1 29  ? 13.820  -10.498 -1.995  1.00 43.76  ? 29  SER A N   1 
ATOM 206  C CA  . SER A 1 29  ? 13.571  -9.555  -3.071  1.00 43.45  ? 29  SER A CA  1 
ATOM 207  C C   . SER A 1 29  ? 12.120  -9.136  -3.027  1.00 45.59  ? 29  SER A C   1 
ATOM 208  O O   . SER A 1 29  ? 11.591  -8.585  -3.977  1.00 51.19  ? 29  SER A O   1 
ATOM 209  C CB  . SER A 1 29  ? 13.871  -10.202 -4.426  1.00 52.60  ? 29  SER A CB  1 
ATOM 210  O OG  . SER A 1 29  ? 15.262  -10.388 -4.677  1.00 52.35  ? 29  SER A OG  1 
ATOM 211  N N   . ASN A 1 30  ? 11.408  -9.379  -1.959  1.00 42.23  ? 30  ASN A N   1 
ATOM 212  C CA  . ASN A 1 30  ? 9.981   -9.051  -2.023  1.00 44.91  ? 30  ASN A CA  1 
ATOM 213  C C   . ASN A 1 30  ? 9.667   -7.613  -1.626  1.00 39.48  ? 30  ASN A C   1 
ATOM 214  O O   . ASN A 1 30  ? 9.095   -7.315  -0.581  1.00 34.60  ? 30  ASN A O   1 
ATOM 215  C CB  . ASN A 1 30  ? 9.181   -10.017 -1.176  1.00 44.19  ? 30  ASN A CB  1 
ATOM 216  C CG  . ASN A 1 30  ? 9.892   -10.181 0.139   1.00 35.45  ? 30  ASN A CG  1 
ATOM 217  O OD1 . ASN A 1 30  ? 10.100  -9.243  0.908   1.00 30.09  ? 30  ASN A OD1 1 
ATOM 218  N ND2 . ASN A 1 30  ? 10.258  -11.400 0.472   1.00 39.30  ? 30  ASN A ND2 1 
ATOM 219  N N   . VAL A 1 31  ? 10.004  -6.687  -2.480  1.00 41.62  ? 31  VAL A N   1 
ATOM 220  C CA  . VAL A 1 31  ? 9.785   -5.298  -2.120  1.00 37.20  ? 31  VAL A CA  1 
ATOM 221  C C   . VAL A 1 31  ? 9.187   -4.658  -3.349  1.00 45.38  ? 31  VAL A C   1 
ATOM 222  O O   . VAL A 1 31  ? 9.659   -4.836  -4.464  1.00 50.44  ? 31  VAL A O   1 
ATOM 223  C CB  . VAL A 1 31  ? 11.120  -4.657  -1.740  1.00 29.13  ? 31  VAL A CB  1 
ATOM 224  C CG1 . VAL A 1 31  ? 11.059  -3.132  -1.662  1.00 28.10  ? 31  VAL A CG1 1 
ATOM 225  C CG2 . VAL A 1 31  ? 11.689  -5.241  -0.450  1.00 24.66  ? 31  VAL A CG2 1 
ATOM 226  N N   . ASP A 1 32  ? 8.104   -3.955  -3.168  1.00 47.50  ? 32  ASP A N   1 
ATOM 227  C CA  . ASP A 1 32  ? 7.507   -3.278  -4.303  1.00 55.26  ? 32  ASP A CA  1 
ATOM 228  C C   . ASP A 1 32  ? 7.506   -1.773  -4.093  1.00 50.65  ? 32  ASP A C   1 
ATOM 229  O O   . ASP A 1 32  ? 7.827   -1.295  -3.008  1.00 41.72  ? 32  ASP A O   1 
ATOM 230  C CB  . ASP A 1 32  ? 6.103   -3.816  -4.521  1.00 64.78  ? 32  ASP A CB  1 
ATOM 231  C CG  . ASP A 1 32  ? 5.187   -3.653  -3.333  1.00 58.24  ? 32  ASP A CG  1 
ATOM 232  O OD1 . ASP A 1 32  ? 5.508   -2.962  -2.341  1.00 49.02  ? 32  ASP A OD1 1 
ATOM 233  O OD2 . ASP A 1 32  ? 4.084   -4.226  -3.419  1.00 62.58  ? 32  ASP A OD2 1 
ATOM 234  N N   . TRP A 1 33  ? 7.136   -1.055  -5.150  1.00 57.91  ? 33  TRP A N   1 
ATOM 235  C CA  . TRP A 1 33  ? 7.219   0.408   -5.113  1.00 53.31  ? 33  TRP A CA  1 
ATOM 236  C C   . TRP A 1 33  ? 5.915   1.010   -5.641  1.00 61.83  ? 33  TRP A C   1 
ATOM 237  O O   . TRP A 1 33  ? 5.432   0.625   -6.703  1.00 72.71  ? 33  TRP A O   1 
ATOM 238  C CB  . TRP A 1 33  ? 8.384   0.874   -5.997  1.00 51.48  ? 33  TRP A CB  1 
ATOM 239  C CG  . TRP A 1 33  ? 9.751   0.556   -5.402  1.00 39.71  ? 33  TRP A CG  1 
ATOM 240  C CD1 . TRP A 1 33  ? 10.549  -0.538  -5.786  1.00 40.21  ? 33  TRP A CD1 1 
ATOM 241  C CD2 . TRP A 1 33  ? 10.486  1.253   -4.418  1.00 29.37  ? 33  TRP A CD2 1 
ATOM 242  N NE1 . TRP A 1 33  ? 11.756  -0.522  -5.049  1.00 30.25  ? 33  TRP A NE1 1 
ATOM 243  C CE2 . TRP A 1 33  ? 11.661  0.605   -4.225  1.00 24.99  ? 33  TRP A CE2 1 
ATOM 244  C CE3 . TRP A 1 33  ? 10.202  2.380   -3.719  1.00 26.77  ? 33  TRP A CE3 1 
ATOM 245  C CZ2 . TRP A 1 33  ? 12.583  1.050   -3.338  1.00 17.27  ? 33  TRP A CZ2 1 
ATOM 246  C CZ3 . TRP A 1 33  ? 11.130  2.826   -2.830  1.00 20.15  ? 33  TRP A CZ3 1 
ATOM 247  C CH2 . TRP A 1 33  ? 12.299  2.174   -2.641  1.00 15.63  ? 33  TRP A CH2 1 
ATOM 248  N N   . TYR A 1 34  ? 5.358   1.966   -4.898  1.00 58.31  ? 34  TYR A N   1 
ATOM 249  C CA  . TYR A 1 34  ? 4.082   2.563   -5.298  1.00 65.28  ? 34  TYR A CA  1 
ATOM 250  C C   . TYR A 1 34  ? 4.261   4.064   -5.520  1.00 65.39  ? 34  TYR A C   1 
ATOM 251  O O   . TYR A 1 34  ? 5.086   4.699   -4.872  1.00 58.36  ? 34  TYR A O   1 
ATOM 252  C CB  . TYR A 1 34  ? 3.050   2.337   -4.183  1.00 59.26  ? 34  TYR A CB  1 
ATOM 253  C CG  . TYR A 1 34  ? 2.641   0.873   -4.092  1.00 60.78  ? 34  TYR A CG  1 
ATOM 254  C CD1 . TYR A 1 34  ? 1.723   0.393   -4.942  1.00 70.14  ? 34  TYR A CD1 1 
ATOM 255  C CD2 . TYR A 1 34  ? 3.233   0.026   -3.232  1.00 54.59  ? 34  TYR A CD2 1 
ATOM 256  C CE1 . TYR A 1 34  ? 1.413   -0.912  -4.962  1.00 73.57  ? 34  TYR A CE1 1 
ATOM 257  C CE2 . TYR A 1 34  ? 2.918   -1.287  -3.256  1.00 57.57  ? 34  TYR A CE2 1 
ATOM 258  C CZ  . TYR A 1 34  ? 2.018   -1.763  -4.130  1.00 67.56  ? 34  TYR A CZ  1 
ATOM 259  O OH  . TYR A 1 34  ? 1.688   -3.103  -4.248  1.00 72.64  ? 34  TYR A OH  1 
ATOM 260  N N   . GLN A 1 35  ? 3.456   4.605   -6.434  1.00 75.21  ? 35  GLN A N   1 
ATOM 261  C CA  . GLN A 1 35  ? 3.502   6.035   -6.731  1.00 79.04  ? 35  GLN A CA  1 
ATOM 262  C C   . GLN A 1 35  ? 2.107   6.547   -6.346  1.00 81.81  ? 35  GLN A C   1 
ATOM 263  O O   . GLN A 1 35  ? 1.078   6.022   -6.711  1.00 86.01  ? 35  GLN A O   1 
ATOM 264  C CB  . GLN A 1 35  ? 3.764   6.194   -8.240  1.00 88.06  ? 35  GLN A CB  1 
ATOM 265  C CG  . GLN A 1 35  ? 4.319   7.546   -8.676  1.00 89.93  ? 35  GLN A CG  1 
ATOM 266  C CD  . GLN A 1 35  ? 4.085   7.851   -10.143 1.00 99.93  ? 35  GLN A CD  1 
ATOM 267  O OE1 . GLN A 1 35  ? 3.696   7.011   -10.953 1.00 105.64 ? 35  GLN A OE1 1 
ATOM 268  N NE2 . GLN A 1 35  ? 4.315   9.089   -10.487 1.00 100.24 ? 35  GLN A NE2 1 
ATOM 269  N N   . GLN A 1 36  ? 1.953   7.518   -5.492  1.00 77.85  ? 36  GLN A N   1 
ATOM 270  C CA  . GLN A 1 36  ? 0.608   8.018   -5.241  1.00 81.25  ? 36  GLN A CA  1 
ATOM 271  C C   . GLN A 1 36  ? 0.624   9.400   -5.829  1.00 87.24  ? 36  GLN A C   1 
ATOM 272  O O   . GLN A 1 36  ? 1.128   10.321  -5.191  1.00 85.15  ? 36  GLN A O   1 
ATOM 273  C CB  . GLN A 1 36  ? 0.299   8.114   -3.741  1.00 74.87  ? 36  GLN A CB  1 
ATOM 274  C CG  . GLN A 1 36  ? -1.057  8.782   -3.489  1.00 77.19  ? 36  GLN A CG  1 
ATOM 275  C CD  . GLN A 1 36  ? -1.492  8.624   -2.075  1.00 71.17  ? 36  GLN A CD  1 
ATOM 276  O OE1 . GLN A 1 36  ? -0.688  8.895   -1.224  1.00 68.90  ? 36  GLN A OE1 1 
ATOM 277  N NE2 . GLN A 1 36  ? -2.715  8.208   -1.872  1.00 68.84  ? 36  GLN A NE2 1 
ATOM 278  N N   . LYS A 1 37  ? 0.115   9.513   -7.052  1.00 93.13  ? 37  LYS A N   1 
ATOM 279  C CA  . LYS A 1 37  ? 0.055   10.831  -7.670  1.00 96.19  ? 37  LYS A CA  1 
ATOM 280  C C   . LYS A 1 37  ? -0.896  11.650  -6.831  1.00 93.26  ? 37  LYS A C   1 
ATOM 281  O O   . LYS A 1 37  ? -1.761  11.084  -6.168  1.00 91.72  ? 37  LYS A O   1 
ATOM 282  C CB  . LYS A 1 37  ? -0.468  10.722  -9.095  1.00 102.03 ? 37  LYS A CB  1 
ATOM 283  C CG  . LYS A 1 37  ? 0.452   9.929   -10.009 1.00 105.98 ? 37  LYS A CG  1 
ATOM 284  C CD  . LYS A 1 37  ? 0.428   10.543  -11.404 1.00 110.52 ? 37  LYS A CD  1 
ATOM 285  C CE  . LYS A 1 37  ? 1.217   9.707   -12.411 1.00 114.66 ? 37  LYS A CE  1 
ATOM 286  N NZ  . LYS A 1 37  ? 0.500   8.522   -12.900 1.00 118.21 ? 37  LYS A NZ  1 
ATOM 287  N N   . THR A 1 38  ? -0.728  12.965  -6.813  1.00 91.84  ? 38  THR A N   1 
ATOM 288  C CA  . THR A 1 38  ? -1.620  13.747  -5.959  1.00 88.17  ? 38  THR A CA  1 
ATOM 289  C C   . THR A 1 38  ? -3.106  13.631  -6.316  1.00 87.99  ? 38  THR A C   1 
ATOM 290  O O   . THR A 1 38  ? -3.487  13.664  -7.482  1.00 91.05  ? 38  THR A O   1 
ATOM 291  C CB  . THR A 1 38  ? -1.069  15.144  -5.654  1.00 88.38  ? 38  THR A CB  1 
ATOM 292  O OG1 . THR A 1 38  ? -0.807  15.956  -6.808  1.00 87.50  ? 38  THR A OG1 1 
ATOM 293  C CG2 . THR A 1 38  ? 0.132   15.032  -4.717  1.00 87.41  ? 38  THR A CG2 1 
ATOM 294  N N   . GLY A 1 39  ? -3.921  13.428  -5.269  1.00 84.66  ? 39  GLY A N   1 
ATOM 295  C CA  . GLY A 1 39  ? -5.367  13.338  -5.471  1.00 82.62  ? 39  GLY A CA  1 
ATOM 296  C C   . GLY A 1 39  ? -5.824  12.019  -6.077  1.00 86.51  ? 39  GLY A C   1 
ATOM 297  O O   . GLY A 1 39  ? -6.852  11.971  -6.749  1.00 87.34  ? 39  GLY A O   1 
ATOM 298  N N   . GLN A 1 40  ? -5.059  10.957  -5.832  1.00 88.69  ? 40  GLN A N   1 
ATOM 299  C CA  . GLN A 1 40  ? -5.431  9.672   -6.410  1.00 92.27  ? 40  GLN A CA  1 
ATOM 300  C C   . GLN A 1 40  ? -4.949  8.595   -5.469  1.00 88.17  ? 40  GLN A C   1 
ATOM 301  O O   . GLN A 1 40  ? -4.242  8.863   -4.508  1.00 83.34  ? 40  GLN A O   1 
ATOM 302  C CB  . GLN A 1 40  ? -4.702  9.454   -7.725  1.00 98.52  ? 40  GLN A CB  1 
ATOM 303  C CG  . GLN A 1 40  ? -5.041  10.508  -8.766  1.00 101.00 ? 40  GLN A CG  1 
ATOM 304  C CD  . GLN A 1 40  ? -4.244  10.253  -10.010 1.00 106.74 ? 40  GLN A CD  1 
ATOM 305  O OE1 . GLN A 1 40  ? -3.429  9.340   -10.091 1.00 108.90 ? 40  GLN A OE1 1 
ATOM 306  N NE2 . GLN A 1 40  ? -4.485  11.070  -10.995 1.00 108.46 ? 40  GLN A NE2 1 
ATOM 307  N N   . SER A 1 41  ? -5.377  7.377   -5.798  1.00 89.79  ? 41  SER A N   1 
ATOM 308  C CA  . SER A 1 41  ? -4.993  6.221   -4.997  1.00 82.98  ? 41  SER A CA  1 
ATOM 309  C C   . SER A 1 41  ? -3.589  5.879   -5.443  1.00 83.12  ? 41  SER A C   1 
ATOM 310  O O   . SER A 1 41  ? -3.147  6.354   -6.495  1.00 90.90  ? 41  SER A O   1 
ATOM 311  C CB  . SER A 1 41  ? -5.964  5.091   -5.380  1.00 84.88  ? 41  SER A CB  1 
ATOM 312  O OG  . SER A 1 41  ? -7.154  5.583   -6.011  1.00 91.44  ? 41  SER A OG  1 
ATOM 313  N N   . PRO A 1 42  ? -2.853  5.069   -4.685  1.00 75.17  ? 42  PRO A N   1 
ATOM 314  C CA  . PRO A 1 42  ? -1.504  4.716   -5.070  1.00 76.18  ? 42  PRO A CA  1 
ATOM 315  C C   . PRO A 1 42  ? -1.574  3.754   -6.247  1.00 84.44  ? 42  PRO A C   1 
ATOM 316  O O   . PRO A 1 42  ? -2.622  3.179   -6.539  1.00 87.75  ? 42  PRO A O   1 
ATOM 317  C CB  . PRO A 1 42  ? -0.980  4.010   -3.814  1.00 64.05  ? 42  PRO A CB  1 
ATOM 318  C CG  . PRO A 1 42  ? -1.784  4.649   -2.678  1.00 56.94  ? 42  PRO A CG  1 
ATOM 319  C CD  . PRO A 1 42  ? -3.187  4.728   -3.299  1.00 63.98  ? 42  PRO A CD  1 
ATOM 320  N N   . ASN A 1 43  ? -0.452  3.556   -6.908  1.00 88.12  ? 43  ASN A N   1 
ATOM 321  C CA  . ASN A 1 43  ? -0.418  2.650   -8.059  1.00 97.10  ? 43  ASN A CA  1 
ATOM 322  C C   . ASN A 1 43  ? 0.905   1.895   -8.029  1.00 95.27  ? 43  ASN A C   1 
ATOM 323  O O   . ASN A 1 43  ? 1.891   2.386   -7.485  1.00 88.60  ? 43  ASN A O   1 
ATOM 324  C CB  . ASN A 1 43  ? -0.665  3.313   -9.427  1.00 107.02 ? 43  ASN A CB  1 
ATOM 325  C CG  . ASN A 1 43  ? 0.252   4.470   -9.782  1.00 107.36 ? 43  ASN A CG  1 
ATOM 326  O OD1 . ASN A 1 43  ? 0.183   5.087   -10.840 1.00 113.59 ? 43  ASN A OD1 1 
ATOM 327  N ND2 . ASN A 1 43  ? 1.178   4.757   -8.954  1.00 100.20 ? 43  ASN A ND2 1 
ATOM 328  N N   . LEU A 1 44  ? 0.892   0.713   -8.623  1.00 100.17 ? 44  LEU A N   1 
ATOM 329  C CA  . LEU A 1 44  ? 2.091   -0.120  -8.611  1.00 98.73  ? 44  LEU A CA  1 
ATOM 330  C C   . LEU A 1 44  ? 3.040   0.264   -9.736  1.00 103.24 ? 44  LEU A C   1 
ATOM 331  O O   . LEU A 1 44  ? 2.603   0.628   -10.824 1.00 110.47 ? 44  LEU A O   1 
ATOM 332  C CB  . LEU A 1 44  ? 1.623   -1.557  -8.816  1.00 103.59 ? 44  LEU A CB  1 
ATOM 333  C CG  . LEU A 1 44  ? 2.747   -2.574  -8.670  1.00 102.23 ? 44  LEU A CG  1 
ATOM 334  C CD1 . LEU A 1 44  ? 3.251   -2.562  -7.236  1.00 92.15  ? 44  LEU A CD1 1 
ATOM 335  C CD2 . LEU A 1 44  ? 2.229   -3.962  -9.009  1.00 108.29 ? 44  LEU A CD2 1 
ATOM 336  N N   . LEU A 1 45  ? 4.343   0.157   -9.436  1.00 97.78  ? 45  LEU A N   1 
ATOM 337  C CA  . LEU A 1 45  ? 5.362   0.463   -10.434 1.00 100.24 ? 45  LEU A CA  1 
ATOM 338  C C   . LEU A 1 45  ? 6.216   -0.792  -10.601 1.00 100.07 ? 45  LEU A C   1 
ATOM 339  O O   . LEU A 1 45  ? 6.300   -1.328  -11.692 1.00 107.06 ? 45  LEU A O   1 
ATOM 340  C CB  . LEU A 1 45  ? 6.256   1.612   -9.961  1.00 92.18  ? 45  LEU A CB  1 
ATOM 341  C CG  . LEU A 1 45  ? 5.601   2.967   -9.680  1.00 91.24  ? 45  LEU A CG  1 
ATOM 342  C CD1 . LEU A 1 45  ? 6.605   3.936   -9.059  1.00 81.18  ? 45  LEU A CD1 1 
ATOM 343  C CD2 . LEU A 1 45  ? 4.989   3.571   -10.941 1.00 101.71 ? 45  LEU A CD2 1 
ATOM 344  N N   . ILE A 1 46  ? 6.849   -1.241  -9.507  1.00 90.23  ? 46  ILE A N   1 
ATOM 345  C CA  . ILE A 1 46  ? 7.743   -2.409  -9.576  1.00 89.45  ? 46  ILE A CA  1 
ATOM 346  C C   . ILE A 1 46  ? 7.357   -3.377  -8.451  1.00 87.33  ? 46  ILE A C   1 
ATOM 347  O O   . ILE A 1 46  ? 6.968   -2.939  -7.374  1.00 80.17  ? 46  ILE A O   1 
ATOM 348  C CB  . ILE A 1 46  ? 9.213   -1.980  -9.423  1.00 78.55  ? 46  ILE A CB  1 
ATOM 349  C CG1 . ILE A 1 46  ? 9.838   -1.564  -10.750 1.00 83.47  ? 46  ILE A CG1 1 
ATOM 350  C CG2 . ILE A 1 46  ? 10.095  -3.077  -8.831  1.00 71.87  ? 46  ILE A CG2 1 
ATOM 351  C CD1 . ILE A 1 46  ? 9.523   -0.126  -11.143 1.00 84.31  ? 46  ILE A CD1 1 
ATOM 352  N N   . TYR A 1 47  ? 7.433   -4.687  -8.708  1.00 92.51  ? 47  TYR A N   1 
ATOM 353  C CA  . TYR A 1 47  ? 7.125   -5.671  -7.674  1.00 88.59  ? 47  TYR A CA  1 
ATOM 354  C C   . TYR A 1 47  ? 8.230   -6.728  -7.778  1.00 86.55  ? 47  TYR A C   1 
ATOM 355  O O   . TYR A 1 47  ? 8.809   -6.896  -8.836  1.00 91.40  ? 47  TYR A O   1 
ATOM 356  C CB  . TYR A 1 47  ? 5.716   -6.241  -7.898  1.00 97.10  ? 47  TYR A CB  1 
ATOM 357  C CG  . TYR A 1 47  ? 5.477   -6.962  -9.222  1.00 106.55 ? 47  TYR A CG  1 
ATOM 358  C CD1 . TYR A 1 47  ? 5.145   -6.273  -10.306 1.00 111.88 ? 47  TYR A CD1 1 
ATOM 359  C CD2 . TYR A 1 47  ? 5.593   -8.277  -9.367  1.00 108.69 ? 47  TYR A CD2 1 
ATOM 360  C CE1 . TYR A 1 47  ? 4.943   -6.899  -11.475 1.00 117.73 ? 47  TYR A CE1 1 
ATOM 361  C CE2 . TYR A 1 47  ? 5.352   -8.934  -10.508 1.00 113.78 ? 47  TYR A CE2 1 
ATOM 362  C CZ  . TYR A 1 47  ? 5.034   -8.226  -11.582 1.00 117.83 ? 47  TYR A CZ  1 
ATOM 363  O OH  . TYR A 1 47  ? 4.854   -8.805  -12.825 1.00 121.65 ? 47  TYR A OH  1 
ATOM 364  N N   . LYS A 1 48  ? 8.634   -7.367  -6.692  1.00 79.27  ? 48  LYS A N   1 
ATOM 365  C CA  . LYS A 1 48  ? 9.566   -8.508  -6.793  1.00 79.03  ? 48  LYS A CA  1 
ATOM 366  C C   . LYS A 1 48  ? 10.922  -7.893  -6.803  1.00 69.43  ? 48  LYS A C   1 
ATOM 367  O O   . LYS A 1 48  ? 11.902  -8.412  -7.326  1.00 69.21  ? 48  LYS A O   1 
ATOM 368  C CB  . LYS A 1 48  ? 9.382   -9.557  -7.905  1.00 89.78  ? 48  LYS A CB  1 
ATOM 369  C CG  . LYS A 1 48  ? 10.288  -10.790 -7.791  1.00 89.28  ? 48  LYS A CG  1 
ATOM 370  C CD  . LYS A 1 48  ? 10.145  -11.836 -8.897  1.00 98.41  ? 48  LYS A CD  1 
ATOM 371  C CE  . LYS A 1 48  ? 11.163  -12.970 -8.809  1.00 98.44  ? 48  LYS A CE  1 
ATOM 372  N NZ  . LYS A 1 48  ? 10.931  -13.925 -9.903  1.00 106.38 ? 48  LYS A NZ  1 
ATOM 373  N N   . ALA A 1 49  ? 10.903  -6.703  -6.255  1.00 61.38  ? 49  ALA A N   1 
ATOM 374  C CA  . ALA A 1 49  ? 12.104  -5.891  -6.136  1.00 50.06  ? 49  ALA A CA  1 
ATOM 375  C C   . ALA A 1 49  ? 12.527  -5.223  -7.426  1.00 53.83  ? 49  ALA A C   1 
ATOM 376  O O   . ALA A 1 49  ? 13.045  -4.110  -7.391  1.00 45.87  ? 49  ALA A O   1 
ATOM 377  C CB  . ALA A 1 49  ? 13.250  -6.510  -5.339  1.00 42.12  ? 49  ALA A CB  1 
ATOM 378  N N   . SER A 1 50  ? 12.358  -5.865  -8.567  1.00 65.42  ? 50  SER A N   1 
ATOM 379  C CA  . SER A 1 50  ? 13.061  -5.356  -9.732  1.00 67.81  ? 50  SER A CA  1 
ATOM 380  C C   . SER A 1 50  ? 12.204  -5.518  -10.971 1.00 82.50  ? 50  SER A C   1 
ATOM 381  O O   . SER A 1 50  ? 12.647  -5.220  -12.076 1.00 86.88  ? 50  SER A O   1 
ATOM 382  C CB  . SER A 1 50  ? 14.414  -6.062  -9.902  1.00 64.47  ? 50  SER A CB  1 
ATOM 383  O OG  . SER A 1 50  ? 15.363  -5.783  -8.875  1.00 51.69  ? 50  SER A OG  1 
ATOM 384  N N   . ASN A 1 51  ? 10.982  -5.997  -10.843 1.00 89.47  ? 51  ASN A N   1 
ATOM 385  C CA  . ASN A 1 51  ? 10.190  -6.192  -12.059 1.00 100.99 ? 51  ASN A CA  1 
ATOM 386  C C   . ASN A 1 51  ? 9.232   -5.033  -12.245 1.00 104.60 ? 51  ASN A C   1 
ATOM 387  O O   . ASN A 1 51  ? 8.560   -4.633  -11.304 1.00 101.82 ? 51  ASN A O   1 
ATOM 388  C CB  . ASN A 1 51  ? 9.374   -7.480  -11.969 1.00 106.44 ? 51  ASN A CB  1 
ATOM 389  C CG  . ASN A 1 51  ? 10.261  -8.705  -12.069 1.00 105.37 ? 51  ASN A CG  1 
ATOM 390  O OD1 . ASN A 1 51  ? 11.247  -8.738  -12.800 1.00 105.54 ? 51  ASN A OD1 1 
ATOM 391  N ND2 . ASN A 1 51  ? 9.902   -9.744  -11.344 1.00 104.97 ? 51  ASN A ND2 1 
ATOM 392  N N   . ARG A 1 52  ? 9.150   -4.511  -13.455 1.00 108.81 ? 52  ARG A N   1 
ATOM 393  C CA  . ARG A 1 52  ? 8.238   -3.402  -13.729 1.00 112.19 ? 52  ARG A CA  1 
ATOM 394  C C   . ARG A 1 52  ? 6.861   -3.994  -13.981 1.00 118.37 ? 52  ARG A C   1 
ATOM 395  O O   . ARG A 1 52  ? 6.723   -5.025  -14.635 1.00 120.88 ? 52  ARG A O   1 
ATOM 396  C CB  . ARG A 1 52  ? 8.710   -2.710  -15.014 1.00 114.54 ? 52  ARG A CB  1 
ATOM 397  C CG  . ARG A 1 52  ? 10.107  -2.096  -14.917 1.00 107.64 ? 52  ARG A CG  1 
ATOM 398  C CD  . ARG A 1 52  ? 10.733  -1.633  -16.243 1.00 109.57 ? 52  ARG A CD  1 
ATOM 399  N NE  . ARG A 1 52  ? 10.748  -2.704  -17.244 1.00 113.60 ? 52  ARG A NE  1 
ATOM 400  C CZ  . ARG A 1 52  ? 11.570  -3.737  -17.110 1.00 112.28 ? 52  ARG A CZ  1 
ATOM 401  N NH1 . ARG A 1 52  ? 12.454  -3.785  -16.127 1.00 107.07 ? 52  ARG A NH1 1 
ATOM 402  N NH2 . ARG A 1 52  ? 11.507  -4.733  -17.974 1.00 114.82 ? 52  ARG A NH2 1 
ATOM 403  N N   . ASN A 1 53  ? 5.852   -3.336  -13.451 1.00 118.15 ? 53  ASN A N   1 
ATOM 404  C CA  . ASN A 1 53  ? 4.476   -3.752  -13.656 1.00 122.33 ? 53  ASN A CA  1 
ATOM 405  C C   . ASN A 1 53  ? 4.112   -3.247  -15.042 1.00 125.97 ? 53  ASN A C   1 
ATOM 406  O O   . ASN A 1 53  ? 4.716   -2.313  -15.562 1.00 125.36 ? 53  ASN A O   1 
ATOM 407  C CB  . ASN A 1 53  ? 3.615   -3.113  -12.547 1.00 119.88 ? 53  ASN A CB  1 
ATOM 408  C CG  . ASN A 1 53  ? 2.163   -3.589  -12.490 1.00 122.26 ? 53  ASN A CG  1 
ATOM 409  O OD1 . ASN A 1 53  ? 1.262   -2.878  -12.044 1.00 121.04 ? 53  ASN A OD1 1 
ATOM 410  N ND2 . ASN A 1 53  ? 1.919   -4.801  -12.950 1.00 124.91 ? 53  ASN A ND2 1 
ATOM 411  N N   . THR A 1 54  ? 3.136   -3.938  -15.607 1.00 127.72 ? 54  THR A N   1 
ATOM 412  C CA  . THR A 1 54  ? 2.550   -3.576  -16.887 1.00 129.22 ? 54  THR A CA  1 
ATOM 413  C C   . THR A 1 54  ? 2.112   -2.128  -16.855 1.00 128.29 ? 54  THR A C   1 
ATOM 414  O O   . THR A 1 54  ? 1.599   -1.624  -15.859 1.00 127.28 ? 54  THR A O   1 
ATOM 415  C CB  . THR A 1 54  ? 1.320   -4.459  -17.124 1.00 129.80 ? 54  THR A CB  1 
ATOM 416  O OG1 . THR A 1 54  ? 1.587   -5.852  -17.004 1.00 131.37 ? 54  THR A OG1 1 
ATOM 417  C CG2 . THR A 1 54  ? 0.563   -4.138  -18.411 1.00 128.69 ? 54  THR A CG2 1 
ATOM 418  N N   . GLY A 1 55  ? 2.405   -1.481  -17.986 1.00 128.02 ? 55  GLY A N   1 
ATOM 419  C CA  . GLY A 1 55  ? 2.026   -0.096  -18.165 1.00 127.16 ? 55  GLY A CA  1 
ATOM 420  C C   . GLY A 1 55  ? 3.076   0.888   -17.668 1.00 127.08 ? 55  GLY A C   1 
ATOM 421  O O   . GLY A 1 55  ? 3.024   2.050   -18.049 1.00 126.85 ? 55  GLY A O   1 
ATOM 422  N N   . VAL A 1 56  ? 3.990   0.444   -16.802 1.00 126.27 ? 56  VAL A N   1 
ATOM 423  C CA  . VAL A 1 56  ? 4.980   1.379   -16.260 1.00 123.94 ? 56  VAL A CA  1 
ATOM 424  C C   . VAL A 1 56  ? 6.072   1.564   -17.298 1.00 123.82 ? 56  VAL A C   1 
ATOM 425  O O   . VAL A 1 56  ? 6.517   0.588   -17.910 1.00 124.49 ? 56  VAL A O   1 
ATOM 426  C CB  . VAL A 1 56  ? 5.545   0.852   -14.933 1.00 120.98 ? 56  VAL A CB  1 
ATOM 427  C CG1 . VAL A 1 56  ? 6.549   1.828   -14.328 1.00 114.46 ? 56  VAL A CG1 1 
ATOM 428  C CG2 . VAL A 1 56  ? 4.422   0.611   -13.926 1.00 119.64 ? 56  VAL A CG2 1 
ATOM 429  N N   . PRO A 1 57  ? 6.498   2.799   -17.573 1.00 123.08 ? 57  PRO A N   1 
ATOM 430  C CA  . PRO A 1 57  ? 7.531   3.053   -18.558 1.00 121.71 ? 57  PRO A CA  1 
ATOM 431  C C   . PRO A 1 57  ? 8.870   2.650   -17.971 1.00 117.77 ? 57  PRO A C   1 
ATOM 432  O O   . PRO A 1 57  ? 9.089   2.741   -16.766 1.00 113.14 ? 57  PRO A O   1 
ATOM 433  C CB  . PRO A 1 57  ? 7.438   4.572   -18.747 1.00 120.84 ? 57  PRO A CB  1 
ATOM 434  C CG  . PRO A 1 57  ? 6.906   5.067   -17.403 1.00 119.43 ? 57  PRO A CG  1 
ATOM 435  C CD  . PRO A 1 57  ? 5.857   4.004   -17.047 1.00 122.68 ? 57  PRO A CD  1 
ATOM 436  N N   . ASP A 1 58  ? 9.795   2.275   -18.856 1.00 117.23 ? 58  ASP A N   1 
ATOM 437  C CA  . ASP A 1 58  ? 11.092  1.772   -18.395 1.00 112.50 ? 58  ASP A CA  1 
ATOM 438  C C   . ASP A 1 58  ? 12.021  2.794   -17.757 1.00 106.72 ? 58  ASP A C   1 
ATOM 439  O O   . ASP A 1 58  ? 13.138  2.441   -17.387 1.00 102.47 ? 58  ASP A O   1 
ATOM 440  C CB  . ASP A 1 58  ? 11.810  0.971   -19.489 1.00 113.77 ? 58  ASP A CB  1 
ATOM 441  C CG  . ASP A 1 58  ? 11.574  1.507   -20.892 1.00 116.86 ? 58  ASP A CG  1 
ATOM 442  O OD1 . ASP A 1 58  ? 10.610  1.052   -21.547 1.00 119.64 ? 58  ASP A OD1 1 
ATOM 443  O OD2 . ASP A 1 58  ? 12.361  2.356   -21.361 1.00 116.05 ? 58  ASP A OD2 1 
ATOM 444  N N   . ARG A 1 59  ? 11.572  4.033   -17.543 1.00 105.95 ? 59  ARG A N   1 
ATOM 445  C CA  . ARG A 1 59  ? 12.433  4.992   -16.865 1.00 99.41  ? 59  ARG A CA  1 
ATOM 446  C C   . ARG A 1 59  ? 12.530  4.621   -15.385 1.00 91.03  ? 59  ARG A C   1 
ATOM 447  O O   . ARG A 1 59  ? 13.386  5.131   -14.670 1.00 83.38  ? 59  ARG A O   1 
ATOM 448  C CB  . ARG A 1 59  ? 11.943  6.429   -17.108 1.00 100.23 ? 59  ARG A CB  1 
ATOM 449  C CG  . ARG A 1 59  ? 10.806  6.934   -16.220 1.00 99.59  ? 59  ARG A CG  1 
ATOM 450  C CD  . ARG A 1 59  ? 10.358  8.354   -16.582 1.00 101.92 ? 59  ARG A CD  1 
ATOM 451  N NE  . ARG A 1 59  ? 9.614   8.336   -17.849 1.00 108.73 ? 59  ARG A NE  1 
ATOM 452  C CZ  . ARG A 1 59  ? 8.334   8.690   -17.881 1.00 112.51 ? 59  ARG A CZ  1 
ATOM 453  N NH1 . ARG A 1 59  ? 7.694   9.106   -16.841 1.00 112.19 ? 59  ARG A NH1 1 
ATOM 454  N NH2 . ARG A 1 59  ? 7.692   8.631   -19.017 1.00 116.61 ? 59  ARG A NH2 1 
ATOM 455  N N   . PHE A 1 60  ? 11.634  3.730   -14.954 1.00 92.91  ? 60  PHE A N   1 
ATOM 456  C CA  . PHE A 1 60  ? 11.650  3.245   -13.578 1.00 84.58  ? 60  PHE A CA  1 
ATOM 457  C C   . PHE A 1 60  ? 12.286  1.868   -13.532 1.00 83.17  ? 60  PHE A C   1 
ATOM 458  O O   . PHE A 1 60  ? 11.949  0.988   -14.320 1.00 91.08  ? 60  PHE A O   1 
ATOM 459  C CB  . PHE A 1 60  ? 10.198  3.033   -13.130 1.00 89.40  ? 60  PHE A CB  1 
ATOM 460  C CG  . PHE A 1 60  ? 9.365   4.299   -13.254 1.00 94.25  ? 60  PHE A CG  1 
ATOM 461  C CD1 . PHE A 1 60  ? 8.700   4.781   -14.128 1.00 101.51 ? 60  PHE A CD1 1 
ATOM 462  C CD2 . PHE A 1 60  ? 9.305   5.097   -12.069 1.00 86.07  ? 60  PHE A CD2 1 
ATOM 463  C CE1 . PHE A 1 60  ? 8.021   5.962   -13.966 1.00 103.05 ? 60  PHE A CE1 1 
ATOM 464  C CE2 . PHE A 1 60  ? 8.733   6.198   -11.874 1.00 87.70  ? 60  PHE A CE2 1 
ATOM 465  C CZ  . PHE A 1 60  ? 8.055   6.704   -12.817 1.00 96.35  ? 60  PHE A CZ  1 
ATOM 466  N N   . THR A 1 61  ? 13.166  1.677   -12.551 1.00 71.63  ? 61  THR A N   1 
ATOM 467  C CA  . THR A 1 61  ? 13.825  0.374   -12.413 1.00 69.01  ? 61  THR A CA  1 
ATOM 468  C C   . THR A 1 61  ? 14.019  0.156   -10.912 1.00 56.22  ? 61  THR A C   1 
ATOM 469  O O   . THR A 1 61  ? 14.100  1.118   -10.152 1.00 48.15  ? 61  THR A O   1 
ATOM 470  C CB  . THR A 1 61  ? 15.154  0.364   -13.193 1.00 71.62  ? 61  THR A CB  1 
ATOM 471  O OG1 . THR A 1 61  ? 15.702  1.680   -13.305 1.00 69.60  ? 61  THR A OG1 1 
ATOM 472  C CG2 . THR A 1 61  ? 15.032  -0.281  -14.571 1.00 84.20  ? 61  THR A CG2 1 
ATOM 473  N N   . GLY A 1 62  ? 14.062  -1.111  -10.491 1.00 55.30  ? 62  GLY A N   1 
ATOM 474  C CA  . GLY A 1 62  ? 14.263  -1.382  -9.065  1.00 42.88  ? 62  GLY A CA  1 
ATOM 475  C C   . GLY A 1 62  ? 15.441  -2.334  -8.872  1.00 38.33  ? 62  GLY A C   1 
ATOM 476  O O   . GLY A 1 62  ? 15.799  -3.071  -9.784  1.00 46.89  ? 62  GLY A O   1 
ATOM 477  N N   . SER A 1 63  ? 16.044  -2.294  -7.675  1.00 29.09  ? 63  SER A N   1 
ATOM 478  C CA  . SER A 1 63  ? 17.173  -3.184  -7.399  1.00 27.52  ? 63  SER A CA  1 
ATOM 479  C C   . SER A 1 63  ? 17.302  -3.232  -5.886  1.00 20.51  ? 63  SER A C   1 
ATOM 480  O O   . SER A 1 63  ? 16.578  -2.528  -5.190  1.00 17.64  ? 63  SER A O   1 
ATOM 481  C CB  . SER A 1 63  ? 18.481  -2.657  -8.000  1.00 29.88  ? 63  SER A CB  1 
ATOM 482  O OG  . SER A 1 63  ? 19.032  -1.520  -7.322  1.00 24.83  ? 63  SER A OG  1 
ATOM 483  N N   . GLY A 1 64  ? 18.233  -4.053  -5.393  1.00 21.16  ? 64  GLY A N   1 
ATOM 484  C CA  . GLY A 1 64  ? 18.436  -4.105  -3.945  1.00 16.80  ? 64  GLY A CA  1 
ATOM 485  C C   . GLY A 1 64  ? 18.882  -5.485  -3.465  1.00 20.04  ? 64  GLY A C   1 
ATOM 486  O O   . GLY A 1 64  ? 18.634  -6.481  -4.135  1.00 25.02  ? 64  GLY A O   1 
ATOM 487  N N   . SER A 1 65  ? 19.536  -5.509  -2.290  1.00 19.81  ? 65  SER A N   1 
ATOM 488  C CA  . SER A 1 65  ? 20.040  -6.774  -1.749  1.00 24.79  ? 65  SER A CA  1 
ATOM 489  C C   . SER A 1 65  ? 19.929  -6.788  -0.234  1.00 22.63  ? 65  SER A C   1 
ATOM 490  O O   . SER A 1 65  ? 20.155  -5.763  0.399   1.00 20.35  ? 65  SER A O   1 
ATOM 491  C CB  . SER A 1 65  ? 21.514  -6.928  -2.133  1.00 33.14  ? 65  SER A CB  1 
ATOM 492  O OG  . SER A 1 65  ? 22.313  -5.768  -1.859  1.00 31.12  ? 65  SER A OG  1 
ATOM 493  N N   . GLY A 1 66  ? 19.643  -7.973  0.309   1.00 25.25  ? 66  GLY A N   1 
ATOM 494  C CA  . GLY A 1 66  ? 19.587  -8.122  1.761   1.00 25.62  ? 66  GLY A CA  1 
ATOM 495  C C   . GLY A 1 66  ? 18.510  -7.246  2.386   1.00 20.04  ? 66  GLY A C   1 
ATOM 496  O O   . GLY A 1 66  ? 17.400  -7.713  2.621   1.00 19.35  ? 66  GLY A O   1 
ATOM 497  N N   . THR A 1 67  ? 18.867  -5.998  2.707   1.00 16.60  ? 67  THR A N   1 
ATOM 498  C CA  . THR A 1 67  ? 17.907  -5.125  3.355   1.00 14.48  ? 67  THR A CA  1 
ATOM 499  C C   . THR A 1 67  ? 17.752  -3.791  2.654   1.00 10.37  ? 67  THR A C   1 
ATOM 500  O O   . THR A 1 67  ? 16.971  -2.974  3.111   1.00 10.52  ? 67  THR A O   1 
ATOM 501  C CB  . THR A 1 67  ? 18.367  -4.886  4.790   1.00 17.18  ? 67  THR A CB  1 
ATOM 502  O OG1 . THR A 1 67  ? 19.660  -4.277  4.864   1.00 16.90  ? 67  THR A OG1 1 
ATOM 503  C CG2 . THR A 1 67  ? 18.349  -6.198  5.559   1.00 21.54  ? 67  THR A CG2 1 
ATOM 504  N N   . ASP A 1 68  ? 18.492  -3.526  1.590   1.00 11.12  ? 68  ASP A N   1 
ATOM 505  C CA  . ASP A 1 68  ? 18.384  -2.190  0.997   1.00 10.49  ? 68  ASP A CA  1 
ATOM 506  C C   . ASP A 1 68  ? 17.935  -2.313  -0.442  1.00 10.88  ? 68  ASP A C   1 
ATOM 507  O O   . ASP A 1 68  ? 18.509  -3.084  -1.201  1.00 12.14  ? 68  ASP A O   1 
ATOM 508  C CB  . ASP A 1 68  ? 19.739  -1.489  1.042   1.00 10.71  ? 68  ASP A CB  1 
ATOM 509  C CG  . ASP A 1 68  ? 20.134  -1.099  2.459   1.00 10.55  ? 68  ASP A CG  1 
ATOM 510  O OD1 . ASP A 1 68  ? 19.499  -1.544  3.436   1.00 10.22  ? 68  ASP A OD1 1 
ATOM 511  O OD2 . ASP A 1 68  ? 21.096  -0.320  2.604   1.00 11.21  ? 68  ASP A OD2 1 
ATOM 512  N N   . PHE A 1 69  ? 16.908  -1.551  -0.806  1.00 10.26  ? 69  PHE A N   1 
ATOM 513  C CA  . PHE A 1 69  ? 16.366  -1.644  -2.159  1.00 11.53  ? 69  PHE A CA  1 
ATOM 514  C C   . PHE A 1 69  ? 16.245  -0.211  -2.656  1.00 10.75  ? 69  PHE A C   1 
ATOM 515  O O   . PHE A 1 69  ? 16.054  0.702   -1.862  1.00 9.37   ? 69  PHE A O   1 
ATOM 516  C CB  . PHE A 1 69  ? 15.001  -2.351  -2.132  1.00 13.95  ? 69  PHE A CB  1 
ATOM 517  C CG  . PHE A 1 69  ? 15.085  -3.785  -1.593  1.00 14.67  ? 69  PHE A CG  1 
ATOM 518  C CD1 . PHE A 1 69  ? 14.974  -4.025  -0.271  1.00 13.91  ? 69  PHE A CD1 1 
ATOM 519  C CD2 . PHE A 1 69  ? 15.330  -4.820  -2.416  1.00 17.93  ? 69  PHE A CD2 1 
ATOM 520  C CE1 . PHE A 1 69  ? 15.132  -5.266  0.217   1.00 13.81  ? 69  PHE A CE1 1 
ATOM 521  C CE2 . PHE A 1 69  ? 15.477  -6.066  -1.930  1.00 18.75  ? 69  PHE A CE2 1 
ATOM 522  C CZ  . PHE A 1 69  ? 15.385  -6.285  -0.610  1.00 16.93  ? 69  PHE A CZ  1 
ATOM 523  N N   . THR A 1 70  ? 16.399  -0.020  -3.960  1.00 11.25  ? 70  THR A N   1 
ATOM 524  C CA  . THR A 1 70  ? 16.391  1.341   -4.490  1.00 11.20  ? 70  THR A CA  1 
ATOM 525  C C   . THR A 1 70  ? 15.506  1.409   -5.728  1.00 16.06  ? 70  THR A C   1 
ATOM 526  O O   . THR A 1 70  ? 15.478  0.479   -6.528  1.00 19.63  ? 70  THR A O   1 
ATOM 527  C CB  . THR A 1 70  ? 17.825  1.754   -4.813  1.00 11.37  ? 70  THR A CB  1 
ATOM 528  O OG1 . THR A 1 70  ? 18.637  1.856   -3.645  1.00 10.05  ? 70  THR A OG1 1 
ATOM 529  C CG2 . THR A 1 70  ? 17.841  3.035   -5.596  1.00 11.97  ? 70  THR A CG2 1 
ATOM 530  N N   . PHE A 1 71  ? 14.778  2.519   -5.852  1.00 16.12  ? 71  PHE A N   1 
ATOM 531  C CA  . PHE A 1 71  ? 14.004  2.781   -7.061  1.00 25.46  ? 71  PHE A CA  1 
ATOM 532  C C   . PHE A 1 71  ? 14.771  3.884   -7.771  1.00 26.23  ? 71  PHE A C   1 
ATOM 533  O O   . PHE A 1 71  ? 15.210  4.840   -7.140  1.00 21.57  ? 71  PHE A O   1 
ATOM 534  C CB  . PHE A 1 71  ? 12.609  3.304   -6.681  1.00 27.74  ? 71  PHE A CB  1 
ATOM 535  C CG  . PHE A 1 71  ? 11.826  3.777   -7.809  1.00 38.91  ? 71  PHE A CG  1 
ATOM 536  C CD1 . PHE A 1 71  ? 11.365  2.866   -8.733  1.00 49.42  ? 71  PHE A CD1 1 
ATOM 537  C CD2 . PHE A 1 71  ? 11.522  5.121   -7.914  1.00 41.62  ? 71  PHE A CD2 1 
ATOM 538  C CE1 . PHE A 1 71  ? 10.637  3.302   -9.662  1.00 60.77  ? 71  PHE A CE1 1 
ATOM 539  C CE2 . PHE A 1 71  ? 10.812  5.553   -8.805  1.00 52.15  ? 71  PHE A CE2 1 
ATOM 540  C CZ  . PHE A 1 71  ? 10.394  4.556   -9.657  1.00 61.26  ? 71  PHE A CZ  1 
ATOM 541  N N   . THR A 1 72  ? 14.920  3.727   -9.085  1.00 35.30  ? 72  THR A N   1 
ATOM 542  C CA  . THR A 1 72  ? 15.668  4.709   -9.872  1.00 39.63  ? 72  THR A CA  1 
ATOM 543  C C   . THR A 1 72  ? 14.780  5.180   -11.035 1.00 50.42  ? 72  THR A C   1 
ATOM 544  O O   . THR A 1 72  ? 14.114  4.383   -11.691 1.00 58.05  ? 72  THR A O   1 
ATOM 545  C CB  . THR A 1 72  ? 16.997  4.109   -10.379 1.00 40.68  ? 72  THR A CB  1 
ATOM 546  O OG1 . THR A 1 72  ? 17.778  5.068   -11.114 1.00 48.50  ? 72  THR A OG1 1 
ATOM 547  C CG2 . THR A 1 72  ? 16.846  2.814   -11.149 1.00 48.49  ? 72  THR A CG2 1 
ATOM 548  N N   . ILE A 1 73  ? 14.780  6.497   -11.255 1.00 53.29  ? 73  ILE A N   1 
ATOM 549  C CA  . ILE A 1 73  ? 14.073  7.074   -12.395 1.00 64.67  ? 73  ILE A CA  1 
ATOM 550  C C   . ILE A 1 73  ? 15.203  7.712   -13.194 1.00 68.71  ? 73  ILE A C   1 
ATOM 551  O O   . ILE A 1 73  ? 15.888  8.589   -12.678 1.00 64.57  ? 73  ILE A O   1 
ATOM 552  C CB  . ILE A 1 73  ? 13.068  8.126   -11.898 1.00 64.14  ? 73  ILE A CB  1 
ATOM 553  C CG1 . ILE A 1 73  ? 12.194  7.539   -10.802 1.00 59.42  ? 73  ILE A CG1 1 
ATOM 554  C CG2 . ILE A 1 73  ? 12.165  8.635   -13.021 1.00 75.97  ? 73  ILE A CG2 1 
ATOM 555  C CD1 . ILE A 1 73  ? 11.342  8.549   -10.033 1.00 58.79  ? 73  ILE A CD1 1 
ATOM 556  N N   . SER A 1 74  ? 15.440  7.226   -14.411 1.00 77.35  ? 74  SER A N   1 
ATOM 557  C CA  . SER A 1 74  ? 16.564  7.726   -15.201 1.00 83.30  ? 74  SER A CA  1 
ATOM 558  C C   . SER A 1 74  ? 16.329  9.147   -15.684 1.00 86.84  ? 74  SER A C   1 
ATOM 559  O O   . SER A 1 74  ? 17.261  9.949   -15.694 1.00 88.01  ? 74  SER A O   1 
ATOM 560  C CB  . SER A 1 74  ? 16.870  6.739   -16.341 1.00 91.06  ? 74  SER A CB  1 
ATOM 561  O OG  . SER A 1 74  ? 15.714  6.289   -17.064 1.00 94.87  ? 74  SER A OG  1 
ATOM 562  N N   . ASN A 1 75  ? 15.113  9.429   -16.182 1.00 89.96  ? 75  ASN A N   1 
ATOM 563  C CA  . ASN A 1 75  ? 14.897  10.742  -16.808 1.00 94.14  ? 75  ASN A CA  1 
ATOM 564  C C   . ASN A 1 75  ? 13.585  11.112  -16.156 1.00 92.48  ? 75  ASN A C   1 
ATOM 565  O O   . ASN A 1 75  ? 12.571  10.484  -16.445 1.00 95.23  ? 75  ASN A O   1 
ATOM 566  C CB  . ASN A 1 75  ? 14.610  10.702  -18.325 1.00 100.80 ? 75  ASN A CB  1 
ATOM 567  C CG  . ASN A 1 75  ? 15.426  9.708   -19.135 1.00 103.09 ? 75  ASN A CG  1 
ATOM 568  O OD1 . ASN A 1 75  ? 15.091  9.359   -20.263 1.00 106.39 ? 75  ASN A OD1 1 
ATOM 569  N ND2 . ASN A 1 75  ? 16.543  9.266   -18.630 1.00 101.67 ? 75  ASN A ND2 1 
ATOM 570  N N   . MET A 1 76  ? 13.598  12.083  -15.259 1.00 87.97  ? 76  MET A N   1 
ATOM 571  C CA  . MET A 1 76  ? 12.370  12.428  -14.561 1.00 86.74  ? 76  MET A CA  1 
ATOM 572  C C   . MET A 1 76  ? 11.502  13.242  -15.509 1.00 94.35  ? 76  MET A C   1 
ATOM 573  O O   . MET A 1 76  ? 11.962  14.200  -16.119 1.00 96.65  ? 76  MET A O   1 
ATOM 574  C CB  . MET A 1 76  ? 12.667  13.258  -13.314 1.00 78.41  ? 76  MET A CB  1 
ATOM 575  C CG  . MET A 1 76  ? 11.290  13.578  -12.720 1.00 78.28  ? 76  MET A CG  1 
ATOM 576  S SD  . MET A 1 76  ? 11.380  14.893  -11.566 1.00 70.20  ? 76  MET A SD  1 
ATOM 577  C CE  . MET A 1 76  ? 10.056  14.844  -10.415 1.00 69.82  ? 76  MET A CE  1 
ATOM 578  N N   . GLN A 1 77  ? 10.244  12.824  -15.637 1.00 98.63  ? 77  GLN A N   1 
ATOM 579  C CA  . GLN A 1 77  ? 9.306   13.563  -16.473 1.00 103.95 ? 77  GLN A CA  1 
ATOM 580  C C   . GLN A 1 77  ? 8.291   14.217  -15.551 1.00 102.28 ? 77  GLN A C   1 
ATOM 581  O O   . GLN A 1 77  ? 8.221   13.890  -14.373 1.00 97.73  ? 77  GLN A O   1 
ATOM 582  C CB  . GLN A 1 77  ? 8.583   12.612  -17.428 1.00 108.81 ? 77  GLN A CB  1 
ATOM 583  C CG  . GLN A 1 77  ? 9.476   12.009  -18.512 1.00 109.65 ? 77  GLN A CG  1 
ATOM 584  C CD  . GLN A 1 77  ? 9.979   13.056  -19.481 1.00 110.40 ? 77  GLN A CD  1 
ATOM 585  O OE1 . GLN A 1 77  ? 9.687   14.247  -19.393 1.00 110.08 ? 77  GLN A OE1 1 
ATOM 586  N NE2 . GLN A 1 77  ? 10.744  12.603  -20.436 1.00 111.03 ? 77  GLN A NE2 1 
ATOM 587  N N   . ALA A 1 78  ? 7.485   15.112  -16.126 1.00 104.93 ? 78  ALA A N   1 
ATOM 588  C CA  . ALA A 1 78  ? 6.519   15.863  -15.322 1.00 102.58 ? 78  ALA A CA  1 
ATOM 589  C C   . ALA A 1 78  ? 5.500   14.984  -14.614 1.00 103.95 ? 78  ALA A C   1 
ATOM 590  O O   . ALA A 1 78  ? 5.214   15.198  -13.441 1.00 99.90  ? 78  ALA A O   1 
ATOM 591  C CB  . ALA A 1 78  ? 5.814   16.883  -16.215 1.00 102.75 ? 78  ALA A CB  1 
ATOM 592  N N   . GLU A 1 79  ? 4.991   13.960  -15.301 1.00 109.03 ? 79  GLU A N   1 
ATOM 593  C CA  . GLU A 1 79  ? 3.982   13.109  -14.665 1.00 111.09 ? 79  GLU A CA  1 
ATOM 594  C C   . GLU A 1 79  ? 4.473   12.360  -13.427 1.00 108.83 ? 79  GLU A C   1 
ATOM 595  O O   . GLU A 1 79  ? 3.657   11.915  -12.629 1.00 108.84 ? 79  GLU A O   1 
ATOM 596  C CB  . GLU A 1 79  ? 3.366   12.181  -15.720 1.00 117.14 ? 79  GLU A CB  1 
ATOM 597  C CG  . GLU A 1 79  ? 4.394   11.417  -16.556 1.00 117.81 ? 79  GLU A CG  1 
ATOM 598  C CD  . GLU A 1 79  ? 3.984   11.350  -18.021 1.00 120.38 ? 79  GLU A CD  1 
ATOM 599  O OE1 . GLU A 1 79  ? 3.724   12.416  -18.621 1.00 118.56 ? 79  GLU A OE1 1 
ATOM 600  O OE2 . GLU A 1 79  ? 3.950   10.235  -18.585 1.00 122.40 ? 79  GLU A OE2 1 
ATOM 601  N N   . ASP A 1 80  ? 5.787   12.269  -13.223 1.00 103.48 ? 80  ASP A N   1 
ATOM 602  C CA  . ASP A 1 80  ? 6.306   11.494  -12.093 1.00 97.99  ? 80  ASP A CA  1 
ATOM 603  C C   . ASP A 1 80  ? 6.259   12.145  -10.707 1.00 90.91  ? 80  ASP A C   1 
ATOM 604  O O   . ASP A 1 80  ? 6.776   11.576  -9.750  1.00 83.25  ? 80  ASP A O   1 
ATOM 605  C CB  . ASP A 1 80  ? 7.747   11.089  -12.396 1.00 93.35  ? 80  ASP A CB  1 
ATOM 606  C CG  . ASP A 1 80  ? 7.860   10.389  -13.732 1.00 100.33 ? 80  ASP A CG  1 
ATOM 607  O OD1 . ASP A 1 80  ? 6.873   9.771   -14.186 1.00 106.47 ? 80  ASP A OD1 1 
ATOM 608  O OD2 . ASP A 1 80  ? 8.955   10.445  -14.331 1.00 97.70  ? 80  ASP A OD2 1 
ATOM 609  N N   . LEU A 1 81  ? 5.672   13.323  -10.560 1.00 90.28  ? 81  LEU A N   1 
ATOM 610  C CA  . LEU A 1 81  ? 5.646   13.926  -9.231  1.00 84.00  ? 81  LEU A CA  1 
ATOM 611  C C   . LEU A 1 81  ? 4.556   13.276  -8.416  1.00 86.64  ? 81  LEU A C   1 
ATOM 612  O O   . LEU A 1 81  ? 3.522   12.925  -8.989  1.00 92.22  ? 81  LEU A O   1 
ATOM 613  C CB  . LEU A 1 81  ? 5.461   15.445  -9.340  1.00 81.56  ? 81  LEU A CB  1 
ATOM 614  C CG  . LEU A 1 81  ? 4.091   16.042  -9.680  1.00 88.49  ? 81  LEU A CG  1 
ATOM 615  C CD1 . LEU A 1 81  ? 3.264   16.295  -8.417  1.00 88.27  ? 81  LEU A CD1 1 
ATOM 616  C CD2 . LEU A 1 81  ? 4.269   17.374  -10.404 1.00 92.49  ? 81  LEU A CD2 1 
ATOM 617  N N   . ALA A 1 82  ? 4.844   13.180  -7.109  1.00 80.22  ? 82  ALA A N   1 
ATOM 618  C CA  . ALA A 1 82  ? 3.916   12.663  -6.125  1.00 81.44  ? 82  ALA A CA  1 
ATOM 619  C C   . ALA A 1 82  ? 4.708   11.956  -5.054  1.00 74.16  ? 82  ALA A C   1 
ATOM 620  O O   . ALA A 1 82  ? 5.892   12.271  -4.961  1.00 69.12  ? 82  ALA A O   1 
ATOM 621  C CB  . ALA A 1 82  ? 2.820   11.828  -6.692  1.00 87.78  ? 82  ALA A CB  1 
ATOM 622  N N   . VAL A 1 83  ? 4.090   11.096  -4.234  1.00 72.81  ? 83  VAL A N   1 
ATOM 623  C CA  . VAL A 1 83  ? 4.831   10.467  -3.136  1.00 63.15  ? 83  VAL A CA  1 
ATOM 624  C C   . VAL A 1 83  ? 5.044   9.001   -3.452  1.00 59.29  ? 83  VAL A C   1 
ATOM 625  O O   . VAL A 1 83  ? 4.109   8.294   -3.817  1.00 64.66  ? 83  VAL A O   1 
ATOM 626  C CB  . VAL A 1 83  ? 4.065   10.565  -1.812  1.00 63.45  ? 83  VAL A CB  1 
ATOM 627  C CG1 . VAL A 1 83  ? 4.801   9.834   -0.690  1.00 52.12  ? 83  VAL A CG1 1 
ATOM 628  C CG2 . VAL A 1 83  ? 3.855   12.019  -1.403  1.00 67.66  ? 83  VAL A CG2 1 
ATOM 629  N N   . TYR A 1 84  ? 6.278   8.556   -3.306  1.00 49.62  ? 84  TYR A N   1 
ATOM 630  C CA  . TYR A 1 84  ? 6.528   7.154   -3.577  1.00 45.87  ? 84  TYR A CA  1 
ATOM 631  C C   . TYR A 1 84  ? 6.655   6.425   -2.253  1.00 38.46  ? 84  TYR A C   1 
ATOM 632  O O   . TYR A 1 84  ? 6.976   7.038   -1.240  1.00 34.21  ? 84  TYR A O   1 
ATOM 633  C CB  . TYR A 1 84  ? 7.803   7.018   -4.368  1.00 42.55  ? 84  TYR A CB  1 
ATOM 634  C CG  . TYR A 1 84  ? 7.908   7.646   -5.738  1.00 50.70  ? 84  TYR A CG  1 
ATOM 635  C CD1 . TYR A 1 84  ? 7.846   8.969   -5.941  1.00 53.85  ? 84  TYR A CD1 1 
ATOM 636  C CD2 . TYR A 1 84  ? 7.973   6.815   -6.783  1.00 56.00  ? 84  TYR A CD2 1 
ATOM 637  C CE1 . TYR A 1 84  ? 7.781   9.462   -7.187  1.00 62.53  ? 84  TYR A CE1 1 
ATOM 638  C CE2 . TYR A 1 84  ? 7.920   7.312   -8.032  1.00 65.26  ? 84  TYR A CE2 1 
ATOM 639  C CZ  . TYR A 1 84  ? 7.808   8.631   -8.237  1.00 68.58  ? 84  TYR A CZ  1 
ATOM 640  O OH  . TYR A 1 84  ? 7.747   9.155   -9.518  1.00 77.51  ? 84  TYR A OH  1 
ATOM 641  N N   . TYR A 1 85  ? 6.340   5.124   -2.288  1.00 39.37  ? 85  TYR A N   1 
ATOM 642  C CA  . TYR A 1 85  ? 6.296   4.323   -1.061  1.00 35.50  ? 85  TYR A CA  1 
ATOM 643  C C   . TYR A 1 85  ? 6.915   2.977   -1.424  1.00 34.88  ? 85  TYR A C   1 
ATOM 644  O O   . TYR A 1 85  ? 6.633   2.445   -2.490  1.00 39.45  ? 85  TYR A O   1 
ATOM 645  C CB  . TYR A 1 85  ? 4.839   4.040   -0.648  1.00 37.03  ? 85  TYR A CB  1 
ATOM 646  C CG  . TYR A 1 85  ? 4.068   5.250   -0.113  1.00 38.68  ? 85  TYR A CG  1 
ATOM 647  C CD1 . TYR A 1 85  ? 4.087   5.549   1.198   1.00 34.74  ? 85  TYR A CD1 1 
ATOM 648  C CD2 . TYR A 1 85  ? 3.360   6.040   -0.940  1.00 46.97  ? 85  TYR A CD2 1 
ATOM 649  C CE1 . TYR A 1 85  ? 3.422   6.631   1.673   1.00 37.62  ? 85  TYR A CE1 1 
ATOM 650  C CE2 . TYR A 1 85  ? 2.700   7.117   -0.468  1.00 50.36  ? 85  TYR A CE2 1 
ATOM 651  C CZ  . TYR A 1 85  ? 2.728   7.424   0.839   1.00 46.32  ? 85  TYR A CZ  1 
ATOM 652  O OH  . TYR A 1 85  ? 2.036   8.548   1.286   1.00 52.97  ? 85  TYR A OH  1 
ATOM 653  N N   . CYS A 1 86  ? 7.759   2.430   -0.556  1.00 30.48  ? 86  CYS A N   1 
ATOM 654  C CA  . CYS A 1 86  ? 8.243   1.071   -0.810  1.00 31.16  ? 86  CYS A CA  1 
ATOM 655  C C   . CYS A 1 86  ? 7.345   0.208   0.063   1.00 32.64  ? 86  CYS A C   1 
ATOM 656  O O   . CYS A 1 86  ? 6.703   0.746   0.960   1.00 31.90  ? 86  CYS A O   1 
ATOM 657  C CB  . CYS A 1 86  ? 9.713   0.908   -0.407  1.00 27.08  ? 86  CYS A CB  1 
ATOM 658  S SG  . CYS A 1 86  ? 9.861   1.154   1.365   1.00 26.06  ? 86  CYS A SG  1 
ATOM 659  N N   . MET A 1 87  ? 7.294   -1.100  -0.137  1.00 34.87  ? 87  MET A N   1 
ATOM 660  C CA  . MET A 1 87  ? 6.583   -1.965  0.813   1.00 32.29  ? 87  MET A CA  1 
ATOM 661  C C   . MET A 1 87  ? 7.187   -3.350  0.655   1.00 31.79  ? 87  MET A C   1 
ATOM 662  O O   . MET A 1 87  ? 7.579   -3.722  -0.446  1.00 35.41  ? 87  MET A O   1 
ATOM 663  C CB  . MET A 1 87  ? 5.098   -2.052  0.475   1.00 32.40  ? 87  MET A CB  1 
ATOM 664  C CG  . MET A 1 87  ? 4.335   -3.063  1.326   1.00 28.53  ? 87  MET A CG  1 
ATOM 665  S SD  . MET A 1 87  ? 2.661   -3.037  0.753   1.00 32.41  ? 87  MET A SD  1 
ATOM 666  C CE  . MET A 1 87  ? 3.109   -3.686  -0.842  1.00 42.73  ? 87  MET A CE  1 
ATOM 667  N N   . GLN A 1 88  ? 7.310   -4.125  1.718   1.00 28.57  ? 88  GLN A N   1 
ATOM 668  C CA  . GLN A 1 88  ? 7.834   -5.474  1.558   1.00 28.01  ? 88  GLN A CA  1 
ATOM 669  C C   . GLN A 1 88  ? 6.668   -6.413  1.733   1.00 25.16  ? 88  GLN A C   1 
ATOM 670  O O   . GLN A 1 88  ? 5.665   -6.070  2.361   1.00 22.85  ? 88  GLN A O   1 
ATOM 671  C CB  . GLN A 1 88  ? 8.819   -5.778  2.691   1.00 25.67  ? 88  GLN A CB  1 
ATOM 672  C CG  . GLN A 1 88  ? 8.123   -5.907  4.048   1.00 23.38  ? 88  GLN A CG  1 
ATOM 673  C CD  . GLN A 1 88  ? 9.101   -5.934  5.208   1.00 25.30  ? 88  GLN A CD  1 
ATOM 674  O OE1 . GLN A 1 88  ? 10.309  -5.775  5.041   1.00 26.24  ? 88  GLN A OE1 1 
ATOM 675  N NE2 . GLN A 1 88  ? 8.577   -6.111  6.406   1.00 25.97  ? 88  GLN A NE2 1 
ATOM 676  N N   . SER A 1 89  ? 6.807   -7.622  1.244   1.00 25.54  ? 89  SER A N   1 
ATOM 677  C CA  . SER A 1 89  ? 5.691   -8.523  1.382   1.00 24.70  ? 89  SER A CA  1 
ATOM 678  C C   . SER A 1 89  ? 6.319   -9.887  1.526   1.00 26.55  ? 89  SER A C   1 
ATOM 679  O O   . SER A 1 89  ? 5.898   -10.899 0.979   1.00 31.11  ? 89  SER A O   1 
ATOM 680  C CB  . SER A 1 89  ? 4.855   -8.341  0.138   1.00 34.18  ? 89  SER A CB  1 
ATOM 681  O OG  . SER A 1 89  ? 4.052   -7.169  0.091   1.00 34.64  ? 89  SER A OG  1 
ATOM 682  N N   . THR A 1 90  ? 7.368   -9.849  2.323   1.00 24.79  ? 90  THR A N   1 
ATOM 683  C CA  . THR A 1 90  ? 8.124   -11.074 2.577   1.00 27.72  ? 90  THR A CA  1 
ATOM 684  C C   . THR A 1 90  ? 7.289   -11.986 3.379   1.00 25.80  ? 90  THR A C   1 
ATOM 685  O O   . THR A 1 90  ? 7.220   -13.195 3.157   1.00 34.44  ? 90  THR A O   1 
ATOM 686  C CB  . THR A 1 90  ? 9.442   -10.850 3.340   1.00 30.90  ? 90  THR A CB  1 
ATOM 687  O OG1 . THR A 1 90  ? 10.347  -11.958 3.326   1.00 42.70  ? 90  THR A OG1 1 
ATOM 688  C CG2 . THR A 1 90  ? 9.511   -9.962  4.578   1.00 25.36  ? 90  THR A CG2 1 
ATOM 689  N N   . SER A 1 91  ? 6.720   -11.362 4.369   1.00 20.18  ? 91  SER A N   1 
ATOM 690  C CA  . SER A 1 91  ? 6.094   -12.124 5.412   1.00 23.00  ? 91  SER A CA  1 
ATOM 691  C C   . SER A 1 91  ? 5.317   -11.061 6.119   1.00 15.09  ? 91  SER A C   1 
ATOM 692  O O   . SER A 1 91  ? 5.486   -9.865  5.866   1.00 14.38  ? 91  SER A O   1 
ATOM 693  C CB  . SER A 1 91  ? 7.147   -12.711 6.355   1.00 49.73  ? 91  SER A CB  1 
ATOM 694  O OG  . SER A 1 91  ? 7.867   -13.821 5.820   1.00 75.32  ? 91  SER A OG  1 
ATOM 695  N N   . TYR A 1 92  ? 4.434   -11.545 6.954   1.00 13.79  ? 92  TYR A N   1 
ATOM 696  C CA  . TYR A 1 92  ? 3.470   -10.664 7.579   1.00 12.03  ? 92  TYR A CA  1 
ATOM 697  C C   . TYR A 1 92  ? 4.097   -10.226 8.874   1.00 12.27  ? 92  TYR A C   1 
ATOM 698  O O   . TYR A 1 92  ? 4.900   -10.946 9.467   1.00 13.81  ? 92  TYR A O   1 
ATOM 699  C CB  . TYR A 1 92  ? 2.171   -11.422 7.862   1.00 17.61  ? 92  TYR A CB  1 
ATOM 700  C CG  . TYR A 1 92  ? 1.253   -11.496 6.661   1.00 18.62  ? 92  TYR A CG  1 
ATOM 701  C CD1 . TYR A 1 92  ? 1.636   -11.126 5.433   1.00 17.64  ? 92  TYR A CD1 1 
ATOM 702  C CD2 . TYR A 1 92  ? 0.014   -11.950 6.838   1.00 23.35  ? 92  TYR A CD2 1 
ATOM 703  C CE1 . TYR A 1 92  ? 0.808   -11.231 4.383   1.00 21.96  ? 92  TYR A CE1 1 
ATOM 704  C CE2 . TYR A 1 92  ? -0.805  -12.056 5.785   1.00 26.85  ? 92  TYR A CE2 1 
ATOM 705  C CZ  . TYR A 1 92  ? -0.422  -11.715 4.556   1.00 26.51  ? 92  TYR A CZ  1 
ATOM 706  O OH  . TYR A 1 92  ? -1.312  -11.842 3.518   1.00 31.16  ? 92  TYR A OH  1 
ATOM 707  N N   . PRO A 1 93  ? 3.728   -9.065  9.361   1.00 14.74  ? 93  PRO A N   1 
ATOM 708  C CA  . PRO A 1 93  ? 2.759   -8.216  8.686   1.00 15.45  ? 93  PRO A CA  1 
ATOM 709  C C   . PRO A 1 93  ? 3.409   -7.429  7.569   1.00 15.36  ? 93  PRO A C   1 
ATOM 710  O O   . PRO A 1 93  ? 4.600   -7.134  7.634   1.00 16.60  ? 93  PRO A O   1 
ATOM 711  C CB  . PRO A 1 93  ? 2.565   -7.218  9.819   1.00 20.31  ? 93  PRO A CB  1 
ATOM 712  C CG  . PRO A 1 93  ? 3.761   -7.207  10.754  1.00 21.79  ? 93  PRO A CG  1 
ATOM 713  C CD  . PRO A 1 93  ? 4.117   -8.683  10.712  1.00 17.56  ? 93  PRO A CD  1 
ATOM 714  N N   . LEU A 1 94  ? 2.631   -7.066  6.566   1.00 15.45  ? 94  LEU A N   1 
ATOM 715  C CA  . LEU A 1 94  ? 3.212   -6.320  5.451   1.00 16.07  ? 94  LEU A CA  1 
ATOM 716  C C   . LEU A 1 94  ? 3.426   -4.908  5.924   1.00 17.91  ? 94  LEU A C   1 
ATOM 717  O O   . LEU A 1 94  ? 2.646   -4.412  6.736   1.00 18.54  ? 94  LEU A O   1 
ATOM 718  C CB  . LEU A 1 94  ? 2.202   -6.210  4.323   1.00 18.67  ? 94  LEU A CB  1 
ATOM 719  C CG  . LEU A 1 94  ? 1.745   -7.590  3.918   1.00 18.54  ? 94  LEU A CG  1 
ATOM 720  C CD1 . LEU A 1 94  ? 2.797   -8.685  3.794   1.00 17.17  ? 94  LEU A CD1 1 
ATOM 721  C CD2 . LEU A 1 94  ? 0.257   -7.863  4.053   1.00 23.49  ? 94  LEU A CD2 1 
ATOM 722  N N   . THR A 1 95  ? 4.468   -4.253  5.441   1.00 19.11  ? 95  THR A N   1 
ATOM 723  C CA  . THR A 1 95  ? 4.762   -2.916  5.962   1.00 20.02  ? 95  THR A CA  1 
ATOM 724  C C   . THR A 1 95  ? 5.199   -1.965  4.821   1.00 23.19  ? 95  THR A C   1 
ATOM 725  O O   . THR A 1 95  ? 5.842   -2.432  3.885   1.00 25.66  ? 95  THR A O   1 
ATOM 726  C CB  . THR A 1 95  ? 5.806   -3.110  7.079   1.00 22.95  ? 95  THR A CB  1 
ATOM 727  O OG1 . THR A 1 95  ? 5.371   -3.937  8.162   1.00 22.88  ? 95  THR A OG1 1 
ATOM 728  C CG2 . THR A 1 95  ? 6.403   -1.808  7.601   1.00 24.83  ? 95  THR A CG2 1 
ATOM 729  N N   . PHE A 1 96  ? 4.825   -0.663  4.924   1.00 22.64  ? 96  PHE A N   1 
ATOM 730  C CA  . PHE A 1 96  ? 5.107   0.350   3.890   1.00 24.52  ? 96  PHE A CA  1 
ATOM 731  C C   . PHE A 1 96  ? 6.165   1.316   4.438   1.00 26.53  ? 96  PHE A C   1 
ATOM 732  O O   . PHE A 1 96  ? 6.328   1.474   5.647   1.00 25.23  ? 96  PHE A O   1 
ATOM 733  C CB  . PHE A 1 96  ? 3.825   1.190   3.673   1.00 21.08  ? 96  PHE A CB  1 
ATOM 734  C CG  . PHE A 1 96  ? 2.813   0.605   2.687   1.00 20.79  ? 96  PHE A CG  1 
ATOM 735  C CD1 . PHE A 1 96  ? 2.964   0.809   1.367   1.00 26.27  ? 96  PHE A CD1 1 
ATOM 736  C CD2 . PHE A 1 96  ? 1.723   -0.049  3.126   1.00 18.43  ? 96  PHE A CD2 1 
ATOM 737  C CE1 . PHE A 1 96  ? 2.047   0.354   0.496   1.00 28.80  ? 96  PHE A CE1 1 
ATOM 738  C CE2 . PHE A 1 96  ? 0.806   -0.506  2.260   1.00 20.81  ? 96  PHE A CE2 1 
ATOM 739  C CZ  . PHE A 1 96  ? 0.974   -0.305  0.946   1.00 27.20  ? 96  PHE A CZ  1 
ATOM 740  N N   . GLY A 1 97  ? 6.884   1.966   3.527   1.00 29.27  ? 97  GLY A N   1 
ATOM 741  C CA  . GLY A 1 97  ? 7.885   2.935   3.960   1.00 27.28  ? 97  GLY A CA  1 
ATOM 742  C C   . GLY A 1 97  ? 7.152   4.247   4.162   1.00 25.32  ? 97  GLY A C   1 
ATOM 743  O O   . GLY A 1 97  ? 6.076   4.426   3.607   1.00 26.55  ? 97  GLY A O   1 
ATOM 744  N N   . SER A 1 98  ? 7.770   5.175   4.906   1.00 22.73  ? 98  SER A N   1 
ATOM 745  C CA  . SER A 1 98  ? 7.102   6.444   5.235   1.00 23.47  ? 98  SER A CA  1 
ATOM 746  C C   . SER A 1 98  ? 6.833   7.375   4.051   1.00 25.30  ? 98  SER A C   1 
ATOM 747  O O   . SER A 1 98  ? 6.038   8.302   4.176   1.00 28.06  ? 98  SER A O   1 
ATOM 748  C CB  . SER A 1 98  ? 7.923   7.148   6.327   1.00 20.89  ? 98  SER A CB  1 
ATOM 749  O OG  . SER A 1 98  ? 9.275   6.670   6.405   1.00 19.73  ? 98  SER A OG  1 
ATOM 750  N N   . GLY A 1 99  ? 7.493   7.139   2.917   1.00 23.66  ? 99  GLY A N   1 
ATOM 751  C CA  . GLY A 1 99  ? 7.221   7.978   1.746   1.00 25.27  ? 99  GLY A CA  1 
ATOM 752  C C   . GLY A 1 99  ? 8.320   9.007   1.451   1.00 21.07  ? 99  GLY A C   1 
ATOM 753  O O   . GLY A 1 99  ? 8.945   9.535   2.365   1.00 17.96  ? 99  GLY A O   1 
ATOM 754  N N   . THR A 1 100 ? 8.487   9.277   0.142   1.00 23.13  ? 100 THR A N   1 
ATOM 755  C CA  . THR A 1 100 ? 9.478   10.249  -0.346  1.00 20.21  ? 100 THR A CA  1 
ATOM 756  C C   . THR A 1 100 ? 8.729   11.128  -1.360  1.00 31.12  ? 100 THR A C   1 
ATOM 757  O O   . THR A 1 100 ? 8.321   10.649  -2.419  1.00 36.58  ? 100 THR A O   1 
ATOM 758  C CB  . THR A 1 100 ? 10.618  9.533   -1.104  1.00 16.26  ? 100 THR A CB  1 
ATOM 759  O OG1 . THR A 1 100 ? 11.358  8.601   -0.301  1.00 11.07  ? 100 THR A OG1 1 
ATOM 760  C CG2 . THR A 1 100 ? 11.564  10.539  -1.759  1.00 17.89  ? 100 THR A CG2 1 
ATOM 761  N N   . LYS A 1 101 ? 8.520   12.404  -1.048  1.00 35.00  ? 101 LYS A N   1 
ATOM 762  C CA  . LYS A 1 101 ? 7.818   13.274  -1.994  1.00 44.83  ? 101 LYS A CA  1 
ATOM 763  C C   . LYS A 1 101 ? 8.774   13.829  -3.044  1.00 43.36  ? 101 LYS A C   1 
ATOM 764  O O   . LYS A 1 101 ? 9.754   14.496  -2.725  1.00 46.06  ? 101 LYS A O   1 
ATOM 765  C CB  . LYS A 1 101 ? 7.159   14.416  -1.217  1.00 50.19  ? 101 LYS A CB  1 
ATOM 766  C CG  . LYS A 1 101 ? 6.540   15.531  -2.059  1.00 69.00  ? 101 LYS A CG  1 
ATOM 767  C CD  . LYS A 1 101 ? 6.038   16.665  -1.165  1.00 72.11  ? 101 LYS A CD  1 
ATOM 768  C CE  . LYS A 1 101 ? 5.317   17.794  -1.912  1.00 97.34  ? 101 LYS A CE  1 
ATOM 769  N NZ  . LYS A 1 101 ? 6.099   18.433  -2.987  1.00 100.00 ? 101 LYS A NZ  1 
ATOM 770  N N   . LEU A 1 102 ? 8.448   13.553  -4.305  1.00 54.98  ? 102 LEU A N   1 
ATOM 771  C CA  . LEU A 1 102 ? 9.260   14.060  -5.407  1.00 61.38  ? 102 LEU A CA  1 
ATOM 772  C C   . LEU A 1 102 ? 8.598   15.321  -5.930  1.00 86.19  ? 102 LEU A C   1 
ATOM 773  O O   . LEU A 1 102 ? 7.448   15.302  -6.361  1.00 93.49  ? 102 LEU A O   1 
ATOM 774  C CB  . LEU A 1 102 ? 9.293   12.968  -6.482  1.00 58.11  ? 102 LEU A CB  1 
ATOM 775  C CG  . LEU A 1 102 ? 9.797   13.302  -7.873  1.00 65.84  ? 102 LEU A CG  1 
ATOM 776  C CD1 . LEU A 1 102 ? 10.843  14.411  -7.800  1.00 55.36  ? 102 LEU A CD1 1 
ATOM 777  C CD2 . LEU A 1 102 ? 10.444  12.049  -8.459  1.00 55.00  ? 102 LEU A CD2 1 
ATOM 778  N N   . GLU A 1 103 ? 9.365   16.409  -5.911  1.00 88.47  ? 103 GLU A N   1 
ATOM 779  C CA  . GLU A 1 103 ? 8.834   17.655  -6.436  1.00 96.67  ? 103 GLU A CA  1 
ATOM 780  C C   . GLU A 1 103 ? 9.702   18.088  -7.602  1.00 87.52  ? 103 GLU A C   1 
ATOM 781  O O   . GLU A 1 103 ? 10.924  17.963  -7.567  1.00 62.46  ? 103 GLU A O   1 
ATOM 782  C CB  . GLU A 1 103 ? 8.864   18.729  -5.354  1.00 92.83  ? 103 GLU A CB  1 
ATOM 783  C CG  . GLU A 1 103 ? 10.277  19.109  -4.924  1.00 67.46  ? 103 GLU A CG  1 
ATOM 784  C CD  . GLU A 1 103 ? 10.238  20.270  -3.965  1.00 64.05  ? 103 GLU A CD  1 
ATOM 785  O OE1 . GLU A 1 103 ? 10.006  21.411  -4.421  1.00 75.51  ? 103 GLU A OE1 1 
ATOM 786  O OE2 . GLU A 1 103 ? 10.441  20.051  -2.752  1.00 72.05  ? 103 GLU A OE2 1 
ATOM 787  N N   . ILE A 1 104 ? 9.023   18.594  -8.631  1.00 91.49  ? 104 ILE A N   1 
ATOM 788  C CA  . ILE A 1 104 ? 9.734   19.029  -9.832  1.00 77.93  ? 104 ILE A CA  1 
ATOM 789  C C   . ILE A 1 104 ? 10.298  20.433  -9.652  1.00 67.68  ? 104 ILE A C   1 
ATOM 790  O O   . ILE A 1 104 ? 9.581   21.380  -9.346  1.00 84.56  ? 104 ILE A O   1 
ATOM 791  C CB  . ILE A 1 104 ? 8.758   18.993  -11.008 1.00 88.53  ? 104 ILE A CB  1 
ATOM 792  C CG1 . ILE A 1 104 ? 8.124   17.619  -11.177 1.00 94.86  ? 104 ILE A CG1 1 
ATOM 793  C CG2 . ILE A 1 104 ? 9.461   19.419  -12.297 1.00 79.64  ? 104 ILE A CG2 1 
ATOM 794  C CD1 . ILE A 1 104 ? 8.977   16.748  -12.078 1.00 86.65  ? 104 ILE A CD1 1 
ATOM 795  N N   . LYS A 1 105 ? 11.607  20.543  -9.839  1.00 51.48  ? 105 LYS A N   1 
ATOM 796  C CA  . LYS A 1 105 ? 12.285  21.828  -9.752  1.00 54.75  ? 105 LYS A CA  1 
ATOM 797  C C   . LYS A 1 105 ? 12.006  22.529  -11.069 1.00 60.47  ? 105 LYS A C   1 
ATOM 798  O O   . LYS A 1 105 ? 12.209  21.953  -12.136 1.00 66.19  ? 105 LYS A O   1 
ATOM 799  C CB  . LYS A 1 105 ? 13.781  21.537  -9.597  1.00 49.39  ? 105 LYS A CB  1 
ATOM 800  C CG  . LYS A 1 105 ? 14.597  22.654  -8.948  1.00 47.03  ? 105 LYS A CG  1 
ATOM 801  C CD  . LYS A 1 105 ? 15.658  22.049  -8.028  1.00 42.50  ? 105 LYS A CD  1 
ATOM 802  C CE  . LYS A 1 105 ? 16.544  21.025  -8.734  1.00 44.48  ? 105 LYS A CE  1 
ATOM 803  N NZ  . LYS A 1 105 ? 17.323  21.636  -9.812  1.00 55.40  ? 105 LYS A NZ  1 
ATOM 804  N N   . ARG A 1 106 ? 11.516  23.759  -10.968 1.00 67.99  ? 106 ARG A N   1 
ATOM 805  C CA  . ARG A 1 106 ? 11.107  24.487  -12.171 1.00 84.34  ? 106 ARG A CA  1 
ATOM 806  C C   . ARG A 1 106 ? 11.714  25.887  -12.090 1.00 95.10  ? 106 ARG A C   1 
ATOM 807  O O   . ARG A 1 106 ? 12.405  26.196  -11.127 1.00 93.13  ? 106 ARG A O   1 
ATOM 808  C CB  . ARG A 1 106 ? 9.579   24.521  -12.113 1.00 89.38  ? 106 ARG A CB  1 
ATOM 809  C CG  . ARG A 1 106 ? 8.873   25.413  -13.127 1.00 97.66  ? 106 ARG A CG  1 
ATOM 810  C CD  . ARG A 1 106 ? 7.533   25.893  -12.590 1.00 99.92  ? 106 ARG A CD  1 
ATOM 811  N NE  . ARG A 1 106 ? 7.382   27.330  -12.845 1.00 100.00 ? 106 ARG A NE  1 
ATOM 812  C CZ  . ARG A 1 106 ? 6.730   27.765  -13.917 1.00 100.00 ? 106 ARG A CZ  1 
ATOM 813  N NH1 . ARG A 1 106 ? 6.189   26.959  -14.777 1.00 97.96  ? 106 ARG A NH1 1 
ATOM 814  N NH2 . ARG A 1 106 ? 6.622   29.053  -14.107 1.00 100.00 ? 106 ARG A NH2 1 
ATOM 815  N N   . ALA A 1 107 ? 11.516  26.698  -13.131 1.00 98.83  ? 107 ALA A N   1 
ATOM 816  C CA  . ALA A 1 107 ? 12.004  28.059  -13.046 1.00 92.98  ? 107 ALA A CA  1 
ATOM 817  C C   . ALA A 1 107 ? 11.110  28.921  -12.165 1.00 97.19  ? 107 ALA A C   1 
ATOM 818  O O   . ALA A 1 107 ? 9.881   28.674  -12.153 1.00 100.00 ? 107 ALA A O   1 
ATOM 819  C CB  . ALA A 1 107 ? 12.297  28.584  -14.449 1.00 88.72  ? 107 ALA A CB  1 
ATOM 820  O OXT . ALA A 1 107 ? 11.622  29.785  -11.442 1.00 99.04  ? 107 ALA A OXT 1 
ATOM 821  N N   . SER B 2 1   ? -17.197 1.821   0.430   1.00 53.54  ? 108 SER B N   1 
ATOM 822  C CA  . SER B 2 1   ? -18.249 2.560   1.126   1.00 67.73  ? 108 SER B CA  1 
ATOM 823  C C   . SER B 2 1   ? -18.417 2.077   2.580   1.00 54.38  ? 108 SER B C   1 
ATOM 824  O O   . SER B 2 1   ? -17.704 1.223   3.069   1.00 42.12  ? 108 SER B O   1 
ATOM 825  C CB  . SER B 2 1   ? -19.568 2.362   0.386   1.00 68.89  ? 108 SER B CB  1 
ATOM 826  O OG  . SER B 2 1   ? -19.937 0.980   0.304   1.00 63.96  ? 108 SER B OG  1 
ATOM 827  N N   . GLY B 2 2   ? -19.407 2.683   3.261   1.00 53.24  ? 109 GLY B N   1 
ATOM 828  C CA  . GLY B 2 2   ? -19.500 2.533   4.726   1.00 63.34  ? 109 GLY B CA  1 
ATOM 829  C C   . GLY B 2 2   ? -18.756 3.568   5.595   1.00 81.87  ? 109 GLY B C   1 
ATOM 830  O O   . GLY B 2 2   ? -18.733 3.451   6.815   1.00 77.52  ? 109 GLY B O   1 
ATOM 831  N N   . PRO B 2 3   ? -18.151 4.622   5.017   1.00 94.05  ? 110 PRO B N   1 
ATOM 832  C CA  . PRO B 2 3   ? -17.402 5.511   5.866   1.00 94.13  ? 110 PRO B CA  1 
ATOM 833  C C   . PRO B 2 3   ? -18.199 6.604   6.526   1.00 99.24  ? 110 PRO B C   1 
ATOM 834  O O   . PRO B 2 3   ? -19.400 6.452   6.742   1.00 94.07  ? 110 PRO B O   1 
ATOM 835  C CB  . PRO B 2 3   ? -16.306 6.019   4.971   1.00 99.52  ? 110 PRO B CB  1 
ATOM 836  C CG  . PRO B 2 3   ? -17.088 6.204   3.686   1.00 99.53  ? 110 PRO B CG  1 
ATOM 837  C CD  . PRO B 2 3   ? -17.793 4.859   3.629   1.00 93.36  ? 110 PRO B CD  1 
ATOM 838  N N   . GLY B 2 4   ? -17.512 7.670   6.923   1.00 100.00 ? 111 GLY B N   1 
ATOM 839  C CA  . GLY B 2 4   ? -18.242 8.731   7.608   1.00 100.00 ? 111 GLY B CA  1 
ATOM 840  C C   . GLY B 2 4   ? -17.658 9.131   8.956   1.00 100.00 ? 111 GLY B C   1 
ATOM 841  O O   . GLY B 2 4   ? -16.586 8.709   9.367   1.00 100.00 ? 111 GLY B O   1 
ATOM 842  N N   . LEU B 2 5   ? -18.427 9.991   9.613   1.00 100.00 ? 112 LEU B N   1 
ATOM 843  C CA  . LEU B 2 5   ? -18.028 10.500  10.908  1.00 100.00 ? 112 LEU B CA  1 
ATOM 844  C C   . LEU B 2 5   ? -18.567 9.587   11.917  1.00 100.00 ? 112 LEU B C   1 
ATOM 845  O O   . LEU B 2 5   ? -19.695 9.067   11.924  1.00 100.00 ? 112 LEU B O   1 
ATOM 846  C CB  . LEU B 2 5   ? -18.629 11.907  10.987  1.00 100.00 ? 112 LEU B CB  1 
ATOM 847  C CG  . LEU B 2 5   ? -18.360 12.823  12.179  1.00 100.00 ? 112 LEU B CG  1 
ATOM 848  C CD1 . LEU B 2 5   ? -16.985 12.570  12.791  1.00 100.00 ? 112 LEU B CD1 1 
ATOM 849  C CD2 . LEU B 2 5   ? -18.491 14.268  11.693  1.00 100.00 ? 112 LEU B CD2 1 
ATOM 850  N N   . VAL B 2 6   ? -17.547 9.483   12.804  1.00 99.92  ? 113 VAL B N   1 
ATOM 851  C CA  . VAL B 2 6   ? -17.170 8.701   13.846  1.00 98.76  ? 113 VAL B CA  1 
ATOM 852  C C   . VAL B 2 6   ? -17.354 9.011   15.329  1.00 100.00 ? 113 VAL B C   1 
ATOM 853  O O   . VAL B 2 6   ? -16.268 9.427   15.517  1.00 99.71  ? 113 VAL B O   1 
ATOM 854  C CB  . VAL B 2 6   ? -16.839 7.275   13.406  1.00 94.59  ? 113 VAL B CB  1 
ATOM 855  C CG1 . VAL B 2 6   ? -16.688 6.080   14.338  1.00 83.79  ? 113 VAL B CG1 1 
ATOM 856  C CG2 . VAL B 2 6   ? -17.681 6.425   12.352  1.00 92.68  ? 113 VAL B CG2 1 
ATOM 857  N N   . GLN B 2 7   ? -18.169 8.758   16.374  1.00 100.16 ? 114 GLN B N   1 
ATOM 858  C CA  . GLN B 2 7   ? -17.678 9.196   17.727  1.00 99.90  ? 114 GLN B CA  1 
ATOM 859  C C   . GLN B 2 7   ? -16.790 8.095   18.296  1.00 98.65  ? 114 GLN B C   1 
ATOM 860  O O   . GLN B 2 7   ? -17.079 6.923   18.062  1.00 101.78 ? 114 GLN B O   1 
ATOM 861  C CB  . GLN B 2 7   ? -18.837 9.549   18.666  1.00 104.56 ? 114 GLN B CB  1 
ATOM 862  C CG  . GLN B 2 7   ? -19.840 8.440   18.900  1.00 107.86 ? 114 GLN B CG  1 
ATOM 863  C CD  . GLN B 2 7   ? -20.814 8.292   17.775  1.00 105.09 ? 114 GLN B CD  1 
ATOM 864  O OE1 . GLN B 2 7   ? -21.262 7.210   17.561  1.00 110.71 ? 114 GLN B OE1 1 
ATOM 865  N NE2 . GLN B 2 7   ? -21.247 9.349   17.165  1.00 101.30 ? 114 GLN B NE2 1 
ATOM 866  N N   . PRO B 2 8   ? -15.711 8.432   18.998  1.00 93.73  ? 115 PRO B N   1 
ATOM 867  C CA  . PRO B 2 8   ? -14.762 7.463   19.539  1.00 99.54  ? 115 PRO B CA  1 
ATOM 868  C C   . PRO B 2 8   ? -15.472 6.385   20.298  1.00 108.98 ? 115 PRO B C   1 
ATOM 869  O O   . PRO B 2 8   ? -16.251 6.797   21.136  1.00 113.73 ? 115 PRO B O   1 
ATOM 870  C CB  . PRO B 2 8   ? -13.950 8.301   20.532  1.00 102.15 ? 115 PRO B CB  1 
ATOM 871  C CG  . PRO B 2 8   ? -14.023 9.713   19.947  1.00 98.96  ? 115 PRO B CG  1 
ATOM 872  C CD  . PRO B 2 8   ? -15.458 9.812   19.414  1.00 93.69  ? 115 PRO B CD  1 
ATOM 873  N N   . SER B 2 9   ? -15.199 5.122   19.911  1.00 110.54 ? 116 SER B N   1 
ATOM 874  C CA  . SER B 2 9   ? -15.775 3.942   20.569  1.00 118.10 ? 116 SER B CA  1 
ATOM 875  C C   . SER B 2 9   ? -16.812 3.364   19.631  1.00 117.21 ? 116 SER B C   1 
ATOM 876  O O   . SER B 2 9   ? -17.285 2.238   19.788  1.00 122.35 ? 116 SER B O   1 
ATOM 877  C CB  . SER B 2 9   ? -16.302 4.195   21.993  1.00 125.20 ? 116 SER B CB  1 
ATOM 878  O OG  . SER B 2 9   ? -17.533 4.954   22.091  1.00 126.38 ? 116 SER B OG  1 
ATOM 879  N N   . GLN B 2 10  ? -17.180 4.131   18.634  1.00 111.31 ? 117 GLN B N   1 
ATOM 880  C CA  . GLN B 2 10  ? -18.197 3.560   17.781  1.00 113.16 ? 117 GLN B CA  1 
ATOM 881  C C   . GLN B 2 10  ? -17.790 2.418   16.917  1.00 110.80 ? 117 GLN B C   1 
ATOM 882  O O   . GLN B 2 10  ? -16.683 1.931   17.076  1.00 108.01 ? 117 GLN B O   1 
ATOM 883  C CB  . GLN B 2 10  ? -19.235 4.457   17.207  1.00 111.72 ? 117 GLN B CB  1 
ATOM 884  C CG  . GLN B 2 10  ? -18.759 5.470   16.259  1.00 103.31 ? 117 GLN B CG  1 
ATOM 885  C CD  . GLN B 2 10  ? -19.840 6.214   15.607  1.00 104.86 ? 117 GLN B CD  1 
ATOM 886  O OE1 . GLN B 2 10  ? -20.755 5.525   15.039  1.00 107.27 ? 117 GLN B OE1 1 
ATOM 887  N NE2 . GLN B 2 10  ? -19.464 6.690   14.558  1.00 101.07 ? 117 GLN B NE2 1 
ATOM 888  N N   . THR B 2 11  ? -18.716 1.936   16.092  1.00 112.24 ? 118 THR B N   1 
ATOM 889  C CA  . THR B 2 11  ? -18.386 0.773   15.268  1.00 110.05 ? 118 THR B CA  1 
ATOM 890  C C   . THR B 2 11  ? -18.777 1.152   13.841  1.00 103.45 ? 118 THR B C   1 
ATOM 891  O O   . THR B 2 11  ? -19.502 2.123   13.626  1.00 103.99 ? 118 THR B O   1 
ATOM 892  C CB  . THR B 2 11  ? -19.116 -0.494  15.757  1.00 118.14 ? 118 THR B CB  1 
ATOM 893  O OG1 . THR B 2 11  ? -20.541 -0.366  15.637  1.00 120.46 ? 118 THR B OG1 1 
ATOM 894  C CG2 . THR B 2 11  ? -18.691 -0.919  17.166  1.00 120.02 ? 118 THR B CG2 1 
ATOM 895  N N   . LEU B 2 12  ? -18.284 0.378   12.876  1.00 96.53  ? 119 LEU B N   1 
ATOM 896  C CA  . LEU B 2 12  ? -18.525 0.740   11.482  1.00 87.45  ? 119 LEU B CA  1 
ATOM 897  C C   . LEU B 2 12  ? -18.137 -0.447  10.615  1.00 80.74  ? 119 LEU B C   1 
ATOM 898  O O   . LEU B 2 12  ? -17.255 -1.214  10.980  1.00 79.54  ? 119 LEU B O   1 
ATOM 899  C CB  . LEU B 2 12  ? -17.629 1.941   11.198  1.00 76.73  ? 119 LEU B CB  1 
ATOM 900  C CG  . LEU B 2 12  ? -18.044 2.911   10.099  1.00 68.81  ? 119 LEU B CG  1 
ATOM 901  C CD1 . LEU B 2 12  ? -19.556 3.098   10.105  1.00 77.37  ? 119 LEU B CD1 1 
ATOM 902  C CD2 . LEU B 2 12  ? -17.347 4.240   10.365  1.00 75.62  ? 119 LEU B CD2 1 
ATOM 903  N N   . SER B 2 13  ? -18.812 -0.607  9.481   1.00 75.85  ? 120 SER B N   1 
ATOM 904  C CA  . SER B 2 13  ? -18.466 -1.714  8.581   1.00 68.04  ? 120 SER B CA  1 
ATOM 905  C C   . SER B 2 13  ? -18.258 -1.115  7.215   1.00 55.87  ? 120 SER B C   1 
ATOM 906  O O   . SER B 2 13  ? -19.135 -0.454  6.665   1.00 57.77  ? 120 SER B O   1 
ATOM 907  C CB  . SER B 2 13  ? -19.648 -2.646  8.338   1.00 75.80  ? 120 SER B CB  1 
ATOM 908  O OG  . SER B 2 13  ? -19.419 -3.933  7.742   1.00 71.56  ? 120 SER B OG  1 
ATOM 909  N N   . LEU B 2 14  ? -17.073 -1.341  6.683   1.00 43.73  ? 121 LEU B N   1 
ATOM 910  C CA  . LEU B 2 14  ? -16.766 -0.800  5.373   1.00 37.52  ? 121 LEU B CA  1 
ATOM 911  C C   . LEU B 2 14  ? -16.982 -1.928  4.376   1.00 36.21  ? 121 LEU B C   1 
ATOM 912  O O   . LEU B 2 14  ? -16.933 -3.103  4.731   1.00 36.39  ? 121 LEU B O   1 
ATOM 913  C CB  . LEU B 2 14  ? -15.295 -0.385  5.373   1.00 30.76  ? 121 LEU B CB  1 
ATOM 914  C CG  . LEU B 2 14  ? -14.870 0.701   6.359   1.00 32.76  ? 121 LEU B CG  1 
ATOM 915  C CD1 . LEU B 2 14  ? -13.349 0.715   6.491   1.00 29.42  ? 121 LEU B CD1 1 
ATOM 916  C CD2 . LEU B 2 14  ? -15.352 2.062   5.875   1.00 35.33  ? 121 LEU B CD2 1 
ATOM 917  N N   . THR B 2 15  ? -17.226 -1.589  3.122   1.00 37.80  ? 122 THR B N   1 
ATOM 918  C CA  . THR B 2 15  ? -17.397 -2.666  2.164   1.00 41.30  ? 122 THR B CA  1 
ATOM 919  C C   . THR B 2 15  ? -16.418 -2.407  1.038   1.00 37.85  ? 122 THR B C   1 
ATOM 920  O O   . THR B 2 15  ? -15.801 -1.335  1.017   1.00 37.53  ? 122 THR B O   1 
ATOM 921  C CB  . THR B 2 15  ? -18.844 -2.613  1.728   1.00 53.43  ? 122 THR B CB  1 
ATOM 922  O OG1 . THR B 2 15  ? -19.767 -3.050  2.719   1.00 58.82  ? 122 THR B OG1 1 
ATOM 923  C CG2 . THR B 2 15  ? -19.013 -3.307  0.459   1.00 62.34  ? 122 THR B CG2 1 
ATOM 924  N N   . CYS B 2 16  ? -16.293 -3.374  0.126   1.00 44.81  ? 123 CYS B N   1 
ATOM 925  C CA  . CYS B 2 16  ? -15.517 -3.201  -1.070  1.00 51.29  ? 123 CYS B CA  1 
ATOM 926  C C   . CYS B 2 16  ? -16.016 -4.173  -2.133  1.00 63.79  ? 123 CYS B C   1 
ATOM 927  O O   . CYS B 2 16  ? -15.993 -5.390  -1.977  1.00 65.31  ? 123 CYS B O   1 
ATOM 928  C CB  . CYS B 2 16  ? -14.087 -3.210  -0.595  1.00 43.38  ? 123 CYS B CB  1 
ATOM 929  S SG  . CYS B 2 16  ? -12.823 -3.598  -1.814  1.00 49.42  ? 123 CYS B SG  1 
ATOM 930  N N   . THR B 2 17  ? -16.546 -3.540  -3.184  1.00 75.93  ? 124 THR B N   1 
ATOM 931  C CA  . THR B 2 17  ? -17.160 -4.274  -4.291  1.00 91.17  ? 124 THR B CA  1 
ATOM 932  C C   . THR B 2 17  ? -16.153 -4.529  -5.417  1.00 96.11  ? 124 THR B C   1 
ATOM 933  O O   . THR B 2 17  ? -15.603 -3.610  -6.022  1.00 97.28  ? 124 THR B O   1 
ATOM 934  C CB  . THR B 2 17  ? -18.522 -3.628  -4.676  1.00 99.37  ? 124 THR B CB  1 
ATOM 935  O OG1 . THR B 2 17  ? -18.540 -2.214  -4.963  1.00 99.22  ? 124 THR B OG1 1 
ATOM 936  C CG2 . THR B 2 17  ? -19.567 -3.991  -3.629  1.00 97.40  ? 124 THR B CG2 1 
ATOM 937  N N   . VAL B 2 18  ? -15.897 -5.807  -5.675  1.00 100.10 ? 125 VAL B N   1 
ATOM 938  C CA  . VAL B 2 18  ? -14.961 -6.093  -6.740  1.00 105.09 ? 125 VAL B CA  1 
ATOM 939  C C   . VAL B 2 18  ? -15.591 -6.547  -8.030  1.00 116.63 ? 125 VAL B C   1 
ATOM 940  O O   . VAL B 2 18  ? -16.693 -7.087  -8.008  1.00 120.24 ? 125 VAL B O   1 
ATOM 941  C CB  . VAL B 2 18  ? -13.793 -6.902  -6.268  1.00 100.96 ? 125 VAL B CB  1 
ATOM 942  C CG1 . VAL B 2 18  ? -13.993 -8.308  -5.793  1.00 103.29 ? 125 VAL B CG1 1 
ATOM 943  C CG2 . VAL B 2 18  ? -12.751 -6.736  -7.341  1.00 106.56 ? 125 VAL B CG2 1 
ATOM 944  N N   . SER B 2 19  ? -14.928 -6.251  -9.145  1.00 119.69 ? 126 SER B N   1 
ATOM 945  C CA  . SER B 2 19  ? -15.445 -6.633  -10.421 1.00 124.24 ? 126 SER B CA  1 
ATOM 946  C C   . SER B 2 19  ? -14.253 -6.588  -11.304 1.00 125.16 ? 126 SER B C   1 
ATOM 947  O O   . SER B 2 19  ? -13.314 -5.785  -11.159 1.00 123.56 ? 126 SER B O   1 
ATOM 948  C CB  . SER B 2 19  ? -16.547 -5.713  -10.935 1.00 125.67 ? 126 SER B CB  1 
ATOM 949  O OG  . SER B 2 19  ? -17.134 -6.146  -12.171 1.00 127.27 ? 126 SER B OG  1 
ATOM 950  N N   . GLY B 2 20  ? -14.474 -7.611  -12.096 1.00 127.36 ? 127 GLY B N   1 
ATOM 951  C CA  . GLY B 2 20  ? -13.660 -8.024  -13.209 1.00 127.94 ? 127 GLY B CA  1 
ATOM 952  C C   . GLY B 2 20  ? -13.055 -9.372  -12.856 1.00 129.18 ? 127 GLY B C   1 
ATOM 953  O O   . GLY B 2 20  ? -12.147 -9.768  -13.578 1.00 129.33 ? 127 GLY B O   1 
ATOM 954  N N   . PHE B 2 21  ? -13.460 -10.080 -11.792 1.00 129.15 ? 128 PHE B N   1 
ATOM 955  C CA  . PHE B 2 21  ? -12.714 -11.302 -11.449 1.00 130.17 ? 128 PHE B CA  1 
ATOM 956  C C   . PHE B 2 21  ? -13.317 -12.006 -10.240 1.00 129.78 ? 128 PHE B C   1 
ATOM 957  O O   . PHE B 2 21  ? -14.108 -11.427 -9.499  1.00 127.41 ? 128 PHE B O   1 
ATOM 958  C CB  . PHE B 2 21  ? -11.219 -11.057 -11.195 1.00 130.38 ? 128 PHE B CB  1 
ATOM 959  C CG  . PHE B 2 21  ? -10.938 -10.400 -9.863  1.00 126.09 ? 128 PHE B CG  1 
ATOM 960  C CD1 . PHE B 2 21  ? -11.042 -9.078  -9.723  1.00 123.30 ? 128 PHE B CD1 1 
ATOM 961  C CD2 . PHE B 2 21  ? -10.563 -11.151 -8.818  1.00 123.67 ? 128 PHE B CD2 1 
ATOM 962  C CE1 . PHE B 2 21  ? -10.799 -8.535  -8.531  1.00 117.06 ? 128 PHE B CE1 1 
ATOM 963  C CE2 . PHE B 2 21  ? -10.371 -10.608 -7.613  1.00 116.50 ? 128 PHE B CE2 1 
ATOM 964  C CZ  . PHE B 2 21  ? -10.496 -9.288  -7.468  1.00 112.64 ? 128 PHE B CZ  1 
ATOM 965  N N   . SER B 2 22  ? -12.903 -13.249 -10.026 1.00 130.20 ? 129 SER B N   1 
ATOM 966  C CA  . SER B 2 22  ? -13.432 -14.025 -8.913  1.00 128.76 ? 129 SER B CA  1 
ATOM 967  C C   . SER B 2 22  ? -12.634 -13.795 -7.653  1.00 124.35 ? 129 SER B C   1 
ATOM 968  O O   . SER B 2 22  ? -11.403 -13.793 -7.638  1.00 123.81 ? 129 SER B O   1 
ATOM 969  C CB  . SER B 2 22  ? -13.311 -15.513 -9.232  1.00 130.04 ? 129 SER B CB  1 
ATOM 970  O OG  . SER B 2 22  ? -14.151 -15.918 -10.303 1.00 131.69 ? 129 SER B OG  1 
ATOM 971  N N   . LEU B 2 23  ? -13.370 -13.772 -6.563  1.00 119.58 ? 130 LEU B N   1 
ATOM 972  C CA  . LEU B 2 23  ? -12.777 -13.533 -5.261  1.00 111.25 ? 130 LEU B CA  1 
ATOM 973  C C   . LEU B 2 23  ? -12.138 -14.859 -4.810  1.00 109.70 ? 130 LEU B C   1 
ATOM 974  O O   . LEU B 2 23  ? -11.627 -15.067 -3.733  1.00 101.35 ? 130 LEU B O   1 
ATOM 975  C CB  . LEU B 2 23  ? -13.955 -13.066 -4.372  1.00 107.41 ? 130 LEU B CB  1 
ATOM 976  C CG  . LEU B 2 23  ? -13.823 -11.968 -3.300  1.00 95.59  ? 130 LEU B CG  1 
ATOM 977  C CD1 . LEU B 2 23  ? -13.615 -10.515 -3.696  1.00 92.73  ? 130 LEU B CD1 1 
ATOM 978  C CD2 . LEU B 2 23  ? -14.720 -12.094 -2.070  1.00 90.04  ? 130 LEU B CD2 1 
ATOM 979  N N   . SER B 2 24  ? -11.994 -15.927 -5.522  1.00 116.04 ? 131 SER B N   1 
ATOM 980  C CA  . SER B 2 24  ? -11.324 -16.980 -4.767  1.00 112.01 ? 131 SER B CA  1 
ATOM 981  C C   . SER B 2 24  ? -9.906  -17.053 -5.261  1.00 113.51 ? 131 SER B C   1 
ATOM 982  O O   . SER B 2 24  ? -9.047  -17.790 -4.785  1.00 110.25 ? 131 SER B O   1 
ATOM 983  C CB  . SER B 2 24  ? -12.093 -18.294 -4.753  1.00 114.99 ? 131 SER B CB  1 
ATOM 984  O OG  . SER B 2 24  ? -11.544 -19.245 -3.846  1.00 110.91 ? 131 SER B OG  1 
ATOM 985  N N   . SER B 2 25  ? -9.702  -16.250 -6.277  1.00 117.64 ? 132 SER B N   1 
ATOM 986  C CA  . SER B 2 25  ? -8.515  -16.418 -7.087  1.00 122.25 ? 132 SER B CA  1 
ATOM 987  C C   . SER B 2 25  ? -7.443  -15.437 -6.652  1.00 115.61 ? 132 SER B C   1 
ATOM 988  O O   . SER B 2 25  ? -6.333  -15.492 -7.176  1.00 117.61 ? 132 SER B O   1 
ATOM 989  C CB  . SER B 2 25  ? -8.928  -16.196 -8.546  1.00 128.75 ? 132 SER B CB  1 
ATOM 990  O OG  . SER B 2 25  ? -7.866  -16.245 -9.498  1.00 131.14 ? 132 SER B OG  1 
ATOM 991  N N   . TYR B 2 26  ? -7.720  -14.515 -5.747  1.00 107.54 ? 133 TYR B N   1 
ATOM 992  C CA  . TYR B 2 26  ? -6.667  -13.568 -5.379  1.00 100.44 ? 133 TYR B CA  1 
ATOM 993  C C   . TYR B 2 26  ? -7.012  -13.088 -3.999  1.00 87.77  ? 133 TYR B C   1 
ATOM 994  O O   . TYR B 2 26  ? -7.998  -13.522 -3.412  1.00 84.86  ? 133 TYR B O   1 
ATOM 995  C CB  . TYR B 2 26  ? -6.657  -12.322 -6.267  1.00 106.40 ? 133 TYR B CB  1 
ATOM 996  C CG  . TYR B 2 26  ? -5.846  -12.485 -7.530  1.00 115.38 ? 133 TYR B CG  1 
ATOM 997  C CD1 . TYR B 2 26  ? -4.530  -12.730 -7.467  1.00 113.11 ? 133 TYR B CD1 1 
ATOM 998  C CD2 . TYR B 2 26  ? -6.455  -12.399 -8.718  1.00 123.34 ? 133 TYR B CD2 1 
ATOM 999  C CE1 . TYR B 2 26  ? -3.823  -12.892 -8.595  1.00 119.51 ? 133 TYR B CE1 1 
ATOM 1000 C CE2 . TYR B 2 26  ? -5.750  -12.563 -9.843  1.00 127.71 ? 133 TYR B CE2 1 
ATOM 1001 C CZ  . TYR B 2 26  ? -4.435  -12.811 -9.785  1.00 126.07 ? 133 TYR B CZ  1 
ATOM 1002 O OH  . TYR B 2 26  ? -3.732  -12.987 -10.948 1.00 129.34 ? 133 TYR B OH  1 
ATOM 1003 N N   . HIS B 2 27  ? -6.215  -12.200 -3.447  1.00 79.77  ? 134 HIS B N   1 
ATOM 1004 C CA  . HIS B 2 27  ? -6.479  -11.853 -2.053  1.00 68.02  ? 134 HIS B CA  1 
ATOM 1005 C C   . HIS B 2 27  ? -6.948  -10.428 -2.068  1.00 68.26  ? 134 HIS B C   1 
ATOM 1006 O O   . HIS B 2 27  ? -7.074  -9.882  -3.174  1.00 77.12  ? 134 HIS B O   1 
ATOM 1007 C CB  . HIS B 2 27  ? -5.295  -11.996 -1.095  1.00 59.37  ? 134 HIS B CB  1 
ATOM 1008 C CG  . HIS B 2 27  ? -4.595  -13.330 -1.134  1.00 58.63  ? 134 HIS B CG  1 
ATOM 1009 N ND1 . HIS B 2 27  ? -4.133  -13.991 -2.256  1.00 68.94  ? 134 HIS B ND1 1 
ATOM 1010 C CD2 . HIS B 2 27  ? -4.200  -13.992 0.023   1.00 52.03  ? 134 HIS B CD2 1 
ATOM 1011 C CE1 . HIS B 2 27  ? -3.534  -15.054 -1.665  1.00 66.90  ? 134 HIS B CE1 1 
ATOM 1012 N NE2 . HIS B 2 27  ? -3.492  -15.137 -0.304  1.00 58.45  ? 134 HIS B NE2 1 
ATOM 1013 N N   . VAL B 2 28  ? -7.146  -9.836  -0.900  1.00 59.34  ? 135 VAL B N   1 
ATOM 1014 C CA  . VAL B 2 28  ? -7.669  -8.480  -0.760  1.00 58.62  ? 135 VAL B CA  1 
ATOM 1015 C C   . VAL B 2 28  ? -7.155  -7.916  0.595   1.00 51.89  ? 135 VAL B C   1 
ATOM 1016 O O   . VAL B 2 28  ? -6.987  -8.707  1.538   1.00 46.73  ? 135 VAL B O   1 
ATOM 1017 C CB  . VAL B 2 28  ? -9.181  -8.347  -1.079  1.00 58.40  ? 135 VAL B CB  1 
ATOM 1018 C CG1 . VAL B 2 28  ? -9.673  -6.901  -1.104  1.00 54.47  ? 135 VAL B CG1 1 
ATOM 1019 C CG2 . VAL B 2 28  ? -9.730  -8.993  -2.360  1.00 68.91  ? 135 VAL B CG2 1 
ATOM 1020 N N   . HIS B 2 29  ? -6.783  -6.641  0.699   1.00 52.58  ? 136 HIS B N   1 
ATOM 1021 C CA  . HIS B 2 29  ? -5.939  -6.117  1.767   1.00 49.14  ? 136 HIS B CA  1 
ATOM 1022 C C   . HIS B 2 29  ? -6.630  -4.836  2.136   1.00 46.29  ? 136 HIS B C   1 
ATOM 1023 O O   . HIS B 2 29  ? -7.000  -4.053  1.271   1.00 46.51  ? 136 HIS B O   1 
ATOM 1024 C CB  . HIS B 2 29  ? -4.604  -5.608  1.186   1.00 50.87  ? 136 HIS B CB  1 
ATOM 1025 C CG  . HIS B 2 29  ? -3.681  -6.761  0.937   1.00 51.88  ? 136 HIS B CG  1 
ATOM 1026 N ND1 . HIS B 2 29  ? -2.957  -7.342  1.943   1.00 44.11  ? 136 HIS B ND1 1 
ATOM 1027 C CD2 . HIS B 2 29  ? -3.789  -7.617  -0.164  1.00 56.98  ? 136 HIS B CD2 1 
ATOM 1028 C CE1 . HIS B 2 29  ? -2.730  -8.563  1.378   1.00 44.51  ? 136 HIS B CE1 1 
ATOM 1029 N NE2 . HIS B 2 29  ? -3.154  -8.820  0.108   1.00 52.27  ? 136 HIS B NE2 1 
ATOM 1030 N N   . TRP B 2 30  ? -6.782  -4.621  3.411   1.00 42.63  ? 137 TRP B N   1 
ATOM 1031 C CA  . TRP B 2 30  ? -7.310  -3.319  3.838   1.00 37.75  ? 137 TRP B CA  1 
ATOM 1032 C C   . TRP B 2 30  ? -6.121  -2.466  4.239   1.00 34.38  ? 137 TRP B C   1 
ATOM 1033 O O   . TRP B 2 30  ? -5.334  -2.891  5.066   1.00 35.58  ? 137 TRP B O   1 
ATOM 1034 C CB  . TRP B 2 30  ? -8.277  -3.481  5.007   1.00 35.10  ? 137 TRP B CB  1 
ATOM 1035 C CG  . TRP B 2 30  ? -9.654  -3.904  4.532   1.00 32.85  ? 137 TRP B CG  1 
ATOM 1036 C CD1 . TRP B 2 30  ? -10.224 -5.147  4.825   1.00 33.39  ? 137 TRP B CD1 1 
ATOM 1037 C CD2 . TRP B 2 30  ? -10.610 -3.202  3.773   1.00 28.73  ? 137 TRP B CD2 1 
ATOM 1038 N NE1 . TRP B 2 30  ? -11.506 -5.219  4.247   1.00 30.25  ? 137 TRP B NE1 1 
ATOM 1039 C CE2 . TRP B 2 30  ? -11.692 -3.992  3.616   1.00 26.12  ? 137 TRP B CE2 1 
ATOM 1040 C CE3 . TRP B 2 30  ? -10.590 -1.963  3.237   1.00 27.65  ? 137 TRP B CE3 1 
ATOM 1041 C CZ2 . TRP B 2 30  ? -12.782 -3.587  2.929   1.00 25.08  ? 137 TRP B CZ2 1 
ATOM 1042 C CZ3 . TRP B 2 30  ? -11.679 -1.553  2.539   1.00 27.05  ? 137 TRP B CZ3 1 
ATOM 1043 C CH2 . TRP B 2 30  ? -12.759 -2.349  2.387   1.00 26.37  ? 137 TRP B CH2 1 
ATOM 1044 N N   . VAL B 2 31  ? -5.944  -1.328  3.557   1.00 30.14  ? 138 VAL B N   1 
ATOM 1045 C CA  . VAL B 2 31  ? -4.803  -0.460  3.850   1.00 24.56  ? 138 VAL B CA  1 
ATOM 1046 C C   . VAL B 2 31  ? -5.332  0.949   4.049   1.00 19.63  ? 138 VAL B C   1 
ATOM 1047 O O   . VAL B 2 31  ? -6.150  1.419   3.266   1.00 21.44  ? 138 VAL B O   1 
ATOM 1048 C CB  . VAL B 2 31  ? -3.864  -0.398  2.647   1.00 25.17  ? 138 VAL B CB  1 
ATOM 1049 C CG1 . VAL B 2 31  ? -2.802  0.677   2.864   1.00 17.83  ? 138 VAL B CG1 1 
ATOM 1050 C CG2 . VAL B 2 31  ? -3.199  -1.746  2.407   1.00 31.46  ? 138 VAL B CG2 1 
ATOM 1051 N N   . ARG B 2 32  ? -4.879  1.651   5.076   1.00 16.49  ? 139 ARG B N   1 
ATOM 1052 C CA  . ARG B 2 32  ? -5.364  3.018   5.226   1.00 18.83  ? 139 ARG B CA  1 
ATOM 1053 C C   . ARG B 2 32  ? -4.294  4.084   5.015   1.00 18.75  ? 139 ARG B C   1 
ATOM 1054 O O   . ARG B 2 32  ? -3.103  3.802   5.041   1.00 15.68  ? 139 ARG B O   1 
ATOM 1055 C CB  . ARG B 2 32  ? -6.042  3.175   6.578   1.00 19.13  ? 139 ARG B CB  1 
ATOM 1056 C CG  . ARG B 2 32  ? -5.114  2.974   7.770   1.00 20.07  ? 139 ARG B CG  1 
ATOM 1057 C CD  . ARG B 2 32  ? -5.929  3.014   9.065   1.00 29.06  ? 139 ARG B CD  1 
ATOM 1058 N NE  . ARG B 2 32  ? -5.045  2.826   10.218  1.00 32.14  ? 139 ARG B NE  1 
ATOM 1059 C CZ  . ARG B 2 32  ? -5.574  2.556   11.403  1.00 38.22  ? 139 ARG B CZ  1 
ATOM 1060 N NH1 . ARG B 2 32  ? -6.845  2.443   11.572  1.00 41.28  ? 139 ARG B NH1 1 
ATOM 1061 N NH2 . ARG B 2 32  ? -4.792  2.393   12.436  1.00 39.99  ? 139 ARG B NH2 1 
ATOM 1062 N N   . GLN B 2 33  ? -4.753  5.317   4.800   1.00 25.29  ? 140 GLN B N   1 
ATOM 1063 C CA  . GLN B 2 33  ? -3.827  6.432   4.655   1.00 33.71  ? 140 GLN B CA  1 
ATOM 1064 C C   . GLN B 2 33  ? -4.335  7.543   5.553   1.00 42.90  ? 140 GLN B C   1 
ATOM 1065 O O   . GLN B 2 33  ? -5.436  8.060   5.344   1.00 47.19  ? 140 GLN B O   1 
ATOM 1066 C CB  . GLN B 2 33  ? -3.715  6.889   3.191   1.00 38.87  ? 140 GLN B CB  1 
ATOM 1067 C CG  . GLN B 2 33  ? -2.616  7.931   3.000   1.00 48.00  ? 140 GLN B CG  1 
ATOM 1068 C CD  . GLN B 2 33  ? -2.408  8.257   1.555   1.00 55.13  ? 140 GLN B CD  1 
ATOM 1069 O OE1 . GLN B 2 33  ? -3.327  8.244   0.752   1.00 58.46  ? 140 GLN B OE1 1 
ATOM 1070 N NE2 . GLN B 2 33  ? -1.191  8.576   1.265   1.00 58.16  ? 140 GLN B NE2 1 
ATOM 1071 N N   . PRO B 2 34  ? -3.524  7.935   6.559   1.00 46.01  ? 141 PRO B N   1 
ATOM 1072 C CA  . PRO B 2 34  ? -3.954  8.974   7.442   1.00 56.00  ? 141 PRO B CA  1 
ATOM 1073 C C   . PRO B 2 34  ? -3.780  10.345  6.868   1.00 64.77  ? 141 PRO B C   1 
ATOM 1074 O O   . PRO B 2 34  ? -3.094  10.494  5.859   1.00 64.89  ? 141 PRO B O   1 
ATOM 1075 C CB  . PRO B 2 34  ? -3.191  8.660   8.732   1.00 56.40  ? 141 PRO B CB  1 
ATOM 1076 C CG  . PRO B 2 34  ? -1.956  7.843   8.400   1.00 47.42  ? 141 PRO B CG  1 
ATOM 1077 C CD  . PRO B 2 34  ? -2.771  6.987   7.414   1.00 38.91  ? 141 PRO B CD  1 
ATOM 1078 N N   . PRO B 2 35  ? -4.400  11.360  7.457   1.00 71.04  ? 142 PRO B N   1 
ATOM 1079 C CA  . PRO B 2 35  ? -4.388  12.704  6.908   1.00 76.22  ? 142 PRO B CA  1 
ATOM 1080 C C   . PRO B 2 35  ? -2.994  13.269  6.722   1.00 80.70  ? 142 PRO B C   1 
ATOM 1081 O O   . PRO B 2 35  ? -2.764  14.069  5.823   1.00 84.95  ? 142 PRO B O   1 
ATOM 1082 C CB  . PRO B 2 35  ? -5.207  13.536  7.897   1.00 77.89  ? 142 PRO B CB  1 
ATOM 1083 C CG  . PRO B 2 35  ? -5.611  12.582  9.028   1.00 81.85  ? 142 PRO B CG  1 
ATOM 1084 C CD  . PRO B 2 35  ? -5.433  11.158  8.481   1.00 72.90  ? 142 PRO B CD  1 
ATOM 1085 N N   . GLY B 2 36  ? -2.035  12.784  7.507   1.00 78.83  ? 143 GLY B N   1 
ATOM 1086 C CA  . GLY B 2 36  ? -0.666  13.245  7.303   1.00 78.85  ? 143 GLY B CA  1 
ATOM 1087 C C   . GLY B 2 36  ? 0.025   12.377  6.254   1.00 71.90  ? 143 GLY B C   1 
ATOM 1088 O O   . GLY B 2 36  ? 1.251   12.307  6.220   1.00 67.04  ? 143 GLY B O   1 
ATOM 1089 N N   . LYS B 2 37  ? -0.772  11.702  5.429   1.00 70.91  ? 144 LYS B N   1 
ATOM 1090 C CA  . LYS B 2 37  ? -0.299  10.941  4.271   1.00 66.55  ? 144 LYS B CA  1 
ATOM 1091 C C   . LYS B 2 37  ? 0.414   9.623   4.575   1.00 55.56  ? 144 LYS B C   1 
ATOM 1092 O O   . LYS B 2 37  ? 0.973   9.003   3.686   1.00 51.37  ? 144 LYS B O   1 
ATOM 1093 C CB  . LYS B 2 37  ? 0.580   11.789  3.361   1.00 70.89  ? 144 LYS B CB  1 
ATOM 1094 C CG  . LYS B 2 37  ? -0.090  13.055  2.841   1.00 80.08  ? 144 LYS B CG  1 
ATOM 1095 C CD  . LYS B 2 37  ? 0.759   13.797  1.808   1.00 78.92  ? 144 LYS B CD  1 
ATOM 1096 C CE  . LYS B 2 37  ? 0.075   15.062  1.282   1.00 81.07  ? 144 LYS B CE  1 
ATOM 1097 N NZ  . LYS B 2 37  ? 0.893   15.764  0.288   1.00 80.40  ? 144 LYS B NZ  1 
ATOM 1098 N N   . GLY B 2 38  ? 0.429   9.178   5.831   1.00 50.51  ? 145 GLY B N   1 
ATOM 1099 C CA  . GLY B 2 38  ? 1.178   7.955   6.147   1.00 40.39  ? 145 GLY B CA  1 
ATOM 1100 C C   . GLY B 2 38  ? 0.535   6.705   5.738   1.00 31.84  ? 145 GLY B C   1 
ATOM 1101 O O   . GLY B 2 38  ? -0.867  6.729   5.626   1.00 33.13  ? 145 GLY B O   1 
ATOM 1102 N N   . LEU B 2 39  ? 0.905   5.639   5.271   1.00 24.90  ? 146 LEU B N   1 
ATOM 1103 C CA  . LEU B 2 39  ? 0.126   4.505   4.856   1.00 19.25  ? 146 LEU B CA  1 
ATOM 1104 C C   . LEU B 2 39  ? 0.237   3.383   5.887   1.00 14.84  ? 146 LEU B C   1 
ATOM 1105 O O   . LEU B 2 39  ? 1.341   3.087   6.346   1.00 15.36  ? 146 LEU B O   1 
ATOM 1106 C CB  . LEU B 2 39  ? 0.655   3.972   3.534   1.00 18.49  ? 146 LEU B CB  1 
ATOM 1107 C CG  . LEU B 2 39  ? 0.165   4.763   2.326   1.00 26.45  ? 146 LEU B CG  1 
ATOM 1108 C CD1 . LEU B 2 39  ? 0.966   4.430   1.077   1.00 32.27  ? 146 LEU B CD1 1 
ATOM 1109 C CD2 . LEU B 2 39  ? -1.312  4.449   2.116   1.00 23.01  ? 146 LEU B CD2 1 
ATOM 1110 N N   . GLU B 2 40  ? -0.866  2.734   6.261   1.00 11.09  ? 147 GLU B N   1 
ATOM 1111 C CA  . GLU B 2 40  ? -0.741  1.629   7.219   1.00 12.79  ? 147 GLU B CA  1 
ATOM 1112 C C   . GLU B 2 40  ? -1.505  0.388   6.787   1.00 13.38  ? 147 GLU B C   1 
ATOM 1113 O O   . GLU B 2 40  ? -2.591  0.469   6.225   1.00 14.39  ? 147 GLU B O   1 
ATOM 1114 C CB  . GLU B 2 40  ? -1.274  2.011   8.596   1.00 16.17  ? 147 GLU B CB  1 
ATOM 1115 C CG  . GLU B 2 40  ? -0.478  3.073   9.341   1.00 18.66  ? 147 GLU B CG  1 
ATOM 1116 C CD  . GLU B 2 40  ? -1.300  3.607   10.497  1.00 26.55  ? 147 GLU B CD  1 
ATOM 1117 O OE1 . GLU B 2 40  ? -1.753  2.813   11.351  1.00 27.71  ? 147 GLU B OE1 1 
ATOM 1118 O OE2 . GLU B 2 40  ? -1.500  4.840   10.551  1.00 32.53  ? 147 GLU B OE2 1 
ATOM 1119 N N   . TRP B 2 41  ? -0.922  -0.769  7.099   1.00 16.70  ? 148 TRP B N   1 
ATOM 1120 C CA  . TRP B 2 41  ? -1.601  -2.034  6.807   1.00 22.22  ? 148 TRP B CA  1 
ATOM 1121 C C   . TRP B 2 41  ? -2.587  -2.289  7.934   1.00 27.01  ? 148 TRP B C   1 
ATOM 1122 O O   . TRP B 2 41  ? -2.244  -2.268  9.111   1.00 27.58  ? 148 TRP B O   1 
ATOM 1123 C CB  . TRP B 2 41  ? -0.550  -3.160  6.704   1.00 22.74  ? 148 TRP B CB  1 
ATOM 1124 C CG  . TRP B 2 41  ? -1.104  -4.589  6.766   1.00 26.95  ? 148 TRP B CG  1 
ATOM 1125 C CD1 . TRP B 2 41  ? -1.920  -5.169  5.782   1.00 31.21  ? 148 TRP B CD1 1 
ATOM 1126 C CD2 . TRP B 2 41  ? -0.936  -5.580  7.764   1.00 27.02  ? 148 TRP B CD2 1 
ATOM 1127 N NE1 . TRP B 2 41  ? -2.263  -6.478  6.179   1.00 32.29  ? 148 TRP B NE1 1 
ATOM 1128 C CE2 . TRP B 2 41  ? -1.641  -6.674  7.413   1.00 27.90  ? 148 TRP B CE2 1 
ATOM 1129 C CE3 . TRP B 2 41  ? -0.271  -5.559  8.937   1.00 26.83  ? 148 TRP B CE3 1 
ATOM 1130 C CZ2 . TRP B 2 41  ? -1.660  -7.794  8.174   1.00 25.42  ? 148 TRP B CZ2 1 
ATOM 1131 C CZ3 . TRP B 2 41  ? -0.326  -6.670  9.713   1.00 25.89  ? 148 TRP B CZ3 1 
ATOM 1132 C CH2 . TRP B 2 41  ? -0.980  -7.786  9.334   1.00 24.76  ? 148 TRP B CH2 1 
ATOM 1133 N N   . LEU B 2 42  ? -3.829  -2.524  7.534   1.00 31.15  ? 149 LEU B N   1 
ATOM 1134 C CA  . LEU B 2 42  ? -4.847  -2.789  8.530   1.00 33.57  ? 149 LEU B CA  1 
ATOM 1135 C C   . LEU B 2 42  ? -5.134  -4.271  8.670   1.00 36.09  ? 149 LEU B C   1 
ATOM 1136 O O   . LEU B 2 42  ? -5.157  -4.758  9.799   1.00 36.18  ? 149 LEU B O   1 
ATOM 1137 C CB  . LEU B 2 42  ? -6.037  -2.052  8.011   1.00 32.71  ? 149 LEU B CB  1 
ATOM 1138 C CG  . LEU B 2 42  ? -7.335  -2.458  8.598   1.00 35.80  ? 149 LEU B CG  1 
ATOM 1139 C CD1 . LEU B 2 42  ? -7.154  -1.798  9.918   1.00 36.88  ? 149 LEU B CD1 1 
ATOM 1140 C CD2 . LEU B 2 42  ? -8.060  -1.316  7.941   1.00 32.70  ? 149 LEU B CD2 1 
ATOM 1141 N N   . GLY B 2 43  ? -5.354  -4.999  7.573   1.00 37.37  ? 150 GLY B N   1 
ATOM 1142 C CA  . GLY B 2 43  ? -5.650  -6.427  7.736   1.00 36.93  ? 150 GLY B CA  1 
ATOM 1143 C C   . GLY B 2 43  ? -5.441  -7.184  6.425   1.00 37.41  ? 150 GLY B C   1 
ATOM 1144 O O   . GLY B 2 43  ? -5.534  -6.602  5.342   1.00 40.33  ? 150 GLY B O   1 
ATOM 1145 N N   . VAL B 2 44  ? -5.083  -8.464  6.555   1.00 34.83  ? 151 VAL B N   1 
ATOM 1146 C CA  . VAL B 2 44  ? -4.895  -9.351  5.396   1.00 34.92  ? 151 VAL B CA  1 
ATOM 1147 C C   . VAL B 2 44  ? -5.562  -10.691 5.660   1.00 34.73  ? 151 VAL B C   1 
ATOM 1148 O O   . VAL B 2 44  ? -5.789  -11.075 6.801   1.00 33.96  ? 151 VAL B O   1 
ATOM 1149 C CB  . VAL B 2 44  ? -3.463  -9.840  5.349   1.00 31.61  ? 151 VAL B CB  1 
ATOM 1150 C CG1 . VAL B 2 44  ? -2.492  -8.999  4.571   1.00 31.64  ? 151 VAL B CG1 1 
ATOM 1151 C CG2 . VAL B 2 44  ? -2.996  -10.240 6.737   1.00 28.78  ? 151 VAL B CG2 1 
ATOM 1152 N N   . MET B 2 45  ? -5.794  -11.432 4.585   1.00 37.11  ? 152 MET B N   1 
ATOM 1153 C CA  . MET B 2 45  ? -6.490  -12.706 4.697   1.00 39.46  ? 152 MET B CA  1 
ATOM 1154 C C   . MET B 2 45  ? -5.865  -13.591 3.669   1.00 42.59  ? 152 MET B C   1 
ATOM 1155 O O   . MET B 2 45  ? -6.089  -13.382 2.481   1.00 44.38  ? 152 MET B O   1 
ATOM 1156 C CB  . MET B 2 45  ? -7.754  -12.656 3.873   1.00 40.57  ? 152 MET B CB  1 
ATOM 1157 C CG  . MET B 2 45  ? -8.908  -11.769 4.244   1.00 40.52  ? 152 MET B CG  1 
ATOM 1158 S SD  . MET B 2 45  ? -10.095 -12.077 2.945   1.00 46.41  ? 152 MET B SD  1 
ATOM 1159 C CE  . MET B 2 45  ? -11.353 -10.996 3.596   1.00 44.37  ? 152 MET B CE  1 
ATOM 1160 N N   . TRP B 2 46  ? -5.139  -14.568 4.130   1.00 45.62  ? 153 TRP B N   1 
ATOM 1161 C CA  . TRP B 2 46  ? -4.568  -15.576 3.260   1.00 50.50  ? 153 TRP B CA  1 
ATOM 1162 C C   . TRP B 2 46  ? -5.638  -16.280 2.448   1.00 57.74  ? 153 TRP B C   1 
ATOM 1163 O O   . TRP B 2 46  ? -6.837  -16.213 2.715   1.00 66.31  ? 153 TRP B O   1 
ATOM 1164 C CB  . TRP B 2 46  ? -3.869  -16.598 4.159   1.00 57.55  ? 153 TRP B CB  1 
ATOM 1165 C CG  . TRP B 2 46  ? -2.827  -15.941 5.037   1.00 52.02  ? 153 TRP B CG  1 
ATOM 1166 C CD1 . TRP B 2 46  ? -3.036  -15.321 6.277   1.00 49.90  ? 153 TRP B CD1 1 
ATOM 1167 C CD2 . TRP B 2 46  ? -1.486  -15.865 4.788   1.00 50.92  ? 153 TRP B CD2 1 
ATOM 1168 N NE1 . TRP B 2 46  ? -1.819  -14.880 6.793   1.00 45.06  ? 153 TRP B NE1 1 
ATOM 1169 C CE2 . TRP B 2 46  ? -0.888  -15.273 5.839   1.00 48.13  ? 153 TRP B CE2 1 
ATOM 1170 C CE3 . TRP B 2 46  ? -0.804  -16.251 3.715   1.00 54.33  ? 153 TRP B CE3 1 
ATOM 1171 C CZ2 . TRP B 2 46  ? 0.426   -15.057 5.844   1.00 51.67  ? 153 TRP B CZ2 1 
ATOM 1172 C CZ3 . TRP B 2 46  ? 0.523   -16.016 3.711   1.00 69.55  ? 153 TRP B CZ3 1 
ATOM 1173 C CH2 . TRP B 2 46  ? 1.129   -15.427 4.763   1.00 72.99  ? 153 TRP B CH2 1 
ATOM 1174 N N   . ASN B 2 47  ? -5.157  -17.047 1.481   1.00 73.79  ? 154 ASN B N   1 
ATOM 1175 C CA  . ASN B 2 47  ? -6.030  -17.526 0.402   1.00 87.92  ? 154 ASN B CA  1 
ATOM 1176 C C   . ASN B 2 47  ? -6.754  -18.710 0.989   1.00 97.03  ? 154 ASN B C   1 
ATOM 1177 O O   . ASN B 2 47  ? -7.779  -19.171 0.505   1.00 99.17  ? 154 ASN B O   1 
ATOM 1178 C CB  . ASN B 2 47  ? -5.169  -17.949 -0.809  1.00 91.05  ? 154 ASN B CB  1 
ATOM 1179 C CG  . ASN B 2 47  ? -5.919  -18.380 -2.075  1.00 93.37  ? 154 ASN B CG  1 
ATOM 1180 O OD1 . ASN B 2 47  ? -7.145  -18.448 -2.122  1.00 95.09  ? 154 ASN B OD1 1 
ATOM 1181 N ND2 . ASN B 2 47  ? -5.196  -18.691 -3.140  1.00 95.76  ? 154 ASN B ND2 1 
ATOM 1182 N N   . ASP B 2 48  ? -6.202  -19.193 2.080   1.00 97.31  ? 155 ASP B N   1 
ATOM 1183 C CA  . ASP B 2 48  ? -6.859  -20.292 2.756   1.00 100.00 ? 155 ASP B CA  1 
ATOM 1184 C C   . ASP B 2 48  ? -7.956  -19.813 3.692   1.00 100.00 ? 155 ASP B C   1 
ATOM 1185 O O   . ASP B 2 48  ? -8.884  -20.559 3.987   1.00 100.00 ? 155 ASP B O   1 
ATOM 1186 C CB  . ASP B 2 48  ? -5.861  -21.259 3.401   1.00 99.90  ? 155 ASP B CB  1 
ATOM 1187 C CG  . ASP B 2 48  ? -5.163  -20.810 4.687   1.00 97.58  ? 155 ASP B CG  1 
ATOM 1188 O OD1 . ASP B 2 48  ? -5.333  -19.662 5.143   1.00 93.30  ? 155 ASP B OD1 1 
ATOM 1189 O OD2 . ASP B 2 48  ? -4.419  -21.632 5.258   1.00 98.60  ? 155 ASP B OD2 1 
ATOM 1190 N N   . GLY B 2 49  ? -7.843  -18.606 4.225   1.00 100.00 ? 156 GLY B N   1 
ATOM 1191 C CA  . GLY B 2 49  ? -8.912  -18.143 5.097   1.00 93.06  ? 156 GLY B CA  1 
ATOM 1192 C C   . GLY B 2 49  ? -8.324  -17.444 6.311   1.00 78.91  ? 156 GLY B C   1 
ATOM 1193 O O   . GLY B 2 49  ? -9.009  -16.667 6.971   1.00 73.05  ? 156 GLY B O   1 
ATOM 1194 N N   . ASP B 2 50  ? -7.071  -17.741 6.623   1.00 77.34  ? 157 ASP B N   1 
ATOM 1195 C CA  . ASP B 2 50  ? -6.470  -17.209 7.855   1.00 66.41  ? 157 ASP B CA  1 
ATOM 1196 C C   . ASP B 2 50  ? -6.339  -15.711 7.679   1.00 58.23  ? 157 ASP B C   1 
ATOM 1197 O O   . ASP B 2 50  ? -6.281  -15.235 6.556   1.00 52.76  ? 157 ASP B O   1 
ATOM 1198 C CB  . ASP B 2 50  ? -5.036  -17.722 8.026   1.00 70.39  ? 157 ASP B CB  1 
ATOM 1199 C CG  . ASP B 2 50  ? -4.939  -19.202 8.347   1.00 82.50  ? 157 ASP B CG  1 
ATOM 1200 O OD1 . ASP B 2 50  ? -5.888  -19.757 8.940   1.00 88.18  ? 157 ASP B OD1 1 
ATOM 1201 O OD2 . ASP B 2 50  ? -3.901  -19.817 8.017   1.00 87.86  ? 157 ASP B OD2 1 
ATOM 1202 N N   . THR B 2 51  ? -6.284  -14.946 8.748   1.00 57.34  ? 158 THR B N   1 
ATOM 1203 C CA  . THR B 2 51  ? -6.255  -13.505 8.568   1.00 48.04  ? 158 THR B CA  1 
ATOM 1204 C C   . THR B 2 51  ? -5.310  -13.023 9.644   1.00 46.00  ? 158 THR B C   1 
ATOM 1205 O O   . THR B 2 51  ? -5.361  -13.495 10.776  1.00 52.11  ? 158 THR B O   1 
ATOM 1206 C CB  . THR B 2 51  ? -7.652  -12.956 8.858   1.00 47.42  ? 158 THR B CB  1 
ATOM 1207 O OG1 . THR B 2 51  ? -8.053  -13.239 10.193  1.00 54.92  ? 158 THR B OG1 1 
ATOM 1208 C CG2 . THR B 2 51  ? -8.715  -13.355 7.836   1.00 50.31  ? 158 THR B CG2 1 
ATOM 1209 N N   . SER B 2 52  ? -4.429  -12.111 9.287   1.00 37.45  ? 159 SER B N   1 
ATOM 1210 C CA  . SER B 2 52  ? -3.650  -11.437 10.314  1.00 33.26  ? 159 SER B CA  1 
ATOM 1211 C C   . SER B 2 52  ? -4.117  -9.981  10.292  1.00 27.80  ? 159 SER B C   1 
ATOM 1212 O O   . SER B 2 52  ? -4.968  -9.619  9.479   1.00 29.45  ? 159 SER B O   1 
ATOM 1213 C CB  . SER B 2 52  ? -2.159  -11.570 9.984   1.00 30.03  ? 159 SER B CB  1 
ATOM 1214 O OG  . SER B 2 52  ? -1.255  -11.189 11.024  1.00 28.01  ? 159 SER B OG  1 
ATOM 1215 N N   . TYR B 2 53  ? -3.518  -9.238  11.267  1.00 27.58  ? 160 TYR B N   1 
ATOM 1216 C CA  . TYR B 2 53  ? -3.777  -7.834  11.584  1.00 27.93  ? 160 TYR B CA  1 
ATOM 1217 C C   . TYR B 2 53  ? -2.504  -7.384  12.360  1.00 29.54  ? 160 TYR B C   1 
ATOM 1218 O O   . TYR B 2 53  ? -1.780  -8.182  12.948  1.00 29.24  ? 160 TYR B O   1 
ATOM 1219 C CB  . TYR B 2 53  ? -4.923  -7.728  12.600  1.00 28.77  ? 160 TYR B CB  1 
ATOM 1220 C CG  . TYR B 2 53  ? -6.268  -8.307  12.149  1.00 32.43  ? 160 TYR B CG  1 
ATOM 1221 C CD1 . TYR B 2 53  ? -7.134  -7.556  11.445  1.00 33.90  ? 160 TYR B CD1 1 
ATOM 1222 C CD2 . TYR B 2 53  ? -6.621  -9.564  12.473  1.00 35.45  ? 160 TYR B CD2 1 
ATOM 1223 C CE1 . TYR B 2 53  ? -8.335  -8.061  11.076  1.00 37.34  ? 160 TYR B CE1 1 
ATOM 1224 C CE2 . TYR B 2 53  ? -7.811  -10.070 12.096  1.00 40.30  ? 160 TYR B CE2 1 
ATOM 1225 C CZ  . TYR B 2 53  ? -8.679  -9.316  11.407  1.00 39.45  ? 160 TYR B CZ  1 
ATOM 1226 O OH  . TYR B 2 53  ? -9.907  -9.868  11.064  1.00 47.49  ? 160 TYR B OH  1 
ATOM 1227 N N   . ASN B 2 54  ? -2.218  -6.081  12.377  1.00 31.49  ? 161 ASN B N   1 
ATOM 1228 C CA  . ASN B 2 54  ? -1.166  -5.673  13.291  1.00 32.91  ? 161 ASN B CA  1 
ATOM 1229 C C   . ASN B 2 54  ? -1.725  -5.472  14.672  1.00 34.39  ? 161 ASN B C   1 
ATOM 1230 O O   . ASN B 2 54  ? -2.930  -5.587  14.824  1.00 33.36  ? 161 ASN B O   1 
ATOM 1231 C CB  . ASN B 2 54  ? -0.227  -4.636  12.730  1.00 32.11  ? 161 ASN B CB  1 
ATOM 1232 C CG  . ASN B 2 54  ? -0.827  -3.271  12.584  1.00 31.72  ? 161 ASN B CG  1 
ATOM 1233 O OD1 . ASN B 2 54  ? -1.999  -2.994  12.812  1.00 32.70  ? 161 ASN B OD1 1 
ATOM 1234 N ND2 . ASN B 2 54  ? 0.054   -2.400  12.188  1.00 29.45  ? 161 ASN B ND2 1 
ATOM 1235 N N   . LEU B 2 55  ? -0.868  -5.171  15.660  1.00 37.22  ? 162 LEU B N   1 
ATOM 1236 C CA  . LEU B 2 55  ? -1.395  -5.024  17.015  1.00 38.36  ? 162 LEU B CA  1 
ATOM 1237 C C   . LEU B 2 55  ? -2.351  -3.848  17.055  1.00 37.14  ? 162 LEU B C   1 
ATOM 1238 O O   . LEU B 2 55  ? -3.360  -3.902  17.745  1.00 38.21  ? 162 LEU B O   1 
ATOM 1239 C CB  . LEU B 2 55  ? -0.271  -4.699  18.000  1.00 41.33  ? 162 LEU B CB  1 
ATOM 1240 C CG  . LEU B 2 55  ? 0.811   -5.753  18.211  1.00 42.91  ? 162 LEU B CG  1 
ATOM 1241 C CD1 . LEU B 2 55  ? 1.630   -5.429  19.462  1.00 45.65  ? 162 LEU B CD1 1 
ATOM 1242 C CD2 . LEU B 2 55  ? 0.168   -7.128  18.344  1.00 42.80  ? 162 LEU B CD2 1 
ATOM 1243 N N   . ALA B 2 56  ? -1.978  -2.838  16.250  1.00 36.27  ? 163 ALA B N   1 
ATOM 1244 C CA  . ALA B 2 56  ? -2.746  -1.606  16.134  1.00 37.54  ? 163 ALA B CA  1 
ATOM 1245 C C   . ALA B 2 56  ? -4.238  -1.850  16.192  1.00 40.66  ? 163 ALA B C   1 
ATOM 1246 O O   . ALA B 2 56  ? -4.948  -1.161  16.911  1.00 45.43  ? 163 ALA B O   1 
ATOM 1247 C CB  . ALA B 2 56  ? -2.303  -0.901  14.849  1.00 34.92  ? 163 ALA B CB  1 
ATOM 1248 N N   . LEU B 2 57  ? -4.732  -2.871  15.481  1.00 38.26  ? 164 LEU B N   1 
ATOM 1249 C CA  . LEU B 2 57  ? -6.174  -3.000  15.410  1.00 41.53  ? 164 LEU B CA  1 
ATOM 1250 C C   . LEU B 2 57  ? -6.599  -4.362  15.878  1.00 41.25  ? 164 LEU B C   1 
ATOM 1251 O O   . LEU B 2 57  ? -7.784  -4.671  15.838  1.00 46.40  ? 164 LEU B O   1 
ATOM 1252 C CB  . LEU B 2 57  ? -6.637  -2.820  13.985  1.00 40.58  ? 164 LEU B CB  1 
ATOM 1253 C CG  . LEU B 2 57  ? -6.021  -1.495  13.622  1.00 41.25  ? 164 LEU B CG  1 
ATOM 1254 C CD1 . LEU B 2 57  ? -4.621  -1.261  13.098  1.00 36.52  ? 164 LEU B CD1 1 
ATOM 1255 C CD2 . LEU B 2 57  ? -6.851  -0.827  12.616  1.00 42.27  ? 164 LEU B CD2 1 
ATOM 1256 N N   . ASN B 2 58  ? -5.598  -5.150  16.276  1.00 38.49  ? 165 ASN B N   1 
ATOM 1257 C CA  . ASN B 2 58  ? -5.822  -6.533  16.709  1.00 39.01  ? 165 ASN B CA  1 
ATOM 1258 C C   . ASN B 2 58  ? -6.940  -6.568  17.655  1.00 47.26  ? 165 ASN B C   1 
ATOM 1259 O O   . ASN B 2 58  ? -6.901  -5.596  18.476  1.00 51.02  ? 165 ASN B O   1 
ATOM 1260 C CB  . ASN B 2 58  ? -4.536  -7.021  17.392  1.00 38.15  ? 165 ASN B CB  1 
ATOM 1261 C CG  . ASN B 2 58  ? -4.384  -8.528  17.321  1.00 39.46  ? 165 ASN B CG  1 
ATOM 1262 O OD1 . ASN B 2 58  ? -3.875  -9.081  16.352  1.00 38.24  ? 165 ASN B OD1 1 
ATOM 1263 N ND2 . ASN B 2 58  ? -4.807  -9.202  18.359  1.00 48.24  ? 165 ASN B ND2 1 
ATOM 1264 N N   . SER B 2 59  ? -7.915  -7.420  17.538  1.00 53.76  ? 166 SER B N   1 
ATOM 1265 C CA  . SER B 2 59  ? -8.972  -7.493  18.540  1.00 65.37  ? 166 SER B CA  1 
ATOM 1266 C C   . SER B 2 59  ? -10.109 -6.482  18.283  1.00 73.18  ? 166 SER B C   1 
ATOM 1267 O O   . SER B 2 59  ? -11.121 -6.552  18.975  1.00 84.39  ? 166 SER B O   1 
ATOM 1268 C CB  . SER B 2 59  ? -8.353  -7.423  19.988  1.00 68.33  ? 166 SER B CB  1 
ATOM 1269 O OG  . SER B 2 59  ? -8.000  -6.120  20.529  1.00 68.66  ? 166 SER B OG  1 
ATOM 1270 N N   . ARG B 2 60  ? -9.976  -5.541  17.333  1.00 68.02  ? 167 ARG B N   1 
ATOM 1271 C CA  . ARG B 2 60  ? -11.010 -4.508  17.167  1.00 77.33  ? 167 ARG B CA  1 
ATOM 1272 C C   . ARG B 2 60  ? -11.576 -4.552  15.757  1.00 73.83  ? 167 ARG B C   1 
ATOM 1273 O O   . ARG B 2 60  ? -12.769 -4.361  15.547  1.00 82.71  ? 167 ARG B O   1 
ATOM 1274 C CB  . ARG B 2 60  ? -10.408 -3.124  17.378  1.00 76.51  ? 167 ARG B CB  1 
ATOM 1275 C CG  . ARG B 2 60  ? -9.824  -2.977  18.774  1.00 79.82  ? 167 ARG B CG  1 
ATOM 1276 C CD  . ARG B 2 60  ? -8.894  -1.774  18.743  1.00 75.71  ? 167 ARG B CD  1 
ATOM 1277 N NE  . ARG B 2 60  ? -9.609  -0.688  18.095  1.00 80.71  ? 167 ARG B NE  1 
ATOM 1278 C CZ  . ARG B 2 60  ? -8.913  0.206   17.423  1.00 74.04  ? 167 ARG B CZ  1 
ATOM 1279 N NH1 . ARG B 2 60  ? -7.631  0.150   17.291  1.00 64.42  ? 167 ARG B NH1 1 
ATOM 1280 N NH2 . ARG B 2 60  ? -9.543  1.165   16.902  1.00 76.59  ? 167 ARG B NH2 1 
ATOM 1281 N N   . LEU B 2 61  ? -10.683 -4.797  14.799  1.00 60.85  ? 168 LEU B N   1 
ATOM 1282 C CA  . LEU B 2 61  ? -11.102 -4.803  13.397  1.00 58.72  ? 168 LEU B CA  1 
ATOM 1283 C C   . LEU B 2 61  ? -11.292 -6.263  13.017  1.00 57.36  ? 168 LEU B C   1 
ATOM 1284 O O   . LEU B 2 61  ? -10.627 -7.141  13.563  1.00 54.40  ? 168 LEU B O   1 
ATOM 1285 C CB  . LEU B 2 61  ? -9.966  -4.216  12.560  1.00 49.83  ? 168 LEU B CB  1 
ATOM 1286 C CG  . LEU B 2 61  ? -9.729  -2.705  12.705  1.00 49.26  ? 168 LEU B CG  1 
ATOM 1287 C CD1 . LEU B 2 61  ? -10.831 -1.819  12.229  1.00 53.11  ? 168 LEU B CD1 1 
ATOM 1288 C CD2 . LEU B 2 61  ? -10.529 -2.074  13.804  1.00 60.06  ? 168 LEU B CD2 1 
ATOM 1289 N N   . SER B 2 62  ? -12.209 -6.527  12.086  1.00 59.64  ? 169 SER B N   1 
ATOM 1290 C CA  . SER B 2 62  ? -12.424 -7.918  11.685  1.00 61.59  ? 169 SER B CA  1 
ATOM 1291 C C   . SER B 2 62  ? -12.681 -7.980  10.185  1.00 55.61  ? 169 SER B C   1 
ATOM 1292 O O   . SER B 2 62  ? -13.736 -7.567  9.708   1.00 59.44  ? 169 SER B O   1 
ATOM 1293 C CB  . SER B 2 62  ? -13.581 -8.552  12.460  1.00 74.65  ? 169 SER B CB  1 
ATOM 1294 O OG  . SER B 2 62  ? -13.377 -8.535  13.878  1.00 78.94  ? 169 SER B OG  1 
ATOM 1295 N N   . ILE B 2 63  ? -11.683 -8.475  9.465   1.00 47.03  ? 170 ILE B N   1 
ATOM 1296 C CA  . ILE B 2 63  ? -11.783 -8.580  8.016   1.00 44.64  ? 170 ILE B CA  1 
ATOM 1297 C C   . ILE B 2 63  ? -12.561 -9.834  7.629   1.00 49.14  ? 170 ILE B C   1 
ATOM 1298 O O   . ILE B 2 63  ? -12.484 -10.861 8.300   1.00 54.77  ? 170 ILE B O   1 
ATOM 1299 C CB  . ILE B 2 63  ? -10.366 -8.619  7.438   1.00 39.37  ? 170 ILE B CB  1 
ATOM 1300 C CG1 . ILE B 2 63  ? -10.427 -8.391  5.931   1.00 35.52  ? 170 ILE B CG1 1 
ATOM 1301 C CG2 . ILE B 2 63  ? -9.631  -9.908  7.806   1.00 40.25  ? 170 ILE B CG2 1 
ATOM 1302 C CD1 . ILE B 2 63  ? -9.066  -8.414  5.245   1.00 36.81  ? 170 ILE B CD1 1 
ATOM 1303 N N   . SER B 2 64  ? -13.324 -9.732  6.540   1.00 48.09  ? 171 SER B N   1 
ATOM 1304 C CA  . SER B 2 64  ? -14.130 -10.880 6.130   1.00 56.61  ? 171 SER B CA  1 
ATOM 1305 C C   . SER B 2 64  ? -14.512 -10.694 4.677   1.00 53.94  ? 171 SER B C   1 
ATOM 1306 O O   . SER B 2 64  ? -14.328 -9.619  4.119   1.00 47.81  ? 171 SER B O   1 
ATOM 1307 C CB  . SER B 2 64  ? -15.419 -10.941 6.946   1.00 63.03  ? 171 SER B CB  1 
ATOM 1308 O OG  . SER B 2 64  ? -16.252 -9.791  6.760   1.00 62.99  ? 171 SER B OG  1 
ATOM 1309 N N   . ARG B 2 65  ? -15.051 -11.758 4.085   1.00 61.01  ? 172 ARG B N   1 
ATOM 1310 C CA  . ARG B 2 65  ? -15.437 -11.652 2.681   1.00 65.66  ? 172 ARG B CA  1 
ATOM 1311 C C   . ARG B 2 65  ? -16.548 -12.624 2.289   1.00 79.57  ? 172 ARG B C   1 
ATOM 1312 O O   . ARG B 2 65  ? -16.886 -13.543 3.030   1.00 85.14  ? 172 ARG B O   1 
ATOM 1313 C CB  . ARG B 2 65  ? -14.226 -11.903 1.799   1.00 64.18  ? 172 ARG B CB  1 
ATOM 1314 C CG  . ARG B 2 65  ? -13.664 -13.306 1.968   1.00 67.55  ? 172 ARG B CG  1 
ATOM 1315 C CD  . ARG B 2 65  ? -13.123 -13.698 0.599   1.00 73.27  ? 172 ARG B CD  1 
ATOM 1316 N NE  . ARG B 2 65  ? -11.701 -13.376 0.536   1.00 66.61  ? 172 ARG B NE  1 
ATOM 1317 C CZ  . ARG B 2 65  ? -11.121 -13.355 -0.645  1.00 71.28  ? 172 ARG B CZ  1 
ATOM 1318 N NH1 . ARG B 2 65  ? -11.813 -13.496 -1.697  1.00 81.77  ? 172 ARG B NH1 1 
ATOM 1319 N NH2 . ARG B 2 65  ? -9.834  -13.186 -0.746  1.00 67.85  ? 172 ARG B NH2 1 
ATOM 1320 N N   . ASP B 2 66  ? -17.077 -12.374 1.085   1.00 83.32  ? 173 ASP B N   1 
ATOM 1321 C CA  . ASP B 2 66  ? -18.158 -13.180 0.540   1.00 91.46  ? 173 ASP B CA  1 
ATOM 1322 C C   . ASP B 2 66  ? -17.715 -13.486 -0.886  1.00 97.36  ? 173 ASP B C   1 
ATOM 1323 O O   . ASP B 2 66  ? -17.929 -12.686 -1.784  1.00 102.64 ? 173 ASP B O   1 
ATOM 1324 C CB  . ASP B 2 66  ? -19.439 -12.330 0.529   1.00 94.47  ? 173 ASP B CB  1 
ATOM 1325 C CG  . ASP B 2 66  ? -20.673 -13.152 0.251   1.00 99.25  ? 173 ASP B CG  1 
ATOM 1326 O OD1 . ASP B 2 66  ? -20.564 -14.016 -0.606  1.00 102.77 ? 173 ASP B OD1 1 
ATOM 1327 O OD2 . ASP B 2 66  ? -21.731 -12.962 0.887   1.00 99.10  ? 173 ASP B OD2 1 
ATOM 1328 N N   . THR B 2 67  ? -17.153 -14.685 -1.076  1.00 97.38  ? 174 THR B N   1 
ATOM 1329 C CA  . THR B 2 67  ? -16.693 -15.116 -2.408  1.00 105.36 ? 174 THR B CA  1 
ATOM 1330 C C   . THR B 2 67  ? -17.867 -15.158 -3.396  1.00 112.24 ? 174 THR B C   1 
ATOM 1331 O O   . THR B 2 67  ? -17.656 -15.051 -4.600  1.00 117.53 ? 174 THR B O   1 
ATOM 1332 C CB  . THR B 2 67  ? -15.929 -16.469 -2.324  1.00 104.27 ? 174 THR B CB  1 
ATOM 1333 O OG1 . THR B 2 67  ? -14.585 -16.319 -1.824  1.00 99.77  ? 174 THR B OG1 1 
ATOM 1334 C CG2 . THR B 2 67  ? -15.953 -17.266 -3.630  1.00 112.09 ? 174 THR B CG2 1 
ATOM 1335 N N   . SER B 2 68  ? -19.093 -15.298 -2.868  1.00 108.95 ? 175 SER B N   1 
ATOM 1336 C CA  . SER B 2 68  ? -20.274 -15.381 -3.726  1.00 113.55 ? 175 SER B CA  1 
ATOM 1337 C C   . SER B 2 68  ? -20.719 -14.013 -4.223  1.00 118.83 ? 175 SER B C   1 
ATOM 1338 O O   . SER B 2 68  ? -20.900 -13.813 -5.418  1.00 123.83 ? 175 SER B O   1 
ATOM 1339 C CB  . SER B 2 68  ? -21.420 -16.090 -2.983  1.00 108.24 ? 175 SER B CB  1 
ATOM 1340 O OG  . SER B 2 68  ? -22.051 -15.292 -1.976  1.00 105.78 ? 175 SER B OG  1 
ATOM 1341 N N   . LYS B 2 69  ? -20.877 -13.062 -3.306  1.00 116.13 ? 176 LYS B N   1 
ATOM 1342 C CA  . LYS B 2 69  ? -21.374 -11.754 -3.705  1.00 119.77 ? 176 LYS B CA  1 
ATOM 1343 C C   . LYS B 2 69  ? -20.209 -10.842 -4.065  1.00 119.08 ? 176 LYS B C   1 
ATOM 1344 O O   . LYS B 2 69  ? -20.443 -9.689  -4.409  1.00 119.28 ? 176 LYS B O   1 
ATOM 1345 C CB  . LYS B 2 69  ? -22.233 -11.171 -2.574  1.00 115.73 ? 176 LYS B CB  1 
ATOM 1346 C CG  . LYS B 2 69  ? -23.248 -10.110 -3.004  1.00 119.96 ? 176 LYS B CG  1 
ATOM 1347 C CD  . LYS B 2 69  ? -24.043 -9.529  -1.830  1.00 117.62 ? 176 LYS B CD  1 
ATOM 1348 C CE  . LYS B 2 69  ? -24.741 -8.218  -2.206  1.00 120.54 ? 176 LYS B CE  1 
ATOM 1349 N NZ  . LYS B 2 69  ? -25.299 -7.513  -1.042  1.00 118.80 ? 176 LYS B NZ  1 
ATOM 1350 N N   . SER B 2 70  ? -18.975 -11.339 -4.003  1.00 115.84 ? 177 SER B N   1 
ATOM 1351 C CA  . SER B 2 70  ? -17.840 -10.490 -4.364  1.00 113.31 ? 177 SER B CA  1 
ATOM 1352 C C   . SER B 2 70  ? -17.807 -9.238  -3.491  1.00 103.71 ? 177 SER B C   1 
ATOM 1353 O O   . SER B 2 70  ? -17.966 -8.121  -3.982  1.00 104.22 ? 177 SER B O   1 
ATOM 1354 C CB  . SER B 2 70  ? -17.853 -10.154 -5.864  1.00 119.92 ? 177 SER B CB  1 
ATOM 1355 O OG  . SER B 2 70  ? -17.558 -11.267 -6.718  1.00 124.21 ? 177 SER B OG  1 
ATOM 1356 N N   . GLN B 2 71  ? -17.607 -9.476  -2.192  1.00 94.42  ? 178 GLN B N   1 
ATOM 1357 C CA  . GLN B 2 71  ? -17.580 -8.369  -1.239  1.00 82.51  ? 178 GLN B CA  1 
ATOM 1358 C C   . GLN B 2 71  ? -16.452 -8.584  -0.253  1.00 69.39  ? 178 GLN B C   1 
ATOM 1359 O O   . GLN B 2 71  ? -16.200 -9.685  0.223   1.00 70.32  ? 178 GLN B O   1 
ATOM 1360 C CB  . GLN B 2 71  ? -18.864 -8.408  -0.421  1.00 85.89  ? 178 GLN B CB  1 
ATOM 1361 C CG  . GLN B 2 71  ? -19.927 -7.449  -0.931  1.00 92.76  ? 178 GLN B CG  1 
ATOM 1362 C CD  . GLN B 2 71  ? -19.733 -6.112  -0.331  1.00 82.19  ? 178 GLN B CD  1 
ATOM 1363 O OE1 . GLN B 2 71  ? -18.962 -5.987  0.626   1.00 69.45  ? 178 GLN B OE1 1 
ATOM 1364 N NE2 . GLN B 2 71  ? -20.474 -5.168  -0.874  1.00 88.56  ? 178 GLN B NE2 1 
ATOM 1365 N N   . VAL B 2 72  ? -15.801 -7.477  0.053   1.00 58.47  ? 179 VAL B N   1 
ATOM 1366 C CA  . VAL B 2 72  ? -14.818 -7.527  1.127   1.00 46.34  ? 179 VAL B CA  1 
ATOM 1367 C C   . VAL B 2 72  ? -15.308 -6.612  2.231   1.00 38.64  ? 179 VAL B C   1 
ATOM 1368 O O   . VAL B 2 72  ? -15.886 -5.582  1.958   1.00 39.84  ? 179 VAL B O   1 
ATOM 1369 C CB  . VAL B 2 72  ? -13.452 -7.159  0.580   1.00 44.65  ? 179 VAL B CB  1 
ATOM 1370 C CG1 . VAL B 2 72  ? -13.438 -5.774  0.122   1.00 40.53  ? 179 VAL B CG1 1 
ATOM 1371 C CG2 . VAL B 2 72  ? -12.285 -7.139  1.542   1.00 37.87  ? 179 VAL B CG2 1 
ATOM 1372 N N   . PHE B 2 73  ? -15.147 -7.070  3.479   1.00 39.46  ? 180 PHE B N   1 
ATOM 1373 C CA  . PHE B 2 73  ? -15.662 -6.283  4.602   1.00 39.63  ? 180 PHE B CA  1 
ATOM 1374 C C   . PHE B 2 73  ? -14.572 -5.963  5.635   1.00 35.47  ? 180 PHE B C   1 
ATOM 1375 O O   . PHE B 2 73  ? -13.616 -6.713  5.818   1.00 36.67  ? 180 PHE B O   1 
ATOM 1376 C CB  . PHE B 2 73  ? -16.815 -7.013  5.306   1.00 50.85  ? 180 PHE B CB  1 
ATOM 1377 C CG  . PHE B 2 73  ? -18.067 -7.238  4.458   1.00 58.71  ? 180 PHE B CG  1 
ATOM 1378 C CD1 . PHE B 2 73  ? -18.797 -6.194  4.029   1.00 59.90  ? 180 PHE B CD1 1 
ATOM 1379 C CD2 . PHE B 2 73  ? -18.464 -8.487  4.166   1.00 66.36  ? 180 PHE B CD2 1 
ATOM 1380 C CE1 . PHE B 2 73  ? -19.909 -6.405  3.303   1.00 70.08  ? 180 PHE B CE1 1 
ATOM 1381 C CE2 . PHE B 2 73  ? -19.567 -8.696  3.424   1.00 75.42  ? 180 PHE B CE2 1 
ATOM 1382 C CZ  . PHE B 2 73  ? -20.285 -7.653  2.989   1.00 78.06  ? 180 PHE B CZ  1 
ATOM 1383 N N   . PHE B 2 74  ? -14.782 -4.823  6.310   1.00 37.33  ? 181 PHE B N   1 
ATOM 1384 C CA  . PHE B 2 74  ? -13.932 -4.449  7.439   1.00 40.16  ? 181 PHE B CA  1 
ATOM 1385 C C   . PHE B 2 74  ? -14.895 -3.987  8.529   1.00 50.63  ? 181 PHE B C   1 
ATOM 1386 O O   . PHE B 2 74  ? -15.671 -3.057  8.350   1.00 51.80  ? 181 PHE B O   1 
ATOM 1387 C CB  . PHE B 2 74  ? -12.964 -3.334  7.050   1.00 34.46  ? 181 PHE B CB  1 
ATOM 1388 C CG  . PHE B 2 74  ? -11.874 -3.153  8.073   1.00 37.88  ? 181 PHE B CG  1 
ATOM 1389 C CD1 . PHE B 2 74  ? -11.051 -4.189  8.310   1.00 38.89  ? 181 PHE B CD1 1 
ATOM 1390 C CD2 . PHE B 2 74  ? -11.759 -1.941  8.500   1.00 38.70  ? 181 PHE B CD2 1 
ATOM 1391 C CE1 . PHE B 2 74  ? -10.118 -4.142  9.189   1.00 40.28  ? 181 PHE B CE1 1 
ATOM 1392 C CE2 . PHE B 2 74  ? -10.658 -1.830  9.342   1.00 40.20  ? 181 PHE B CE2 1 
ATOM 1393 C CZ  . PHE B 2 74  ? -10.030 -2.838  9.697   1.00 41.40  ? 181 PHE B CZ  1 
ATOM 1394 N N   . LYS B 2 75  ? -14.866 -4.680  9.658   1.00 59.92  ? 182 LYS B N   1 
ATOM 1395 C CA  . LYS B 2 75  ? -15.794 -4.338  10.735  1.00 72.99  ? 182 LYS B CA  1 
ATOM 1396 C C   . LYS B 2 75  ? -15.004 -3.747  11.891  1.00 76.33  ? 182 LYS B C   1 
ATOM 1397 O O   . LYS B 2 75  ? -14.437 -4.473  12.701  1.00 78.68  ? 182 LYS B O   1 
ATOM 1398 C CB  . LYS B 2 75  ? -16.560 -5.583  11.197  1.00 82.61  ? 182 LYS B CB  1 
ATOM 1399 C CG  . LYS B 2 75  ? -17.445 -5.369  12.430  1.00 96.31  ? 182 LYS B CG  1 
ATOM 1400 C CD  . LYS B 2 75  ? -18.492 -4.288  12.199  1.00 99.68  ? 182 LYS B CD  1 
ATOM 1401 C CE  . LYS B 2 75  ? -19.299 -4.556  10.939  1.00 94.78  ? 182 LYS B CE  1 
ATOM 1402 N NZ  . LYS B 2 75  ? -20.335 -3.529  10.825  1.00 97.65  ? 182 LYS B NZ  1 
ATOM 1403 N N   . MET B 2 76  ? -14.952 -2.420  11.927  1.00 74.68  ? 183 MET B N   1 
ATOM 1404 C CA  . MET B 2 76  ? -14.231 -1.734  12.992  1.00 77.24  ? 183 MET B CA  1 
ATOM 1405 C C   . MET B 2 76  ? -15.095 -1.572  14.227  1.00 90.62  ? 183 MET B C   1 
ATOM 1406 O O   . MET B 2 76  ? -16.263 -1.204  14.151  1.00 96.03  ? 183 MET B O   1 
ATOM 1407 C CB  . MET B 2 76  ? -13.849 -0.352  12.468  1.00 69.43  ? 183 MET B CB  1 
ATOM 1408 C CG  . MET B 2 76  ? -13.217 -0.500  11.097  1.00 56.25  ? 183 MET B CG  1 
ATOM 1409 S SD  . MET B 2 76  ? -13.420 1.013   10.182  1.00 50.19  ? 183 MET B SD  1 
ATOM 1410 C CE  . MET B 2 76  ? -11.864 1.770   10.632  1.00 46.70  ? 183 MET B CE  1 
ATOM 1411 N N   . SER B 2 77  ? -14.466 -1.838  15.367  1.00 93.67  ? 184 SER B N   1 
ATOM 1412 C CA  . SER B 2 77  ? -15.185 -1.776  16.638  1.00 104.69 ? 184 SER B CA  1 
ATOM 1413 C C   . SER B 2 77  ? -14.306 -1.047  17.649  1.00 105.65 ? 184 SER B C   1 
ATOM 1414 O O   . SER B 2 77  ? -13.086 -1.199  17.625  1.00 98.96  ? 184 SER B O   1 
ATOM 1415 C CB  . SER B 2 77  ? -15.445 -3.201  17.143  1.00 108.75 ? 184 SER B CB  1 
ATOM 1416 O OG  . SER B 2 77  ? -16.143 -4.029  16.205  1.00 107.21 ? 184 SER B OG  1 
ATOM 1417 N N   . SER B 2 78  ? -14.942 -0.258  18.520  1.00 112.75 ? 185 SER B N   1 
ATOM 1418 C CA  . SER B 2 78  ? -14.182 0.422   19.566  1.00 114.39 ? 185 SER B CA  1 
ATOM 1419 C C   . SER B 2 78  ? -13.258 1.432   18.917  1.00 107.30 ? 185 SER B C   1 
ATOM 1420 O O   . SER B 2 78  ? -12.112 1.568   19.330  1.00 104.67 ? 185 SER B O   1 
ATOM 1421 C CB  . SER B 2 78  ? -13.370 -0.580  20.398  1.00 115.03 ? 185 SER B CB  1 
ATOM 1422 O OG  . SER B 2 78  ? -14.151 -1.686  20.857  1.00 117.64 ? 185 SER B OG  1 
ATOM 1423 N N   . LEU B 2 79  ? -13.783 2.097   17.892  1.00 102.49 ? 186 LEU B N   1 
ATOM 1424 C CA  . LEU B 2 79  ? -12.964 3.045   17.145  1.00 93.31  ? 186 LEU B CA  1 
ATOM 1425 C C   . LEU B 2 79  ? -12.201 4.032   18.011  1.00 96.09  ? 186 LEU B C   1 
ATOM 1426 O O   . LEU B 2 79  ? -12.696 4.514   19.019  1.00 102.04 ? 186 LEU B O   1 
ATOM 1427 C CB  . LEU B 2 79  ? -13.881 3.825   16.219  1.00 87.96  ? 186 LEU B CB  1 
ATOM 1428 C CG  . LEU B 2 79  ? -14.149 3.022   14.961  1.00 82.06  ? 186 LEU B CG  1 
ATOM 1429 C CD1 . LEU B 2 79  ? -15.057 3.793   14.043  1.00 77.80  ? 186 LEU B CD1 1 
ATOM 1430 C CD2 . LEU B 2 79  ? -12.845 2.725   14.241  1.00 73.59  ? 186 LEU B CD2 1 
ATOM 1431 N N   . GLN B 2 80  ? -10.976 4.326   17.603  1.00 90.07  ? 187 GLN B N   1 
ATOM 1432 C CA  . GLN B 2 80  ? -10.160 5.290   18.343  1.00 92.35  ? 187 GLN B CA  1 
ATOM 1433 C C   . GLN B 2 80  ? -9.956  6.477   17.409  1.00 87.42  ? 187 GLN B C   1 
ATOM 1434 O O   . GLN B 2 80  ? -10.208 6.345   16.216  1.00 82.42  ? 187 GLN B O   1 
ATOM 1435 C CB  . GLN B 2 80  ? -8.783  4.686   18.636  1.00 90.02  ? 187 GLN B CB  1 
ATOM 1436 C CG  . GLN B 2 80  ? -8.802  3.535   19.643  1.00 90.48  ? 187 GLN B CG  1 
ATOM 1437 C CD  . GLN B 2 80  ? -7.417  2.988   19.905  1.00 81.56  ? 187 GLN B CD  1 
ATOM 1438 O OE1 . GLN B 2 80  ? -7.064  2.579   21.010  1.00 80.61  ? 187 GLN B OE1 1 
ATOM 1439 N NE2 . GLN B 2 80  ? -6.623  2.951   18.879  1.00 73.35  ? 187 GLN B NE2 1 
ATOM 1440 N N   . THR B 2 81  ? -9.433  7.595   17.951  1.00 91.34  ? 188 THR B N   1 
ATOM 1441 C CA  . THR B 2 81  ? -9.213  8.822   17.161  1.00 94.09  ? 188 THR B CA  1 
ATOM 1442 C C   . THR B 2 81  ? -8.207  8.560   16.044  1.00 89.13  ? 188 THR B C   1 
ATOM 1443 O O   . THR B 2 81  ? -8.284  9.114   14.960  1.00 89.83  ? 188 THR B O   1 
ATOM 1444 C CB  . THR B 2 81  ? -8.637  9.951   18.052  1.00 98.32  ? 188 THR B CB  1 
ATOM 1445 O OG1 . THR B 2 81  ? -8.403  11.143  17.280  1.00 99.51  ? 188 THR B OG1 1 
ATOM 1446 C CG2 . THR B 2 81  ? -7.394  9.546   18.857  1.00 98.17  ? 188 THR B CG2 1 
ATOM 1447 N N   . GLU B 2 82  ? -7.265  7.660   16.344  1.00 86.37  ? 189 GLU B N   1 
ATOM 1448 C CA  . GLU B 2 82  ? -6.190  7.348   15.405  1.00 81.57  ? 189 GLU B CA  1 
ATOM 1449 C C   . GLU B 2 82  ? -6.623  6.444   14.253  1.00 71.20  ? 189 GLU B C   1 
ATOM 1450 O O   . GLU B 2 82  ? -5.792  6.079   13.428  1.00 64.70  ? 189 GLU B O   1 
ATOM 1451 C CB  . GLU B 2 82  ? -5.081  6.633   16.183  1.00 76.32  ? 189 GLU B CB  1 
ATOM 1452 C CG  . GLU B 2 82  ? -5.411  5.157   16.378  1.00 69.53  ? 189 GLU B CG  1 
ATOM 1453 C CD  . GLU B 2 82  ? -4.421  4.511   17.318  1.00 65.03  ? 189 GLU B CD  1 
ATOM 1454 O OE1 . GLU B 2 82  ? -4.433  4.866   18.517  1.00 69.03  ? 189 GLU B OE1 1 
ATOM 1455 O OE2 . GLU B 2 82  ? -3.660  3.623   16.880  1.00 55.25  ? 189 GLU B OE2 1 
ATOM 1456 N N   . ASP B 2 83  ? -7.907  6.087   14.167  1.00 69.60  ? 190 ASP B N   1 
ATOM 1457 C CA  . ASP B 2 83  ? -8.324  5.254   13.047  1.00 61.35  ? 190 ASP B CA  1 
ATOM 1458 C C   . ASP B 2 83  ? -8.790  6.157   11.925  1.00 59.90  ? 190 ASP B C   1 
ATOM 1459 O O   . ASP B 2 83  ? -9.074  5.690   10.830  1.00 53.28  ? 190 ASP B O   1 
ATOM 1460 C CB  . ASP B 2 83  ? -9.457  4.330   13.444  1.00 62.58  ? 190 ASP B CB  1 
ATOM 1461 C CG  . ASP B 2 83  ? -8.997  3.436   14.539  1.00 64.80  ? 190 ASP B CG  1 
ATOM 1462 O OD1 . ASP B 2 83  ? -7.801  3.078   14.644  1.00 61.62  ? 190 ASP B OD1 1 
ATOM 1463 O OD2 . ASP B 2 83  ? -9.890  3.116   15.311  1.00 72.11  ? 190 ASP B OD2 1 
ATOM 1464 N N   . THR B 2 84  ? -8.889  7.448   12.222  1.00 74.59  ? 191 THR B N   1 
ATOM 1465 C CA  . THR B 2 84  ? -9.262  8.411   11.184  1.00 87.27  ? 191 THR B CA  1 
ATOM 1466 C C   . THR B 2 84  ? -8.329  8.270   9.996   1.00 89.75  ? 191 THR B C   1 
ATOM 1467 O O   . THR B 2 84  ? -7.118  8.357   10.187  1.00 74.31  ? 191 THR B O   1 
ATOM 1468 C CB  . THR B 2 84  ? -9.059  9.819   11.758  1.00 98.68  ? 191 THR B CB  1 
ATOM 1469 O OG1 . THR B 2 84  ? -9.756  10.023  12.990  1.00 97.61  ? 191 THR B OG1 1 
ATOM 1470 C CG2 . THR B 2 84  ? -9.473  10.857  10.724  1.00 100.00 ? 191 THR B CG2 1 
ATOM 1471 N N   . ALA B 2 85  ? -8.886  8.068   8.798   1.00 90.20  ? 192 ALA B N   1 
ATOM 1472 C CA  . ALA B 2 85  ? -8.015  7.917   7.636   1.00 62.51  ? 192 ALA B CA  1 
ATOM 1473 C C   . ALA B 2 85  ? -8.859  7.451   6.461   1.00 52.28  ? 192 ALA B C   1 
ATOM 1474 O O   . ALA B 2 85  ? -10.037 7.151   6.633   1.00 55.12  ? 192 ALA B O   1 
ATOM 1475 C CB  . ALA B 2 85  ? -6.946  6.857   7.892   1.00 46.93  ? 192 ALA B CB  1 
ATOM 1476 N N   . THR B 2 86  ? -8.222  7.420   5.286   1.00 42.67  ? 193 THR B N   1 
ATOM 1477 C CA  . THR B 2 86  ? -8.878  6.942   4.064   1.00 42.46  ? 193 THR B CA  1 
ATOM 1478 C C   . THR B 2 86  ? -8.657  5.439   4.053   1.00 34.84  ? 193 THR B C   1 
ATOM 1479 O O   . THR B 2 86  ? -7.567  4.971   4.361   1.00 29.27  ? 193 THR B O   1 
ATOM 1480 C CB  . THR B 2 86  ? -8.232  7.593   2.816   1.00 49.07  ? 193 THR B CB  1 
ATOM 1481 O OG1 . THR B 2 86  ? -8.987  8.700   2.300   1.00 61.35  ? 193 THR B OG1 1 
ATOM 1482 C CG2 . THR B 2 86  ? -7.999  6.574   1.734   1.00 48.16  ? 193 THR B CG2 1 
ATOM 1483 N N   . TYR B 2 87  ? -9.685  4.675   3.710   1.00 33.46  ? 194 TYR B N   1 
ATOM 1484 C CA  . TYR B 2 87  ? -9.501  3.227   3.718   1.00 28.37  ? 194 TYR B CA  1 
ATOM 1485 C C   . TYR B 2 87  ? -9.638  2.681   2.304   1.00 31.69  ? 194 TYR B C   1 
ATOM 1486 O O   . TYR B 2 87  ? -10.581 3.004   1.582   1.00 37.22  ? 194 TYR B O   1 
ATOM 1487 C CB  . TYR B 2 87  ? -10.500 2.573   4.682   1.00 27.08  ? 194 TYR B CB  1 
ATOM 1488 C CG  . TYR B 2 87  ? -10.097 2.732   6.150   1.00 26.23  ? 194 TYR B CG  1 
ATOM 1489 C CD1 . TYR B 2 87  ? -10.117 3.935   6.750   1.00 30.51  ? 194 TYR B CD1 1 
ATOM 1490 C CD2 . TYR B 2 87  ? -9.716  1.663   6.871   1.00 25.76  ? 194 TYR B CD2 1 
ATOM 1491 C CE1 . TYR B 2 87  ? -9.751  4.081   8.034   1.00 33.15  ? 194 TYR B CE1 1 
ATOM 1492 C CE2 . TYR B 2 87  ? -9.357  1.808   8.166   1.00 29.56  ? 194 TYR B CE2 1 
ATOM 1493 C CZ  . TYR B 2 87  ? -9.369  3.016   8.745   1.00 33.01  ? 194 TYR B CZ  1 
ATOM 1494 O OH  . TYR B 2 87  ? -9.028  3.197   10.075  1.00 39.02  ? 194 TYR B OH  1 
ATOM 1495 N N   . TYR B 2 88  ? -8.651  1.846   1.963   1.00 30.42  ? 195 TYR B N   1 
ATOM 1496 C CA  . TYR B 2 88  ? -8.586  1.217   0.643   1.00 36.73  ? 195 TYR B CA  1 
ATOM 1497 C C   . TYR B 2 88  ? -8.515  -0.299  0.820   1.00 35.27  ? 195 TYR B C   1 
ATOM 1498 O O   . TYR B 2 88  ? -8.139  -0.810  1.866   1.00 32.63  ? 195 TYR B O   1 
ATOM 1499 C CB  . TYR B 2 88  ? -7.288  1.606   -0.088  1.00 39.76  ? 195 TYR B CB  1 
ATOM 1500 C CG  . TYR B 2 88  ? -7.056  3.102   -0.320  1.00 43.67  ? 195 TYR B CG  1 
ATOM 1501 C CD1 . TYR B 2 88  ? -7.702  3.765   -1.296  1.00 53.97  ? 195 TYR B CD1 1 
ATOM 1502 C CD2 . TYR B 2 88  ? -6.161  3.768   0.429   1.00 38.50  ? 195 TYR B CD2 1 
ATOM 1503 C CE1 . TYR B 2 88  ? -7.462  5.083   -1.512  1.00 59.37  ? 195 TYR B CE1 1 
ATOM 1504 C CE2 . TYR B 2 88  ? -5.904  5.072   0.198   1.00 44.76  ? 195 TYR B CE2 1 
ATOM 1505 C CZ  . TYR B 2 88  ? -6.554  5.739   -0.774  1.00 55.50  ? 195 TYR B CZ  1 
ATOM 1506 O OH  . TYR B 2 88  ? -6.301  7.106   -0.940  1.00 62.41  ? 195 TYR B OH  1 
ATOM 1507 N N   . CYS B 2 89  ? -8.878  -0.967  -0.278  1.00 41.98  ? 196 CYS B N   1 
ATOM 1508 C CA  . CYS B 2 89  ? -8.773  -2.420  -0.352  1.00 44.45  ? 196 CYS B CA  1 
ATOM 1509 C C   . CYS B 2 89  ? -7.988  -2.710  -1.626  1.00 53.95  ? 196 CYS B C   1 
ATOM 1510 O O   . CYS B 2 89  ? -8.016  -1.927  -2.572  1.00 58.92  ? 196 CYS B O   1 
ATOM 1511 C CB  . CYS B 2 89  ? -10.178 -3.020  -0.434  1.00 43.03  ? 196 CYS B CB  1 
ATOM 1512 S SG  . CYS B 2 89  ? -11.367 -1.728  -0.875  1.00 43.03  ? 196 CYS B SG  1 
ATOM 1513 N N   . ALA B 2 90  ? -7.283  -3.842  -1.616  1.00 58.60  ? 197 ALA B N   1 
ATOM 1514 C CA  . ALA B 2 90  ? -6.452  -4.185  -2.763  1.00 68.22  ? 197 ALA B CA  1 
ATOM 1515 C C   . ALA B 2 90  ? -6.331  -5.691  -2.874  1.00 72.76  ? 197 ALA B C   1 
ATOM 1516 O O   . ALA B 2 90  ? -6.472  -6.368  -1.898  1.00 66.91  ? 197 ALA B O   1 
ATOM 1517 C CB  . ALA B 2 90  ? -5.068  -3.604  -2.614  1.00 67.59  ? 197 ALA B CB  1 
ATOM 1518 N N   . ARG B 2 91  ? -6.075  -6.192  -4.071  1.00 82.12  ? 198 ARG B N   1 
ATOM 1519 C CA  . ARG B 2 91  ? -5.837  -7.624  -4.250  1.00 85.84  ? 198 ARG B CA  1 
ATOM 1520 C C   . ARG B 2 91  ? -4.338  -7.865  -4.286  1.00 87.22  ? 198 ARG B C   1 
ATOM 1521 O O   . ARG B 2 91  ? -3.604  -6.989  -4.674  1.00 89.93  ? 198 ARG B O   1 
ATOM 1522 C CB  . ARG B 2 91  ? -6.416  -8.114  -5.589  1.00 96.52  ? 198 ARG B CB  1 
ATOM 1523 C CG  . ARG B 2 91  ? -7.177  -7.097  -6.438  1.00 100.05 ? 198 ARG B CG  1 
ATOM 1524 C CD  . ARG B 2 91  ? -6.340  -6.507  -7.586  1.00 107.16 ? 198 ARG B CD  1 
ATOM 1525 N NE  . ARG B 2 91  ? -7.120  -6.439  -8.837  1.00 113.84 ? 198 ARG B NE  1 
ATOM 1526 C CZ  . ARG B 2 91  ? -6.734  -5.607  -9.823  1.00 117.20 ? 198 ARG B CZ  1 
ATOM 1527 N NH1 . ARG B 2 91  ? -5.700  -4.841  -9.717  1.00 115.73 ? 198 ARG B NH1 1 
ATOM 1528 N NH2 . ARG B 2 91  ? -7.409  -5.540  -10.942 1.00 121.62 ? 198 ARG B NH2 1 
ATOM 1529 N N   . PRO B 2 92  ? -3.762  -9.010  -3.994  1.00 84.03  ? 199 PRO B N   1 
ATOM 1530 C CA  . PRO B 2 92  ? -2.335  -9.101  -4.144  1.00 83.41  ? 199 PRO B CA  1 
ATOM 1531 C C   . PRO B 2 92  ? -2.096  -10.031 -5.274  1.00 92.07  ? 199 PRO B C   1 
ATOM 1532 O O   . PRO B 2 92  ? -2.681  -11.097 -5.471  1.00 94.03  ? 199 PRO B O   1 
ATOM 1533 C CB  . PRO B 2 92  ? -1.784  -9.793  -2.907  1.00 71.51  ? 199 PRO B CB  1 
ATOM 1534 C CG  . PRO B 2 92  ? -2.942  -10.706 -2.612  1.00 69.24  ? 199 PRO B CG  1 
ATOM 1535 C CD  . PRO B 2 92  ? -4.102  -9.727  -2.808  1.00 73.42  ? 199 PRO B CD  1 
ATOM 1536 N N   . GLU B 2 93  ? -1.107  -9.627  -5.995  1.00 97.46  ? 200 GLU B N   1 
ATOM 1537 C CA  . GLU B 2 93  ? -0.768  -10.374 -7.165  1.00 106.14 ? 200 GLU B CA  1 
ATOM 1538 C C   . GLU B 2 93  ? 0.460   -11.156 -6.764  1.00 101.23 ? 200 GLU B C   1 
ATOM 1539 O O   . GLU B 2 93  ? 1.348   -11.323 -7.524  1.00 105.45 ? 200 GLU B O   1 
ATOM 1540 C CB  . GLU B 2 93  ? -0.466  -9.381  -8.288  1.00 113.16 ? 200 GLU B CB  1 
ATOM 1541 C CG  . GLU B 2 93  ? -0.197  -10.048 -9.635  1.00 119.77 ? 200 GLU B CG  1 
ATOM 1542 C CD  . GLU B 2 93  ? -0.049  -9.048  -10.767 1.00 124.38 ? 200 GLU B CD  1 
ATOM 1543 O OE1 . GLU B 2 93  ? -0.413  -7.865  -10.591 1.00 123.62 ? 200 GLU B OE1 1 
ATOM 1544 O OE2 . GLU B 2 93  ? 0.416   -9.452  -11.853 1.00 126.27 ? 200 GLU B OE2 1 
ATOM 1545 N N   . LEU B 2 94  ? 0.504   -11.651 -5.531  1.00 90.68  ? 201 LEU B N   1 
ATOM 1546 C CA  . LEU B 2 94  ? 1.725   -12.332 -5.189  1.00 87.09  ? 201 LEU B CA  1 
ATOM 1547 C C   . LEU B 2 94  ? 1.380   -13.409 -4.229  1.00 79.20  ? 201 LEU B C   1 
ATOM 1548 O O   . LEU B 2 94  ? 1.169   -13.154 -3.059  1.00 68.42  ? 201 LEU B O   1 
ATOM 1549 C CB  . LEU B 2 94  ? 2.403   -11.409 -4.253  1.00 78.15  ? 201 LEU B CB  1 
ATOM 1550 C CG  . LEU B 2 94  ? 3.755   -11.523 -4.878  1.00 83.35  ? 201 LEU B CG  1 
ATOM 1551 C CD1 . LEU B 2 94  ? 5.025   -10.972 -4.336  1.00 76.97  ? 201 LEU B CD1 1 
ATOM 1552 C CD2 . LEU B 2 94  ? 4.189   -12.823 -5.490  1.00 90.09  ? 201 LEU B CD2 1 
ATOM 1553 N N   . PRO B 2 95  ? 1.367   -14.600 -4.780  1.00 86.84  ? 202 PRO B N   1 
ATOM 1554 C CA  . PRO B 2 95  ? 1.204   -15.771 -3.959  1.00 84.49  ? 202 PRO B CA  1 
ATOM 1555 C C   . PRO B 2 95  ? 2.421   -15.807 -3.067  1.00 78.12  ? 202 PRO B C   1 
ATOM 1556 O O   . PRO B 2 95  ? 3.568   -15.880 -3.513  1.00 82.08  ? 202 PRO B O   1 
ATOM 1557 C CB  . PRO B 2 95  ? 1.254   -16.859 -5.037  1.00 96.70  ? 202 PRO B CB  1 
ATOM 1558 C CG  . PRO B 2 95  ? 2.133   -16.296 -6.160  1.00 102.81 ? 202 PRO B CG  1 
ATOM 1559 C CD  . PRO B 2 95  ? 1.772   -14.812 -6.160  1.00 99.03  ? 202 PRO B CD  1 
ATOM 1560 N N   . GLY B 2 96  ? 2.142   -15.897 -1.777  1.00 68.83  ? 203 GLY B N   1 
ATOM 1561 C CA  . GLY B 2 96  ? 3.209   -15.927 -0.776  1.00 63.27  ? 203 GLY B CA  1 
ATOM 1562 C C   . GLY B 2 96  ? 3.883   -17.289 -0.720  1.00 75.67  ? 203 GLY B C   1 
ATOM 1563 O O   . GLY B 2 96  ? 4.802   -17.523 0.065   1.00 76.82  ? 203 GLY B O   1 
ATOM 1564 N N   . LEU B 2 97  ? 3.469   -18.140 -1.637  1.00 86.48  ? 204 LEU B N   1 
ATOM 1565 C CA  . LEU B 2 97  ? 4.239   -19.311 -2.019  1.00 94.94  ? 204 LEU B CA  1 
ATOM 1566 C C   . LEU B 2 97  ? 5.680   -18.964 -2.373  1.00 93.75  ? 204 LEU B C   1 
ATOM 1567 O O   . LEU B 2 97  ? 6.572   -19.765 -2.127  1.00 94.83  ? 204 LEU B O   1 
ATOM 1568 C CB  . LEU B 2 97  ? 3.585   -19.927 -3.259  1.00 96.99  ? 204 LEU B CB  1 
ATOM 1569 C CG  . LEU B 2 97  ? 2.438   -20.897 -2.982  1.00 98.82  ? 204 LEU B CG  1 
ATOM 1570 C CD1 . LEU B 2 97  ? 1.773   -21.390 -4.267  1.00 106.03 ? 204 LEU B CD1 1 
ATOM 1571 C CD2 . LEU B 2 97  ? 2.935   -22.071 -2.140  1.00 100.32 ? 204 LEU B CD2 1 
ATOM 1572 N N   . THR B 2 98  ? 5.962   -17.816 -2.970  1.00 87.41  ? 205 THR B N   1 
ATOM 1573 C CA  . THR B 2 98  ? 7.336   -17.609 -3.408  1.00 89.42  ? 205 THR B CA  1 
ATOM 1574 C C   . THR B 2 98  ? 7.854   -16.372 -2.732  1.00 81.18  ? 205 THR B C   1 
ATOM 1575 O O   . THR B 2 98  ? 8.755   -15.708 -3.244  1.00 84.28  ? 205 THR B O   1 
ATOM 1576 C CB  . THR B 2 98  ? 7.393   -17.407 -4.917  1.00 100.37 ? 205 THR B CB  1 
ATOM 1577 O OG1 . THR B 2 98  ? 6.664   -16.257 -5.336  1.00 99.32  ? 205 THR B OG1 1 
ATOM 1578 C CG2 . THR B 2 98  ? 7.031   -18.666 -5.701  1.00 108.35 ? 205 THR B CG2 1 
ATOM 1579 N N   . TYR B 2 99  ? 7.258   -16.097 -1.588  1.00 70.32  ? 206 TYR B N   1 
ATOM 1580 C CA  . TYR B 2 99  ? 7.789   -15.068 -0.705  1.00 60.39  ? 206 TYR B CA  1 
ATOM 1581 C C   . TYR B 2 99  ? 7.616   -13.753 -1.380  1.00 60.50  ? 206 TYR B C   1 
ATOM 1582 O O   . TYR B 2 99  ? 8.484   -12.888 -1.347  1.00 57.48  ? 206 TYR B O   1 
ATOM 1583 C CB  . TYR B 2 99  ? 9.265   -15.218 -0.318  1.00 59.50  ? 206 TYR B CB  1 
ATOM 1584 C CG  . TYR B 2 99  ? 9.452   -16.022 0.944   1.00 67.77  ? 206 TYR B CG  1 
ATOM 1585 C CD1 . TYR B 2 99  ? 9.358   -17.356 0.904   1.00 78.71  ? 206 TYR B CD1 1 
ATOM 1586 C CD2 . TYR B 2 99  ? 9.720   -15.401 2.103   1.00 73.71  ? 206 TYR B CD2 1 
ATOM 1587 C CE1 . TYR B 2 99  ? 9.519   -18.071 2.025   1.00 93.55  ? 206 TYR B CE1 1 
ATOM 1588 C CE2 . TYR B 2 99  ? 9.881   -16.118 3.225   1.00 95.51  ? 206 TYR B CE2 1 
ATOM 1589 C CZ  . TYR B 2 99  ? 9.775   -17.455 3.187   1.00 99.19  ? 206 TYR B CZ  1 
ATOM 1590 O OH  . TYR B 2 99  ? 9.912   -18.203 4.328   1.00 100.00 ? 206 TYR B OH  1 
ATOM 1591 N N   . GLY B 2 100 ? 6.490   -13.483 -1.947  1.00 63.13  ? 207 GLY B N   1 
ATOM 1592 C CA  . GLY B 2 100 ? 6.267   -12.078 -2.024  1.00 59.14  ? 207 GLY B CA  1 
ATOM 1593 C C   . GLY B 2 100 ? 4.811   -12.008 -1.707  1.00 55.80  ? 207 GLY B C   1 
ATOM 1594 O O   . GLY B 2 100 ? 4.143   -13.038 -1.805  1.00 59.00  ? 207 GLY B O   1 
ATOM 1595 N N   . VAL B 2 101 ? 4.348   -10.769 -1.555  1.00 51.29  ? 208 VAL B N   1 
ATOM 1596 C CA  . VAL B 2 101 ? 2.925   -10.478 -1.438  1.00 51.11  ? 208 VAL B CA  1 
ATOM 1597 C C   . VAL B 2 101 ? 2.645   -9.043  -1.997  1.00 56.31  ? 208 VAL B C   1 
ATOM 1598 O O   . VAL B 2 101 ? 2.064   -8.215  -1.325  1.00 50.94  ? 208 VAL B O   1 
ATOM 1599 C CB  . VAL B 2 101 ? 2.516   -10.779 0.018   1.00 39.16  ? 208 VAL B CB  1 
ATOM 1600 C CG1 . VAL B 2 101 ? 1.105   -10.401 0.425   1.00 38.50  ? 208 VAL B CG1 1 
ATOM 1601 C CG2 . VAL B 2 101 ? 2.612   -12.232 0.485   1.00 38.71  ? 208 VAL B CG2 1 
ATOM 1602 N N   . TRP B 2 102 ? 3.101   -8.704  -3.198  1.00 66.86  ? 209 TRP B N   1 
ATOM 1603 C CA  . TRP B 2 102 ? 2.659   -7.519  -3.983  1.00 74.77  ? 209 TRP B CA  1 
ATOM 1604 C C   . TRP B 2 102 ? 1.192   -7.162  -3.803  1.00 75.70  ? 209 TRP B C   1 
ATOM 1605 O O   . TRP B 2 102 ? 0.356   -8.051  -3.772  1.00 77.30  ? 209 TRP B O   1 
ATOM 1606 C CB  . TRP B 2 102 ? 2.725   -7.851  -5.499  1.00 88.85  ? 209 TRP B CB  1 
ATOM 1607 C CG  . TRP B 2 102 ? 4.090   -8.319  -5.943  1.00 90.42  ? 209 TRP B CG  1 
ATOM 1608 C CD1 . TRP B 2 102 ? 5.252   -7.886  -5.307  1.00 81.56  ? 209 TRP B CD1 1 
ATOM 1609 C CD2 . TRP B 2 102 ? 4.484   -9.344  -6.809  1.00 96.96  ? 209 TRP B CD2 1 
ATOM 1610 N NE1 . TRP B 2 102 ? 6.320   -8.674  -5.723  1.00 83.03  ? 209 TRP B NE1 1 
ATOM 1611 C CE2 . TRP B 2 102 ? 5.815   -9.548  -6.657  1.00 93.02  ? 209 TRP B CE2 1 
ATOM 1612 C CE3 . TRP B 2 102 ? 3.785   -10.121 -7.631  1.00 103.87 ? 209 TRP B CE3 1 
ATOM 1613 C CZ2 . TRP B 2 102 ? 6.443   -10.598 -7.220  1.00 96.50  ? 209 TRP B CZ2 1 
ATOM 1614 C CZ3 . TRP B 2 102 ? 4.418   -11.152 -8.245  1.00 106.81 ? 209 TRP B CZ3 1 
ATOM 1615 C CH2 . TRP B 2 102 ? 5.729   -11.398 -8.033  1.00 103.76 ? 209 TRP B CH2 1 
ATOM 1616 N N   . PHE B 2 103 ? 0.854   -5.881  -3.753  1.00 75.63  ? 210 PHE B N   1 
ATOM 1617 C CA  . PHE B 2 103 ? -0.546  -5.500  -3.530  1.00 76.30  ? 210 PHE B CA  1 
ATOM 1618 C C   . PHE B 2 103 ? -1.078  -4.560  -4.629  1.00 83.68  ? 210 PHE B C   1 
ATOM 1619 O O   . PHE B 2 103 ? -0.920  -3.347  -4.557  1.00 79.79  ? 210 PHE B O   1 
ATOM 1620 C CB  . PHE B 2 103 ? -0.691  -4.733  -2.200  1.00 64.09  ? 210 PHE B CB  1 
ATOM 1621 C CG  . PHE B 2 103 ? -0.255  -5.518  -0.987  1.00 53.99  ? 210 PHE B CG  1 
ATOM 1622 C CD1 . PHE B 2 103 ? -0.604  -6.789  -0.843  1.00 54.41  ? 210 PHE B CD1 1 
ATOM 1623 C CD2 . PHE B 2 103 ? 0.528   -4.954  -0.069  1.00 43.99  ? 210 PHE B CD2 1 
ATOM 1624 C CE1 . PHE B 2 103 ? -0.115  -7.490  0.178   1.00 44.82  ? 210 PHE B CE1 1 
ATOM 1625 C CE2 . PHE B 2 103 ? 1.049   -5.666  0.936   1.00 36.48  ? 210 PHE B CE2 1 
ATOM 1626 C CZ  . PHE B 2 103 ? 0.732   -6.948  1.046   1.00 36.91  ? 210 PHE B CZ  1 
ATOM 1627 N N   . PRO B 2 104 ? -1.751  -5.061  -5.641  1.00 93.66  ? 211 PRO B N   1 
ATOM 1628 C CA  . PRO B 2 104 ? -2.565  -4.229  -6.529  1.00 98.23  ? 211 PRO B CA  1 
ATOM 1629 C C   . PRO B 2 104 ? -3.812  -3.599  -5.907  1.00 91.52  ? 211 PRO B C   1 
ATOM 1630 O O   . PRO B 2 104 ? -4.761  -4.282  -5.553  1.00 90.16  ? 211 PRO B O   1 
ATOM 1631 C CB  . PRO B 2 104 ? -3.137  -5.275  -7.482  1.00 105.80 ? 211 PRO B CB  1 
ATOM 1632 C CG  . PRO B 2 104 ? -2.255  -6.519  -7.423  1.00 107.92 ? 211 PRO B CG  1 
ATOM 1633 C CD  . PRO B 2 104 ? -1.374  -6.355  -6.185  1.00 98.64  ? 211 PRO B CD  1 
ATOM 1634 N N   . TYR B 2 105 ? -3.887  -2.283  -5.884  1.00 88.16  ? 212 TYR B N   1 
ATOM 1635 C CA  . TYR B 2 105 ? -5.113  -1.625  -5.426  1.00 82.83  ? 212 TYR B CA  1 
ATOM 1636 C C   . TYR B 2 105 ? -6.102  -1.522  -6.594  1.00 90.73  ? 212 TYR B C   1 
ATOM 1637 O O   . TYR B 2 105 ? -5.871  -2.105  -7.647  1.00 99.23  ? 212 TYR B O   1 
ATOM 1638 C CB  . TYR B 2 105 ? -4.803  -0.262  -4.794  1.00 75.58  ? 212 TYR B CB  1 
ATOM 1639 C CG  . TYR B 2 105 ? -3.905  -0.323  -3.567  1.00 65.24  ? 212 TYR B CG  1 
ATOM 1640 C CD1 . TYR B 2 105 ? -4.450  -0.529  -2.359  1.00 55.93  ? 212 TYR B CD1 1 
ATOM 1641 C CD2 . TYR B 2 105 ? -2.584  -0.098  -3.667  1.00 64.64  ? 212 TYR B CD2 1 
ATOM 1642 C CE1 . TYR B 2 105 ? -3.681  -0.562  -1.268  1.00 47.39  ? 212 TYR B CE1 1 
ATOM 1643 C CE2 . TYR B 2 105 ? -1.812  -0.117  -2.572  1.00 54.18  ? 212 TYR B CE2 1 
ATOM 1644 C CZ  . TYR B 2 105 ? -2.365  -0.358  -1.376  1.00 46.36  ? 212 TYR B CZ  1 
ATOM 1645 O OH  . TYR B 2 105 ? -1.615  -0.349  -0.238  1.00 37.13  ? 212 TYR B OH  1 
ATOM 1646 N N   . TRP B 2 106 ? -7.236  -0.847  -6.324  1.00 87.44  ? 213 TRP B N   1 
ATOM 1647 C CA  . TRP B 2 106 ? -8.371  -0.827  -7.248  1.00 94.24  ? 213 TRP B CA  1 
ATOM 1648 C C   . TRP B 2 106 ? -9.465  -0.111  -6.464  1.00 88.70  ? 213 TRP B C   1 
ATOM 1649 O O   . TRP B 2 106 ? -10.603 -0.008  -6.911  1.00 92.92  ? 213 TRP B O   1 
ATOM 1650 C CB  . TRP B 2 106 ? -8.856  -2.232  -7.646  1.00 97.37  ? 213 TRP B CB  1 
ATOM 1651 C CG  . TRP B 2 106 ? -9.099  -3.196  -6.481  1.00 89.06  ? 213 TRP B CG  1 
ATOM 1652 C CD1 . TRP B 2 106 ? -8.090  -3.754  -5.687  1.00 85.23  ? 213 TRP B CD1 1 
ATOM 1653 C CD2 . TRP B 2 106 ? -10.293 -3.761  -6.003  1.00 86.09  ? 213 TRP B CD2 1 
ATOM 1654 N NE1 . TRP B 2 106 ? -8.650  -4.604  -4.732  1.00 79.15  ? 213 TRP B NE1 1 
ATOM 1655 C CE2 . TRP B 2 106 ? -10.003 -4.565  -4.951  1.00 78.23  ? 213 TRP B CE2 1 
ATOM 1656 C CE3 . TRP B 2 106 ? -11.565 -3.579  -6.387  1.00 89.64  ? 213 TRP B CE3 1 
ATOM 1657 C CZ2 . TRP B 2 106 ? -10.933 -5.263  -4.284  1.00 73.86  ? 213 TRP B CZ2 1 
ATOM 1658 C CZ3 . TRP B 2 106 ? -12.511 -4.213  -5.662  1.00 85.79  ? 213 TRP B CZ3 1 
ATOM 1659 C CH2 . TRP B 2 106 ? -12.206 -5.052  -4.642  1.00 78.08  ? 213 TRP B CH2 1 
ATOM 1660 N N   . GLY B 2 107 ? -9.116  0.364   -5.270  1.00 78.81  ? 214 GLY B N   1 
ATOM 1661 C CA  . GLY B 2 107 ? -10.136 1.041   -4.467  1.00 74.48  ? 214 GLY B CA  1 
ATOM 1662 C C   . GLY B 2 107 ? -9.945  2.535   -4.649  1.00 78.93  ? 214 GLY B C   1 
ATOM 1663 O O   . GLY B 2 107 ? -8.821  2.978   -4.854  1.00 80.59  ? 214 GLY B O   1 
ATOM 1664 N N   . GLN B 2 108 ? -11.026 3.312   -4.542  1.00 80.86  ? 215 GLN B N   1 
ATOM 1665 C CA  . GLN B 2 108 ? -10.853 4.757   -4.700  1.00 84.33  ? 215 GLN B CA  1 
ATOM 1666 C C   . GLN B 2 108 ? -10.885 5.435   -3.331  1.00 75.83  ? 215 GLN B C   1 
ATOM 1667 O O   . GLN B 2 108 ? -10.788 6.651   -3.222  1.00 76.18  ? 215 GLN B O   1 
ATOM 1668 C CB  . GLN B 2 108 ? -11.894 5.365   -5.647  1.00 90.24  ? 215 GLN B CB  1 
ATOM 1669 C CG  . GLN B 2 108 ? -11.466 6.773   -6.069  1.00 91.41  ? 215 GLN B CG  1 
ATOM 1670 C CD  . GLN B 2 108 ? -12.372 7.409   -7.103  1.00 94.34  ? 215 GLN B CD  1 
ATOM 1671 O OE1 . GLN B 2 108 ? -13.015 8.420   -6.855  1.00 88.82  ? 215 GLN B OE1 1 
ATOM 1672 N NE2 . GLN B 2 108 ? -12.427 6.854   -8.285  1.00 101.73 ? 215 GLN B NE2 1 
ATOM 1673 N N   . GLY B 2 109 ? -11.027 4.632   -2.275  1.00 67.54  ? 216 GLY B N   1 
ATOM 1674 C CA  . GLY B 2 109 ? -10.994 5.209   -0.931  1.00 60.31  ? 216 GLY B CA  1 
ATOM 1675 C C   . GLY B 2 109 ? -12.383 5.158   -0.295  1.00 55.47  ? 216 GLY B C   1 
ATOM 1676 O O   . GLY B 2 109 ? -13.293 4.530   -0.829  1.00 57.19  ? 216 GLY B O   1 
ATOM 1677 N N   . THR B 2 110 ? -12.453 5.868   0.851   1.00 50.66  ? 217 THR B N   1 
ATOM 1678 C CA  . THR B 2 110 ? -13.663 5.949   1.660   1.00 51.86  ? 217 THR B CA  1 
ATOM 1679 C C   . THR B 2 110 ? -13.217 6.449   3.049   1.00 48.50  ? 217 THR B C   1 
ATOM 1680 O O   . THR B 2 110 ? -12.631 5.726   3.843   1.00 42.21  ? 217 THR B O   1 
ATOM 1681 C CB  . THR B 2 110 ? -14.311 4.577   1.730   1.00 53.30  ? 217 THR B CB  1 
ATOM 1682 O OG1 . THR B 2 110 ? -15.522 4.691   2.390   1.00 76.92  ? 217 THR B OG1 1 
ATOM 1683 C CG2 . THR B 2 110 ? -13.541 3.528   2.478   1.00 41.25  ? 217 THR B CG2 1 
ATOM 1684 N N   . LEU B 2 111 ? -13.457 7.738   3.276   1.00 66.77  ? 218 LEU B N   1 
ATOM 1685 C CA  . LEU B 2 111 ? -12.905 8.403   4.464   1.00 69.35  ? 218 LEU B CA  1 
ATOM 1686 C C   . LEU B 2 111 ? -13.710 8.178   5.739   1.00 81.64  ? 218 LEU B C   1 
ATOM 1687 O O   . LEU B 2 111 ? -14.883 8.542   5.828   1.00 95.29  ? 218 LEU B O   1 
ATOM 1688 C CB  . LEU B 2 111 ? -12.875 9.908   4.193   1.00 93.50  ? 218 LEU B CB  1 
ATOM 1689 C CG  . LEU B 2 111 ? -12.009 10.692  5.181   1.00 100.00 ? 218 LEU B CG  1 
ATOM 1690 C CD1 . LEU B 2 111 ? -10.525 10.367  5.044   1.00 94.55  ? 218 LEU B CD1 1 
ATOM 1691 C CD2 . LEU B 2 111 ? -12.153 12.202  5.035   1.00 100.00 ? 218 LEU B CD2 1 
ATOM 1692 N N   . VAL B 2 112 ? -13.021 7.608   6.728   1.00 75.55  ? 219 VAL B N   1 
ATOM 1693 C CA  . VAL B 2 112 ? -13.606 7.455   8.061   1.00 73.25  ? 219 VAL B CA  1 
ATOM 1694 C C   . VAL B 2 112 ? -13.003 8.519   8.952   1.00 80.42  ? 219 VAL B C   1 
ATOM 1695 O O   . VAL B 2 112 ? -11.799 8.762   8.935   1.00 86.15  ? 219 VAL B O   1 
ATOM 1696 C CB  . VAL B 2 112 ? -13.218 6.111   8.687   1.00 48.09  ? 219 VAL B CB  1 
ATOM 1697 C CG1 . VAL B 2 112 ? -13.680 5.996   10.138  1.00 48.43  ? 219 VAL B CG1 1 
ATOM 1698 C CG2 . VAL B 2 112 ? -13.787 4.921   7.927   1.00 54.52  ? 219 VAL B CG2 1 
ATOM 1699 N N   . THR B 2 113 ? -13.862 9.146   9.745   1.00 91.17  ? 220 THR B N   1 
ATOM 1700 C CA  . THR B 2 113 ? -13.386 10.214  10.615  1.00 100.00 ? 220 THR B CA  1 
ATOM 1701 C C   . THR B 2 113 ? -13.856 9.986   12.046  1.00 99.93  ? 220 THR B C   1 
ATOM 1702 O O   . THR B 2 113 ? -15.043 10.121  12.287  1.00 100.00 ? 220 THR B O   1 
ATOM 1703 C CB  . THR B 2 113 ? -13.906 11.553  10.066  1.00 100.00 ? 220 THR B CB  1 
ATOM 1704 O OG1 . THR B 2 113 ? -13.762 11.659  8.645   1.00 100.00 ? 220 THR B OG1 1 
ATOM 1705 C CG2 . THR B 2 113 ? -13.204 12.730  10.734  1.00 100.00 ? 220 THR B CG2 1 
ATOM 1706 N N   . VAL B 2 114 ? -12.965 9.675   12.986  1.00 98.63  ? 221 VAL B N   1 
ATOM 1707 C CA  . VAL B 2 114 ? -13.381 9.472   14.389  1.00 97.05  ? 221 VAL B CA  1 
ATOM 1708 C C   . VAL B 2 114 ? -13.202 10.721  15.244  1.00 100.00 ? 221 VAL B C   1 
ATOM 1709 O O   . VAL B 2 114 ? -12.071 11.071  15.586  1.00 99.83  ? 221 VAL B O   1 
ATOM 1710 C CB  . VAL B 2 114 ? -12.556 8.375   15.071  1.00 88.90  ? 221 VAL B CB  1 
ATOM 1711 C CG1 . VAL B 2 114 ? -13.029 8.164   16.511  1.00 92.48  ? 221 VAL B CG1 1 
ATOM 1712 C CG2 . VAL B 2 114 ? -12.635 7.052   14.319  1.00 73.45  ? 221 VAL B CG2 1 
ATOM 1713 N N   . SER B 2 115 ? -14.299 11.379  15.619  1.00 100.00 ? 222 SER B N   1 
ATOM 1714 C CA  . SER B 2 115 ? -14.161 12.562  16.468  1.00 100.00 ? 222 SER B CA  1 
ATOM 1715 C C   . SER B 2 115 ? -15.355 12.766  17.402  1.00 100.00 ? 222 SER B C   1 
ATOM 1716 O O   . SER B 2 115 ? -16.500 12.496  16.971  1.00 99.99  ? 222 SER B O   1 
ATOM 1717 C CB  . SER B 2 115 ? -13.980 13.820  15.615  1.00 100.00 ? 222 SER B CB  1 
ATOM 1718 O OG  . SER B 2 115 ? -13.824 14.994  16.421  1.00 100.00 ? 222 SER B OG  1 
ATOM 1719 O OXT . SER B 2 115 ? -15.163 13.200  18.549  1.00 100.00 ? 222 SER B OXT 1 
# 
